data_9B7N
#
_entry.id   9B7N
#
_cell.length_a   1.00
_cell.length_b   1.00
_cell.length_c   1.00
_cell.angle_alpha   90.00
_cell.angle_beta   90.00
_cell.angle_gamma   90.00
#
_symmetry.space_group_name_H-M   'P 1'
#
loop_
_entity.id
_entity.type
_entity.pdbx_description
1 polymer 'Capsid protein VP1'
2 polymer 'Fab2-4 light chain'
3 polymer 'Fab2-4 heavy chain'
#
loop_
_entity_poly.entity_id
_entity_poly.type
_entity_poly.pdbx_seq_one_letter_code
_entity_poly.pdbx_strand_id
1 'polypeptide(L)'
;MASGGGAPVADNNEGADGVGSSSGNWHCDSQWLGDRVITTSTRTWALPTYNNHLYKQISNSTSGGSSNDNAYFGYSTPWG
YFDFNRFHCHFSPRDWQRLINNNWGFRPKRLNFKLFNIQVKEVTDNNGVKTIANNLTSTVQVFTDSDYQLPYVLGSAHEG
CLPPFPADVFMIPQYGYLTLNDGSQAVGRSSFYCLEYFPSQMLRTGNNFQFSYEFENVPFHSSYAHSQSLDRLMNPLIDQ
YLYYLSKTINGSGQNQQTLKFSVAGPSNMAVQGRNYIPGPSYRQQRVSTTVTQNNNSEFAWPGASSWALNGRNSLMNPGP
AMASHKEGEDRFFPLSGSLIFGKQGTGRDNVDADKVMITNEEEIKTTNPVATESYGQVATNHQSAQAQAQTGWVQNQGIL
PGMVWQDRDVYLQGPIWAKIPHTDGNFHPSPLMGGFGMKHPPPQILIKNTPVPADPPTAFNKDKLNSFITQYSTGQVSVE
IEWELQKENSKRWNPEIQYTSNYYKSNNVEFAVNTEGVYSEPRPIGTRYLTRNL
;
A,B,C,D,E,F
2 'polypeptide(L)'
;DIQMTQSPSSLSASVGDRVTITCRASQTISTNVNWYQQKPGKAPKLLIYAASSLQSGVPSRFSGSGSGTDFTLTISSLQP
EDFATFYCQQSYSAPLTFGEGTKV
;
L
3 'polypeptide(L)'
;EVQLLESGGGLVHPGGSLRLSCAASGFPFSNFAMSWVRQAPGKGLEWVSTISGSSGSTYYADSVRGRFTISRDYSKNTVY
LEMNSLRADDTAIYYCAKDRMITFGEVIVKHYDAFEIWGQGTRVAV
;
H
#
# COMPACT_ATOMS: atom_id res chain seq x y z
N ILE A 38 -39.89 24.60 -24.34
CA ILE A 38 -39.66 24.59 -22.90
C ILE A 38 -40.83 23.94 -22.20
N THR A 39 -40.73 22.64 -22.00
CA THR A 39 -41.75 21.90 -21.26
C THR A 39 -41.58 22.14 -19.76
N THR A 40 -42.68 22.02 -19.04
CA THR A 40 -42.66 22.11 -17.58
C THR A 40 -43.57 21.03 -17.03
N SER A 41 -43.17 20.39 -15.94
CA SER A 41 -43.95 19.32 -15.34
C SER A 41 -43.98 19.51 -13.83
N THR A 42 -45.12 19.18 -13.23
CA THR A 42 -45.27 19.17 -11.79
C THR A 42 -46.06 17.94 -11.37
N ARG A 43 -45.61 17.29 -10.30
CA ARG A 43 -46.25 16.08 -9.81
C ARG A 43 -46.28 16.12 -8.28
N THR A 44 -47.05 15.21 -7.70
CA THR A 44 -47.11 15.03 -6.26
C THR A 44 -46.49 13.69 -5.90
N TRP A 45 -45.72 13.66 -4.81
CA TRP A 45 -45.00 12.46 -4.41
C TRP A 45 -45.18 12.20 -2.92
N ALA A 46 -44.78 11.00 -2.51
CA ALA A 46 -44.72 10.62 -1.10
C ALA A 46 -43.48 9.77 -0.88
N LEU A 47 -42.76 10.04 0.20
CA LEU A 47 -41.49 9.38 0.49
C LEU A 47 -41.58 8.57 1.77
N PRO A 48 -41.46 7.24 1.71
CA PRO A 48 -41.44 6.45 2.93
C PRO A 48 -40.06 6.34 3.56
N THR A 49 -39.95 5.49 4.57
CA THR A 49 -38.68 5.23 5.23
C THR A 49 -38.19 3.92 4.64
N TYR A 50 -36.94 3.90 4.20
CA TYR A 50 -36.38 2.72 3.58
C TYR A 50 -35.35 2.04 4.45
N ASN A 51 -35.37 0.71 4.42
CA ASN A 51 -34.45 -0.11 5.19
C ASN A 51 -34.38 0.28 6.67
N ASN A 52 -35.46 0.82 7.22
CA ASN A 52 -35.52 1.21 8.62
C ASN A 52 -34.34 2.09 9.01
N HIS A 53 -34.00 3.02 8.12
CA HIS A 53 -32.91 3.99 8.33
C HIS A 53 -31.55 3.32 8.38
N LEU A 54 -31.37 2.27 7.58
CA LEU A 54 -30.15 1.48 7.59
C LEU A 54 -29.60 1.30 6.19
N TYR A 55 -28.27 1.30 6.10
CA TYR A 55 -27.54 0.80 4.94
C TYR A 55 -27.35 -0.69 5.14
N LYS A 56 -27.66 -1.49 4.14
CA LYS A 56 -27.55 -2.93 4.28
C LYS A 56 -26.98 -3.57 3.03
N GLN A 57 -25.94 -4.36 3.23
CA GLN A 57 -25.36 -5.18 2.17
C GLN A 57 -26.41 -6.12 1.58
N ILE A 58 -26.53 -6.09 0.25
CA ILE A 58 -27.38 -7.00 -0.49
C ILE A 58 -26.47 -7.71 -1.46
N SER A 59 -26.84 -8.92 -1.87
CA SER A 59 -26.00 -9.66 -2.79
C SER A 59 -26.79 -10.78 -3.46
N ASN A 60 -26.06 -11.58 -4.23
CA ASN A 60 -26.63 -12.77 -4.87
C ASN A 60 -27.35 -13.67 -3.87
N SER A 61 -26.69 -14.02 -2.77
CA SER A 61 -27.27 -14.97 -1.82
C SER A 61 -28.31 -14.31 -0.94
N THR A 62 -28.40 -12.99 -0.98
CA THR A 62 -29.52 -12.31 -0.33
C THR A 62 -30.83 -12.64 -1.03
N SER A 63 -30.79 -12.78 -2.36
CA SER A 63 -32.01 -13.05 -3.11
C SER A 63 -32.14 -14.54 -3.43
N GLY A 64 -31.21 -15.36 -2.96
CA GLY A 64 -31.25 -16.79 -3.20
C GLY A 64 -30.29 -17.24 -4.27
N GLY A 65 -29.90 -16.34 -5.16
CA GLY A 65 -28.79 -16.55 -6.06
C GLY A 65 -28.93 -17.73 -7.01
N SER A 66 -27.91 -18.60 -6.94
CA SER A 66 -27.77 -19.89 -7.62
C SER A 66 -27.28 -19.78 -9.06
N SER A 67 -27.07 -18.58 -9.60
CA SER A 67 -26.63 -18.42 -10.99
C SER A 67 -25.44 -17.47 -11.03
N ASN A 68 -24.45 -17.80 -11.86
CA ASN A 68 -23.28 -16.93 -11.97
C ASN A 68 -23.57 -15.74 -12.87
N ASP A 69 -24.35 -15.95 -13.94
CA ASP A 69 -24.71 -14.82 -14.80
C ASP A 69 -25.39 -13.71 -14.01
N ASN A 70 -26.21 -14.08 -13.04
CA ASN A 70 -27.03 -13.11 -12.33
C ASN A 70 -26.45 -12.67 -11.00
N ALA A 71 -25.30 -13.21 -10.59
CA ALA A 71 -24.74 -12.89 -9.29
C ALA A 71 -24.40 -11.41 -9.21
N TYR A 72 -24.46 -10.87 -7.99
CA TYR A 72 -24.21 -9.45 -7.80
C TYR A 72 -23.79 -9.22 -6.36
N PHE A 73 -23.23 -8.03 -6.12
CA PHE A 73 -22.88 -7.58 -4.79
C PHE A 73 -23.14 -6.08 -4.74
N GLY A 74 -23.76 -5.61 -3.67
CA GLY A 74 -24.11 -4.20 -3.62
C GLY A 74 -24.66 -3.77 -2.29
N TYR A 75 -25.29 -2.59 -2.30
CA TYR A 75 -25.81 -1.96 -1.09
C TYR A 75 -27.16 -1.33 -1.34
N SER A 76 -27.99 -1.37 -0.32
CA SER A 76 -29.29 -0.71 -0.31
C SER A 76 -29.29 0.37 0.75
N THR A 77 -29.69 1.58 0.36
CA THR A 77 -29.59 2.76 1.19
C THR A 77 -30.98 3.25 1.56
N PRO A 78 -31.12 3.94 2.69
CA PRO A 78 -32.42 4.54 3.05
C PRO A 78 -32.85 5.66 2.13
N TRP A 79 -31.95 6.21 1.32
CA TRP A 79 -32.25 7.35 0.47
C TRP A 79 -33.15 6.94 -0.69
N GLY A 80 -33.99 7.89 -1.12
CA GLY A 80 -34.70 7.78 -2.37
C GLY A 80 -34.13 8.76 -3.40
N TYR A 81 -34.63 8.65 -4.62
CA TYR A 81 -34.14 9.54 -5.67
C TYR A 81 -35.25 9.83 -6.67
N PHE A 82 -35.09 10.93 -7.40
CA PHE A 82 -36.08 11.37 -8.38
C PHE A 82 -35.67 10.93 -9.78
N ASP A 83 -36.62 10.34 -10.51
CA ASP A 83 -36.41 9.96 -11.89
C ASP A 83 -37.45 10.67 -12.76
N PHE A 84 -37.01 11.70 -13.51
CA PHE A 84 -37.79 12.27 -14.59
C PHE A 84 -37.26 11.89 -15.98
N ASN A 85 -36.34 10.94 -16.05
CA ASN A 85 -35.57 10.62 -17.25
C ASN A 85 -36.40 10.21 -18.47
N ARG A 86 -37.69 9.96 -18.32
CA ARG A 86 -38.51 9.50 -19.44
C ARG A 86 -39.24 10.67 -20.08
N PHE A 87 -39.40 10.59 -21.40
CA PHE A 87 -40.00 11.70 -22.15
C PHE A 87 -41.40 12.03 -21.68
N HIS A 88 -42.21 11.01 -21.37
CA HIS A 88 -43.59 11.29 -20.99
C HIS A 88 -43.70 11.96 -19.63
N CYS A 89 -42.58 12.11 -18.92
CA CYS A 89 -42.58 12.93 -17.72
C CYS A 89 -42.72 14.41 -18.08
N HIS A 90 -42.61 14.73 -19.36
CA HIS A 90 -42.61 16.11 -19.81
C HIS A 90 -43.68 16.36 -20.87
N GLY A 105 -35.27 17.92 -35.82
CA GLY A 105 -34.70 17.39 -34.61
C GLY A 105 -34.83 18.28 -33.40
N PHE A 106 -34.40 17.78 -32.25
CA PHE A 106 -34.55 18.49 -30.97
C PHE A 106 -33.48 17.97 -30.03
N ARG A 107 -33.30 18.69 -28.91
CA ARG A 107 -32.31 18.33 -27.91
C ARG A 107 -32.44 19.23 -26.69
N PRO A 108 -32.28 18.69 -25.49
CA PRO A 108 -32.43 19.51 -24.27
C PRO A 108 -31.26 20.47 -24.08
N LYS A 109 -31.61 21.70 -23.66
CA LYS A 109 -30.62 22.75 -23.45
C LYS A 109 -30.36 22.98 -21.97
N ARG A 110 -31.35 23.49 -21.25
CA ARG A 110 -31.18 23.75 -19.83
C ARG A 110 -32.21 22.98 -19.03
N LEU A 111 -32.03 22.96 -17.71
CA LEU A 111 -32.93 22.25 -16.81
C LEU A 111 -33.22 23.10 -15.58
N ASN A 112 -34.35 22.82 -14.94
CA ASN A 112 -34.73 23.53 -13.73
C ASN A 112 -35.50 22.55 -12.85
N PHE A 113 -35.13 22.49 -11.58
CA PHE A 113 -35.76 21.53 -10.67
C PHE A 113 -36.20 22.28 -9.43
N LYS A 114 -37.36 21.89 -8.87
CA LYS A 114 -37.82 22.47 -7.62
C LYS A 114 -38.45 21.39 -6.75
N LEU A 115 -38.26 21.54 -5.44
CA LEU A 115 -38.83 20.65 -4.43
C LEU A 115 -39.41 21.53 -3.33
N PHE A 116 -40.72 21.47 -3.13
CA PHE A 116 -41.37 22.42 -2.25
C PHE A 116 -42.60 21.77 -1.62
N ASN A 117 -43.29 22.55 -0.78
CA ASN A 117 -44.51 22.12 -0.07
C ASN A 117 -44.24 20.89 0.79
N ILE A 118 -43.26 20.99 1.68
CA ILE A 118 -42.85 19.84 2.48
C ILE A 118 -43.89 19.57 3.57
N GLN A 119 -44.29 18.31 3.68
CA GLN A 119 -45.27 17.88 4.66
C GLN A 119 -44.77 16.57 5.26
N VAL A 120 -44.64 16.54 6.59
CA VAL A 120 -44.18 15.36 7.31
C VAL A 120 -45.38 14.71 7.98
N LYS A 121 -45.40 13.39 8.01
CA LYS A 121 -46.52 12.63 8.56
C LYS A 121 -46.00 11.59 9.54
N GLU A 122 -46.36 11.75 10.81
CA GLU A 122 -46.06 10.76 11.84
C GLU A 122 -47.30 9.93 12.13
N VAL A 123 -47.11 8.64 12.39
CA VAL A 123 -48.24 7.74 12.57
C VAL A 123 -48.53 7.50 14.06
N ILE A 132 -52.46 8.85 12.06
CA ILE A 132 -51.62 9.69 11.21
C ILE A 132 -51.76 11.16 11.55
N ALA A 133 -50.73 11.72 12.17
CA ALA A 133 -50.70 13.12 12.53
C ALA A 133 -49.51 13.79 11.87
N ASN A 134 -49.61 15.10 11.67
CA ASN A 134 -48.50 15.85 11.11
C ASN A 134 -47.37 15.95 12.11
N ASN A 135 -46.15 16.16 11.60
CA ASN A 135 -45.00 16.49 12.42
C ASN A 135 -44.35 17.73 11.82
N LEU A 136 -44.44 18.85 12.54
CA LEU A 136 -43.97 20.12 12.01
C LEU A 136 -42.47 20.32 12.16
N THR A 137 -41.86 19.69 13.15
CA THR A 137 -40.44 19.87 13.43
C THR A 137 -39.53 19.07 12.52
N SER A 138 -40.00 17.96 11.97
CA SER A 138 -39.13 17.04 11.26
C SER A 138 -38.60 17.65 9.98
N THR A 139 -37.50 17.08 9.50
CA THR A 139 -36.77 17.61 8.36
C THR A 139 -36.67 16.55 7.26
N VAL A 140 -36.35 17.03 6.07
CA VAL A 140 -36.08 16.19 4.90
C VAL A 140 -34.74 16.61 4.32
N GLN A 141 -33.88 15.63 4.07
CA GLN A 141 -32.54 15.86 3.54
C GLN A 141 -32.54 15.66 2.04
N VAL A 142 -31.97 16.61 1.31
CA VAL A 142 -31.89 16.55 -0.14
C VAL A 142 -30.52 17.05 -0.59
N PHE A 143 -29.94 16.39 -1.59
CA PHE A 143 -28.73 16.89 -2.24
C PHE A 143 -28.65 16.29 -3.63
N THR A 144 -27.86 16.94 -4.47
CA THR A 144 -27.57 16.44 -5.80
C THR A 144 -26.09 16.12 -5.90
N ASP A 145 -25.76 15.18 -6.80
CA ASP A 145 -24.36 14.81 -7.01
C ASP A 145 -23.92 15.52 -8.28
N SER A 146 -23.23 16.64 -8.12
CA SER A 146 -22.75 17.41 -9.25
C SER A 146 -21.31 17.14 -9.61
N ASP A 147 -20.60 16.38 -8.79
CA ASP A 147 -19.29 15.86 -9.15
C ASP A 147 -19.36 14.43 -9.63
N TYR A 148 -20.57 13.85 -9.69
CA TYR A 148 -20.80 12.52 -10.25
C TYR A 148 -19.99 11.47 -9.51
N GLN A 149 -19.93 11.62 -8.19
CA GLN A 149 -19.15 10.76 -7.33
C GLN A 149 -19.90 9.52 -6.86
N LEU A 150 -21.22 9.49 -6.98
CA LEU A 150 -22.02 8.33 -6.66
C LEU A 150 -22.26 7.46 -7.90
N PRO A 151 -22.51 6.17 -7.71
CA PRO A 151 -22.92 5.34 -8.82
C PRO A 151 -24.19 5.87 -9.47
N TYR A 152 -24.23 5.83 -10.80
CA TYR A 152 -25.29 6.48 -11.55
C TYR A 152 -26.30 5.43 -12.00
N VAL A 153 -27.46 5.42 -11.36
CA VAL A 153 -28.52 4.45 -11.63
C VAL A 153 -29.62 5.01 -12.53
N LEU A 154 -29.54 6.28 -12.93
CA LEU A 154 -30.65 6.88 -13.66
C LEU A 154 -30.69 6.46 -15.12
N GLY A 155 -29.62 5.90 -15.66
CA GLY A 155 -29.57 5.53 -17.05
C GLY A 155 -29.87 4.08 -17.34
N SER A 156 -30.39 3.34 -16.37
CA SER A 156 -30.62 1.91 -16.51
C SER A 156 -32.07 1.58 -16.89
N ALA A 157 -32.89 2.59 -17.14
CA ALA A 157 -34.28 2.41 -17.57
C ALA A 157 -35.12 1.71 -16.49
N HIS A 158 -35.04 2.22 -15.27
CA HIS A 158 -35.81 1.65 -14.17
C HIS A 158 -37.20 2.28 -14.08
N GLU A 159 -37.99 1.75 -13.16
CA GLU A 159 -39.31 2.29 -12.88
C GLU A 159 -39.13 3.37 -11.80
N GLY A 160 -40.23 4.01 -11.43
CA GLY A 160 -40.15 5.10 -10.48
C GLY A 160 -40.08 6.47 -11.11
N CYS A 161 -40.50 6.61 -12.36
CA CYS A 161 -40.54 7.91 -13.01
C CYS A 161 -41.68 8.75 -12.45
N LEU A 162 -41.59 10.06 -12.67
CA LEU A 162 -42.75 10.91 -12.55
C LEU A 162 -43.85 10.37 -13.48
N PRO A 163 -45.08 10.21 -13.01
CA PRO A 163 -46.10 9.62 -13.85
C PRO A 163 -46.43 10.54 -15.00
N PRO A 164 -46.75 10.00 -16.17
CA PRO A 164 -47.04 10.86 -17.33
C PRO A 164 -48.29 11.70 -17.14
N PHE A 165 -49.20 11.29 -16.26
CA PHE A 165 -50.43 12.05 -16.11
C PHE A 165 -50.33 12.98 -14.91
N PRO A 166 -50.59 14.28 -15.10
CA PRO A 166 -50.26 15.25 -14.04
C PRO A 166 -51.02 15.07 -12.74
N ALA A 167 -52.15 14.38 -12.73
CA ALA A 167 -52.89 14.20 -11.49
C ALA A 167 -52.58 12.90 -10.77
N ASP A 168 -51.70 12.07 -11.33
CA ASP A 168 -51.27 10.86 -10.65
C ASP A 168 -50.27 11.20 -9.55
N VAL A 169 -50.22 10.36 -8.53
CA VAL A 169 -49.27 10.48 -7.43
C VAL A 169 -48.31 9.32 -7.51
N PHE A 170 -47.04 9.56 -7.20
CA PHE A 170 -46.01 8.56 -7.38
C PHE A 170 -45.16 8.44 -6.12
N MET A 171 -44.76 7.20 -5.84
CA MET A 171 -43.86 6.88 -4.75
C MET A 171 -42.42 6.93 -5.24
N ILE A 172 -41.55 7.56 -4.46
CA ILE A 172 -40.15 7.71 -4.84
C ILE A 172 -39.44 6.37 -4.66
N PRO A 173 -38.69 5.89 -5.65
CA PRO A 173 -38.02 4.60 -5.54
C PRO A 173 -36.76 4.68 -4.67
N GLN A 174 -36.36 3.51 -4.19
CA GLN A 174 -35.24 3.43 -3.25
C GLN A 174 -33.91 3.46 -4.00
N TYR A 175 -32.93 4.13 -3.40
CA TYR A 175 -31.59 4.22 -3.98
C TYR A 175 -30.76 3.01 -3.60
N GLY A 176 -30.17 2.37 -4.61
CA GLY A 176 -29.28 1.25 -4.40
C GLY A 176 -28.28 1.20 -5.53
N TYR A 177 -27.17 0.52 -5.28
CA TYR A 177 -26.10 0.47 -6.27
C TYR A 177 -25.35 -0.85 -6.13
N LEU A 178 -24.66 -1.21 -7.21
CA LEU A 178 -23.86 -2.42 -7.27
C LEU A 178 -22.39 -2.05 -7.45
N THR A 179 -21.52 -2.94 -7.01
CA THR A 179 -20.08 -2.76 -7.14
C THR A 179 -19.47 -4.11 -7.53
N LEU A 180 -18.15 -4.16 -7.54
CA LEU A 180 -17.46 -5.37 -7.99
C LEU A 180 -17.80 -6.55 -7.09
N ASN A 181 -18.04 -7.69 -7.73
CA ASN A 181 -18.40 -8.91 -7.02
C ASN A 181 -17.54 -10.06 -7.52
N ASP A 182 -17.43 -11.11 -6.72
CA ASP A 182 -17.04 -12.42 -7.19
C ASP A 182 -17.99 -13.43 -6.56
N GLY A 183 -18.80 -14.09 -7.39
CA GLY A 183 -19.91 -14.83 -6.85
C GLY A 183 -20.82 -13.88 -6.10
N SER A 184 -21.22 -14.27 -4.90
CA SER A 184 -21.94 -13.38 -4.00
C SER A 184 -21.01 -12.60 -3.09
N GLN A 185 -19.70 -12.78 -3.22
CA GLN A 185 -18.75 -12.13 -2.33
C GLN A 185 -18.26 -10.83 -2.93
N ALA A 186 -17.44 -10.13 -2.15
CA ALA A 186 -16.88 -8.84 -2.52
C ALA A 186 -15.39 -8.99 -2.75
N VAL A 187 -14.91 -8.38 -3.81
CA VAL A 187 -13.47 -8.29 -4.06
C VAL A 187 -12.90 -7.16 -3.23
N GLY A 188 -11.61 -7.22 -2.98
CA GLY A 188 -10.93 -6.17 -2.23
C GLY A 188 -10.97 -4.81 -2.88
N ARG A 189 -11.42 -4.76 -4.13
CA ARG A 189 -11.52 -3.52 -4.87
C ARG A 189 -12.92 -2.91 -4.82
N SER A 190 -13.88 -3.59 -4.19
CA SER A 190 -15.25 -3.08 -4.08
C SER A 190 -15.29 -1.81 -3.25
N SER A 191 -16.29 -0.98 -3.53
CA SER A 191 -16.45 0.32 -2.86
C SER A 191 -17.74 0.35 -2.07
N PHE A 192 -17.73 1.15 -1.00
CA PHE A 192 -18.89 1.40 -0.16
C PHE A 192 -19.10 2.90 -0.05
N TYR A 193 -20.36 3.31 -0.06
CA TYR A 193 -20.71 4.73 -0.09
C TYR A 193 -21.78 5.02 0.95
N CYS A 194 -21.46 5.92 1.87
CA CYS A 194 -22.42 6.46 2.83
C CYS A 194 -22.87 7.83 2.33
N LEU A 195 -24.13 7.94 1.94
CA LEU A 195 -24.64 9.18 1.39
C LEU A 195 -24.81 10.25 2.46
N GLU A 196 -24.69 9.84 3.72
CA GLU A 196 -24.77 10.76 4.85
C GLU A 196 -23.43 11.51 4.97
N TYR A 197 -22.46 11.12 4.16
CA TYR A 197 -21.14 11.69 4.15
C TYR A 197 -21.04 12.89 3.21
N PHE A 198 -22.12 13.17 2.50
CA PHE A 198 -22.17 14.30 1.59
C PHE A 198 -22.87 15.47 2.24
N PRO A 199 -22.41 16.69 1.95
CA PRO A 199 -23.17 17.84 2.47
C PRO A 199 -24.53 17.93 1.79
N SER A 200 -25.57 18.11 2.60
CA SER A 200 -26.93 18.11 2.09
C SER A 200 -27.73 19.20 2.79
N GLN A 201 -28.91 19.48 2.25
CA GLN A 201 -29.77 20.52 2.76
C GLN A 201 -30.98 19.91 3.45
N MET A 202 -31.33 20.45 4.61
CA MET A 202 -32.41 19.93 5.44
C MET A 202 -33.61 20.87 5.36
N LEU A 203 -34.81 20.30 5.18
CA LEU A 203 -36.01 21.04 4.85
C LEU A 203 -37.12 20.69 5.84
N ARG A 204 -37.64 21.69 6.53
CA ARG A 204 -38.89 21.55 7.26
C ARG A 204 -40.06 21.96 6.35
N THR A 205 -41.24 22.09 6.94
CA THR A 205 -42.43 22.34 6.14
C THR A 205 -42.43 23.71 5.48
N GLY A 206 -41.58 24.64 5.94
CA GLY A 206 -41.49 25.94 5.31
C GLY A 206 -40.40 26.08 4.28
N ASN A 207 -39.42 25.17 4.29
CA ASN A 207 -38.27 25.22 3.40
C ASN A 207 -38.61 24.62 2.02
N ASN A 208 -37.87 25.07 1.01
CA ASN A 208 -37.98 24.55 -0.34
C ASN A 208 -36.59 24.35 -0.94
N PHE A 209 -36.53 23.63 -2.06
CA PHE A 209 -35.28 23.29 -2.71
C PHE A 209 -35.41 23.43 -4.21
N GLN A 210 -34.41 24.04 -4.83
CA GLN A 210 -34.38 24.16 -6.28
C GLN A 210 -32.94 24.25 -6.76
N PHE A 211 -32.72 23.83 -8.02
CA PHE A 211 -31.45 24.02 -8.67
C PHE A 211 -31.67 23.98 -10.18
N SER A 212 -30.67 24.44 -10.92
CA SER A 212 -30.71 24.47 -12.38
C SER A 212 -29.50 23.73 -12.96
N TYR A 213 -29.69 23.06 -14.10
CA TYR A 213 -28.62 22.31 -14.75
C TYR A 213 -28.48 22.64 -16.24
N GLU A 214 -27.26 22.71 -16.74
CA GLU A 214 -27.00 22.98 -18.14
C GLU A 214 -26.51 21.75 -18.90
N PHE A 215 -27.30 21.28 -19.85
CA PHE A 215 -26.96 20.12 -20.69
C PHE A 215 -25.75 20.44 -21.54
N GLU A 216 -24.80 19.51 -21.59
CA GLU A 216 -23.63 19.71 -22.43
C GLU A 216 -24.01 19.54 -23.89
N ASN A 217 -23.15 20.07 -24.76
CA ASN A 217 -23.49 20.15 -26.18
C ASN A 217 -23.53 18.77 -26.80
N VAL A 218 -24.68 18.42 -27.37
CA VAL A 218 -24.91 17.11 -27.95
C VAL A 218 -25.47 17.30 -29.35
N PRO A 219 -25.42 16.26 -30.19
CA PRO A 219 -26.05 16.35 -31.50
C PRO A 219 -27.56 16.25 -31.39
N PHE A 220 -28.25 16.91 -32.32
CA PHE A 220 -29.70 16.77 -32.41
C PHE A 220 -30.07 15.31 -32.60
N HIS A 221 -31.27 14.95 -32.18
CA HIS A 221 -31.74 13.61 -32.41
C HIS A 221 -32.49 13.67 -33.74
N SER A 222 -32.17 12.77 -34.65
CA SER A 222 -32.83 12.79 -35.94
C SER A 222 -34.30 12.48 -35.73
N SER A 223 -35.17 13.25 -36.37
CA SER A 223 -36.60 13.04 -36.23
C SER A 223 -37.21 13.01 -37.61
N TYR A 224 -36.69 12.12 -38.45
CA TYR A 224 -37.14 11.95 -39.81
C TYR A 224 -36.81 10.54 -40.26
N ALA A 225 -37.52 10.06 -41.27
CA ALA A 225 -37.27 8.71 -41.78
C ALA A 225 -36.35 8.75 -42.99
N GLY A 273 -20.90 0.50 -58.02
CA GLY A 273 -19.84 1.34 -57.51
C GLY A 273 -20.35 2.45 -56.61
N ARG A 274 -20.34 2.20 -55.31
CA ARG A 274 -20.93 3.12 -54.34
C ARG A 274 -19.88 3.57 -53.34
N ASN A 275 -19.99 4.84 -52.94
CA ASN A 275 -19.09 5.43 -51.97
C ASN A 275 -19.31 4.94 -50.55
N TYR A 276 -20.57 4.80 -50.11
CA TYR A 276 -20.83 4.53 -48.71
C TYR A 276 -21.61 3.24 -48.58
N ILE A 277 -21.57 2.65 -47.39
CA ILE A 277 -22.15 1.33 -47.13
C ILE A 277 -22.95 1.41 -45.83
N PRO A 278 -23.88 0.48 -45.62
CA PRO A 278 -24.67 0.51 -44.39
C PRO A 278 -23.85 0.10 -43.18
N GLY A 279 -24.40 0.43 -42.01
CA GLY A 279 -23.69 0.35 -40.76
C GLY A 279 -23.45 -1.06 -40.25
N PRO A 280 -22.98 -1.16 -39.02
CA PRO A 280 -22.57 -2.45 -38.47
C PRO A 280 -23.75 -3.30 -38.04
N SER A 281 -23.51 -4.60 -37.99
CA SER A 281 -24.54 -5.56 -37.59
C SER A 281 -23.97 -6.53 -36.59
N TYR A 282 -24.80 -6.88 -35.60
CA TYR A 282 -24.55 -7.99 -34.69
C TYR A 282 -25.85 -8.77 -34.70
N ARG A 283 -25.87 -9.90 -35.39
CA ARG A 283 -27.09 -10.67 -35.63
C ARG A 283 -28.02 -11.10 -34.49
N GLN A 284 -29.30 -10.73 -34.60
CA GLN A 284 -30.31 -11.18 -33.67
C GLN A 284 -31.09 -12.33 -34.28
N GLN A 285 -31.59 -13.22 -33.43
CA GLN A 285 -32.45 -14.30 -33.90
C GLN A 285 -33.85 -13.77 -34.17
N ARG A 286 -34.47 -14.30 -35.22
CA ARG A 286 -35.74 -13.81 -35.72
C ARG A 286 -36.89 -14.54 -35.05
N VAL A 287 -37.93 -13.80 -34.66
CA VAL A 287 -39.09 -14.36 -33.99
C VAL A 287 -40.35 -13.85 -34.68
N SER A 288 -41.25 -14.75 -35.01
CA SER A 288 -42.50 -14.42 -35.66
C SER A 288 -43.61 -14.24 -34.62
N THR A 289 -44.50 -13.29 -34.88
CA THR A 289 -45.62 -13.07 -33.98
C THR A 289 -46.63 -14.21 -34.02
N THR A 290 -46.60 -15.04 -35.05
CA THR A 290 -47.42 -16.24 -35.12
C THR A 290 -46.67 -17.37 -34.43
N VAL A 291 -47.26 -17.94 -33.37
CA VAL A 291 -46.53 -18.94 -32.61
C VAL A 291 -46.34 -20.22 -33.42
N THR A 292 -47.25 -20.53 -34.34
CA THR A 292 -47.12 -21.78 -35.07
C THR A 292 -45.93 -21.79 -36.00
N GLN A 293 -45.44 -20.62 -36.38
CA GLN A 293 -44.23 -20.53 -37.20
C GLN A 293 -42.96 -20.75 -36.39
N ASN A 294 -42.94 -20.30 -35.15
CA ASN A 294 -41.77 -20.49 -34.28
C ASN A 294 -41.49 -21.95 -33.98
N ASN A 295 -40.23 -22.27 -33.70
CA ASN A 295 -39.81 -23.62 -33.38
C ASN A 295 -40.38 -24.07 -32.04
N ASN A 296 -40.71 -25.35 -31.93
CA ASN A 296 -41.26 -25.88 -30.68
C ASN A 296 -40.15 -26.30 -29.72
N SER A 297 -39.44 -25.31 -29.21
CA SER A 297 -38.35 -25.55 -28.26
C SER A 297 -38.14 -24.30 -27.46
N GLU A 298 -37.50 -24.43 -26.30
CA GLU A 298 -37.26 -23.26 -25.49
C GLU A 298 -35.92 -22.67 -25.92
N PHE A 299 -36.00 -21.63 -26.75
CA PHE A 299 -34.83 -20.96 -27.28
C PHE A 299 -34.67 -19.51 -26.80
N ALA A 300 -35.39 -19.12 -25.76
CA ALA A 300 -35.31 -17.74 -25.30
C ALA A 300 -33.93 -17.31 -24.83
N TRP A 301 -33.25 -18.15 -24.06
CA TRP A 301 -31.90 -17.80 -23.62
C TRP A 301 -30.84 -18.52 -24.45
N PRO A 302 -31.17 -19.74 -24.89
CA PRO A 302 -30.29 -20.56 -25.71
C PRO A 302 -30.01 -19.96 -27.09
N GLY A 303 -31.03 -19.38 -27.72
CA GLY A 303 -30.87 -18.80 -29.04
C GLY A 303 -30.50 -17.33 -29.09
N ALA A 304 -30.38 -16.71 -27.93
CA ALA A 304 -30.06 -15.28 -27.83
C ALA A 304 -28.63 -14.90 -28.19
N SER A 305 -28.46 -13.65 -28.62
CA SER A 305 -27.16 -13.09 -28.95
C SER A 305 -26.65 -12.52 -27.63
N SER A 306 -25.41 -12.76 -27.29
CA SER A 306 -24.91 -12.31 -26.00
C SER A 306 -23.51 -11.73 -26.13
N TRP A 307 -23.07 -11.04 -25.08
CA TRP A 307 -21.69 -10.67 -24.89
C TRP A 307 -21.25 -11.09 -23.49
N ALA A 308 -20.13 -11.80 -23.40
CA ALA A 308 -19.61 -12.30 -22.15
C ALA A 308 -18.56 -11.34 -21.62
N LEU A 309 -18.67 -11.01 -20.33
CA LEU A 309 -17.75 -10.09 -19.66
C LEU A 309 -17.34 -10.71 -18.33
N ASN A 310 -16.04 -11.02 -18.20
CA ASN A 310 -15.49 -11.62 -16.98
C ASN A 310 -16.20 -12.93 -16.66
N GLY A 311 -16.45 -13.73 -17.70
CA GLY A 311 -17.08 -15.02 -17.49
C GLY A 311 -18.54 -14.98 -17.12
N ARG A 312 -19.27 -13.93 -17.47
CA ARG A 312 -20.70 -13.83 -17.24
C ARG A 312 -21.40 -13.36 -18.50
N ASN A 313 -22.34 -14.15 -18.99
CA ASN A 313 -23.06 -13.85 -20.21
C ASN A 313 -24.14 -12.82 -19.94
N SER A 314 -24.16 -11.77 -20.76
CA SER A 314 -25.20 -10.75 -20.69
C SER A 314 -25.94 -10.76 -22.01
N LEU A 315 -27.26 -10.70 -21.95
CA LEU A 315 -28.06 -10.59 -23.15
C LEU A 315 -27.69 -9.31 -23.89
N MET A 316 -27.78 -9.34 -25.23
CA MET A 316 -27.53 -8.13 -25.99
C MET A 316 -28.88 -7.44 -26.14
N ASN A 317 -29.08 -6.39 -25.36
CA ASN A 317 -30.36 -5.69 -25.33
C ASN A 317 -30.13 -4.20 -25.17
N PRO A 318 -30.79 -3.38 -26.01
CA PRO A 318 -31.48 -3.78 -27.24
C PRO A 318 -30.46 -4.22 -28.29
N GLY A 319 -29.21 -3.83 -28.09
CA GLY A 319 -28.15 -4.14 -28.99
C GLY A 319 -27.82 -2.99 -29.91
N PRO A 320 -27.03 -3.25 -30.95
CA PRO A 320 -26.79 -2.22 -31.96
C PRO A 320 -28.07 -1.78 -32.63
N ALA A 321 -28.03 -0.61 -33.26
CA ALA A 321 -29.22 -0.03 -33.86
C ALA A 321 -29.36 -0.54 -35.29
N MET A 322 -30.40 -1.33 -35.54
CA MET A 322 -30.62 -1.96 -36.83
C MET A 322 -32.11 -1.97 -37.14
N ALA A 323 -32.43 -2.24 -38.40
CA ALA A 323 -33.83 -2.43 -38.76
C ALA A 323 -34.35 -3.74 -38.17
N SER A 324 -35.59 -3.72 -37.70
CA SER A 324 -36.14 -4.89 -37.04
C SER A 324 -36.41 -6.02 -38.02
N HIS A 325 -36.81 -5.71 -39.24
CA HIS A 325 -37.22 -6.73 -40.19
C HIS A 325 -37.08 -6.18 -41.60
N LYS A 326 -37.05 -7.11 -42.56
CA LYS A 326 -37.09 -6.73 -43.96
C LYS A 326 -38.42 -6.07 -44.29
N GLU A 327 -38.36 -5.04 -45.14
CA GLU A 327 -39.58 -4.39 -45.59
C GLU A 327 -40.45 -5.35 -46.37
N GLY A 328 -41.74 -5.39 -46.00
CA GLY A 328 -42.66 -6.38 -46.49
C GLY A 328 -42.92 -7.53 -45.56
N GLU A 329 -42.00 -7.82 -44.64
CA GLU A 329 -42.24 -8.79 -43.58
C GLU A 329 -42.46 -7.99 -42.31
N ASP A 330 -43.71 -7.87 -41.89
CA ASP A 330 -44.08 -7.09 -40.73
C ASP A 330 -44.36 -7.92 -39.49
N ARG A 331 -44.28 -9.25 -39.59
CA ARG A 331 -44.62 -10.12 -38.47
C ARG A 331 -43.40 -10.59 -37.69
N PHE A 332 -42.19 -10.22 -38.11
CA PHE A 332 -40.97 -10.67 -37.45
C PHE A 332 -40.35 -9.54 -36.66
N PHE A 333 -39.74 -9.89 -35.53
CA PHE A 333 -39.02 -8.93 -34.71
C PHE A 333 -37.80 -9.61 -34.11
N PRO A 334 -36.71 -8.87 -33.90
CA PRO A 334 -35.52 -9.48 -33.30
C PRO A 334 -35.79 -9.94 -31.88
N LEU A 335 -35.16 -11.06 -31.52
CA LEU A 335 -35.38 -11.69 -30.22
C LEU A 335 -35.13 -10.72 -29.08
N SER A 336 -33.89 -10.29 -28.92
CA SER A 336 -33.53 -9.30 -27.91
C SER A 336 -33.38 -7.90 -28.48
N GLY A 337 -33.65 -7.71 -29.78
CA GLY A 337 -33.21 -6.51 -30.46
C GLY A 337 -34.13 -5.30 -30.38
N SER A 338 -35.30 -5.41 -29.76
CA SER A 338 -36.25 -4.32 -29.75
C SER A 338 -36.62 -3.95 -28.32
N LEU A 339 -37.08 -2.71 -28.16
CA LEU A 339 -37.66 -2.28 -26.90
C LEU A 339 -39.09 -2.81 -26.79
N ILE A 340 -39.44 -3.32 -25.62
CA ILE A 340 -40.75 -3.91 -25.39
C ILE A 340 -41.38 -3.23 -24.18
N PHE A 341 -42.45 -2.49 -24.41
CA PHE A 341 -43.13 -1.74 -23.35
C PHE A 341 -44.40 -2.48 -22.93
N GLY A 342 -44.72 -2.40 -21.65
CA GLY A 342 -45.91 -3.01 -21.12
C GLY A 342 -47.14 -2.11 -21.23
N LYS A 343 -48.29 -2.75 -21.45
CA LYS A 343 -49.57 -2.06 -21.46
C LYS A 343 -50.07 -1.86 -20.04
N GLN A 344 -50.93 -0.86 -19.86
CA GLN A 344 -51.50 -0.58 -18.56
C GLN A 344 -52.18 -1.82 -18.00
N GLY A 345 -51.81 -2.21 -16.78
CA GLY A 345 -52.36 -3.39 -16.16
C GLY A 345 -51.59 -4.66 -16.38
N THR A 346 -50.58 -4.65 -17.25
CA THR A 346 -49.80 -5.85 -17.53
C THR A 346 -49.02 -6.29 -16.31
N GLY A 347 -49.06 -7.59 -16.04
CA GLY A 347 -48.40 -8.12 -14.86
C GLY A 347 -46.89 -8.16 -15.00
N ARG A 348 -46.25 -8.57 -13.91
CA ARG A 348 -44.80 -8.62 -13.84
C ARG A 348 -44.19 -9.85 -14.50
N ASP A 349 -44.90 -10.97 -14.52
CA ASP A 349 -44.29 -12.24 -14.88
C ASP A 349 -45.08 -12.97 -15.96
N ASN A 350 -44.39 -13.36 -17.03
CA ASN A 350 -44.88 -14.33 -18.01
C ASN A 350 -46.23 -13.91 -18.60
N VAL A 351 -46.25 -12.68 -19.11
CA VAL A 351 -47.46 -12.11 -19.71
C VAL A 351 -47.43 -12.38 -21.21
N ASP A 352 -48.60 -12.62 -21.79
CA ASP A 352 -48.66 -13.04 -23.16
C ASP A 352 -48.36 -11.87 -24.10
N ALA A 353 -48.28 -12.17 -25.39
CA ALA A 353 -47.75 -11.20 -26.35
C ALA A 353 -48.68 -10.02 -26.56
N ASP A 354 -49.94 -10.16 -26.15
CA ASP A 354 -50.90 -9.07 -26.31
C ASP A 354 -50.84 -8.06 -25.18
N LYS A 355 -50.13 -8.35 -24.10
CA LYS A 355 -50.00 -7.43 -22.97
C LYS A 355 -48.84 -6.46 -23.10
N VAL A 356 -48.03 -6.56 -24.16
CA VAL A 356 -46.85 -5.73 -24.30
C VAL A 356 -46.84 -5.10 -25.68
N MET A 357 -46.00 -4.08 -25.84
CA MET A 357 -45.86 -3.34 -27.09
C MET A 357 -44.44 -3.51 -27.60
N ILE A 358 -44.28 -4.19 -28.72
CA ILE A 358 -42.98 -4.49 -29.29
C ILE A 358 -42.72 -3.49 -30.40
N THR A 359 -41.80 -2.57 -30.16
CA THR A 359 -41.56 -1.48 -31.10
C THR A 359 -40.79 -1.95 -32.32
N ASN A 360 -40.90 -1.18 -33.40
CA ASN A 360 -40.14 -1.44 -34.63
C ASN A 360 -39.34 -0.21 -35.02
N GLU A 361 -38.09 -0.44 -35.44
CA GLU A 361 -37.17 0.59 -35.87
C GLU A 361 -37.18 0.81 -37.38
N GLU A 362 -38.13 0.21 -38.11
CA GLU A 362 -37.98 0.01 -39.55
C GLU A 362 -37.76 1.30 -40.33
N GLU A 363 -37.93 2.48 -39.72
CA GLU A 363 -37.63 3.70 -40.46
C GLU A 363 -36.16 3.84 -40.81
N ILE A 364 -35.28 3.12 -40.12
CA ILE A 364 -33.84 3.30 -40.28
C ILE A 364 -33.28 2.31 -41.29
N LYS A 365 -34.16 1.51 -41.92
CA LYS A 365 -33.71 0.49 -42.85
C LYS A 365 -32.97 1.05 -44.06
N THR A 366 -33.06 2.35 -44.32
CA THR A 366 -32.37 2.92 -45.47
C THR A 366 -30.86 2.84 -45.29
N THR A 367 -30.34 3.33 -44.17
CA THR A 367 -28.91 3.28 -43.88
C THR A 367 -28.49 2.13 -42.96
N ASN A 368 -29.42 1.30 -42.48
CA ASN A 368 -29.00 0.31 -41.50
C ASN A 368 -29.32 -1.09 -41.97
N PRO A 369 -28.54 -2.09 -41.55
CA PRO A 369 -28.86 -3.47 -41.92
C PRO A 369 -30.03 -4.01 -41.10
N VAL A 370 -30.64 -5.07 -41.61
CA VAL A 370 -31.73 -5.72 -40.89
C VAL A 370 -31.15 -6.53 -39.74
N ALA A 371 -31.87 -6.55 -38.62
CA ALA A 371 -31.37 -7.20 -37.41
C ALA A 371 -31.19 -8.70 -37.60
N THR A 372 -32.10 -9.36 -38.31
CA THR A 372 -32.11 -10.80 -38.40
C THR A 372 -31.42 -11.34 -39.65
N GLU A 373 -30.79 -10.47 -40.43
CA GLU A 373 -30.14 -10.84 -41.67
C GLU A 373 -28.63 -10.74 -41.53
N SER A 374 -27.92 -11.60 -42.26
CA SER A 374 -26.49 -11.47 -42.39
C SER A 374 -26.14 -10.14 -43.05
N TYR A 375 -24.96 -9.62 -42.71
CA TYR A 375 -24.52 -8.37 -43.29
C TYR A 375 -24.20 -8.55 -44.78
N GLY A 376 -23.66 -9.70 -45.15
CA GLY A 376 -23.29 -9.93 -46.53
C GLY A 376 -22.45 -11.19 -46.66
N GLN A 377 -21.65 -11.23 -47.73
CA GLN A 377 -20.75 -12.36 -47.98
C GLN A 377 -19.32 -11.88 -48.14
N VAL A 378 -18.40 -12.83 -48.02
CA VAL A 378 -16.98 -12.61 -48.25
C VAL A 378 -16.42 -13.82 -48.99
N ALA A 379 -15.21 -13.66 -49.52
CA ALA A 379 -14.50 -14.77 -50.13
C ALA A 379 -13.77 -15.57 -49.06
N THR A 380 -13.98 -16.88 -49.05
CA THR A 380 -13.34 -17.75 -48.09
C THR A 380 -12.13 -18.50 -48.64
N ASN A 381 -11.77 -18.32 -49.91
CA ASN A 381 -10.65 -19.07 -50.46
C ASN A 381 -10.10 -18.33 -51.67
N HIS A 382 -9.07 -18.94 -52.29
CA HIS A 382 -8.58 -18.56 -53.61
C HIS A 382 -9.21 -19.50 -54.63
N GLN A 383 -9.84 -18.94 -55.66
CA GLN A 383 -10.32 -19.77 -56.74
C GLN A 383 -9.15 -20.21 -57.61
N SER A 384 -9.34 -21.31 -58.32
CA SER A 384 -8.37 -21.81 -59.28
C SER A 384 -9.09 -22.83 -60.16
N ALA A 385 -8.33 -23.46 -61.06
CA ALA A 385 -8.92 -24.48 -61.92
C ALA A 385 -9.33 -25.71 -61.12
N GLN A 386 -8.71 -25.94 -59.96
CA GLN A 386 -9.08 -27.05 -59.11
C GLN A 386 -10.16 -26.72 -58.08
N ALA A 387 -10.43 -25.44 -57.83
CA ALA A 387 -11.27 -25.06 -56.70
C ALA A 387 -12.24 -23.97 -57.11
N GLN A 388 -13.51 -24.18 -56.77
CA GLN A 388 -14.55 -23.20 -57.07
C GLN A 388 -14.42 -22.00 -56.15
N ALA A 389 -15.02 -20.89 -56.60
CA ALA A 389 -15.09 -19.72 -55.75
C ALA A 389 -16.08 -19.96 -54.62
N GLN A 390 -15.60 -19.82 -53.38
CA GLN A 390 -16.40 -20.09 -52.20
C GLN A 390 -16.69 -18.79 -51.46
N THR A 391 -17.83 -18.75 -50.79
CA THR A 391 -18.25 -17.58 -50.04
C THR A 391 -18.73 -18.02 -48.65
N GLY A 392 -18.90 -17.04 -47.77
CA GLY A 392 -19.40 -17.29 -46.45
C GLY A 392 -20.20 -16.09 -45.98
N TRP A 393 -21.01 -16.31 -44.94
CA TRP A 393 -21.93 -15.29 -44.47
C TRP A 393 -21.30 -14.45 -43.37
N VAL A 394 -21.56 -13.15 -43.41
CA VAL A 394 -21.07 -12.24 -42.38
C VAL A 394 -22.17 -12.08 -41.34
N GLN A 395 -21.95 -12.68 -40.17
CA GLN A 395 -22.91 -12.59 -39.08
C GLN A 395 -22.74 -11.32 -38.27
N ASN A 396 -21.50 -10.91 -38.02
CA ASN A 396 -21.22 -9.68 -37.30
C ASN A 396 -20.17 -8.89 -38.04
N GLN A 397 -20.38 -7.57 -38.15
CA GLN A 397 -19.45 -6.69 -38.84
C GLN A 397 -19.27 -5.42 -38.04
N GLY A 398 -18.02 -5.11 -37.70
CA GLY A 398 -17.71 -3.87 -37.02
C GLY A 398 -17.60 -2.70 -37.97
N ILE A 399 -17.25 -1.54 -37.41
CA ILE A 399 -17.20 -0.31 -38.18
C ILE A 399 -16.18 -0.44 -39.30
N LEU A 400 -16.49 0.19 -40.44
CA LEU A 400 -15.61 0.32 -41.59
C LEU A 400 -15.63 1.76 -42.09
N PRO A 401 -14.52 2.25 -42.64
CA PRO A 401 -14.56 3.56 -43.27
C PRO A 401 -15.56 3.57 -44.42
N GLY A 402 -16.44 4.57 -44.41
CA GLY A 402 -17.52 4.63 -45.37
C GLY A 402 -18.85 4.10 -44.88
N MET A 403 -18.92 3.64 -43.62
CA MET A 403 -20.19 3.25 -43.04
C MET A 403 -20.97 4.46 -42.56
N VAL A 404 -22.27 4.45 -42.83
CA VAL A 404 -23.21 5.42 -42.31
C VAL A 404 -24.33 4.65 -41.62
N TRP A 405 -24.94 5.27 -40.61
CA TRP A 405 -26.00 4.60 -39.88
C TRP A 405 -26.88 5.63 -39.21
N GLN A 406 -28.07 5.18 -38.83
CA GLN A 406 -28.99 5.95 -37.99
C GLN A 406 -29.07 5.32 -36.61
N ASP A 407 -29.08 6.18 -35.59
CA ASP A 407 -29.16 5.70 -34.22
C ASP A 407 -30.60 5.28 -33.91
N ARG A 408 -30.81 4.75 -32.71
CA ARG A 408 -32.11 4.23 -32.35
C ARG A 408 -33.08 5.38 -32.08
N ASP A 409 -34.31 5.20 -32.55
CA ASP A 409 -35.33 6.21 -32.40
C ASP A 409 -35.78 6.29 -30.94
N VAL A 410 -36.35 7.43 -30.58
CA VAL A 410 -36.81 7.70 -29.23
C VAL A 410 -38.33 7.59 -29.21
N TYR A 411 -38.85 7.19 -28.05
CA TYR A 411 -40.29 7.02 -27.87
C TYR A 411 -40.77 7.92 -26.75
N LEU A 412 -42.09 8.15 -26.73
CA LEU A 412 -42.68 8.96 -25.69
C LEU A 412 -42.47 8.31 -24.32
N GLN A 413 -42.54 6.98 -24.26
CA GLN A 413 -42.20 6.25 -23.06
C GLN A 413 -40.71 6.07 -22.86
N GLY A 414 -39.90 6.34 -23.88
CA GLY A 414 -38.50 6.03 -23.86
C GLY A 414 -37.69 6.99 -23.00
N PRO A 415 -36.44 6.61 -22.72
CA PRO A 415 -35.58 7.44 -21.89
C PRO A 415 -35.00 8.61 -22.67
N ILE A 416 -34.68 9.67 -21.94
CA ILE A 416 -34.14 10.88 -22.53
C ILE A 416 -32.63 10.78 -22.67
N TRP A 417 -31.93 10.69 -21.55
CA TRP A 417 -30.47 10.78 -21.52
C TRP A 417 -29.87 9.52 -20.91
N ALA A 418 -28.56 9.38 -21.11
CA ALA A 418 -27.76 8.38 -20.41
C ALA A 418 -26.45 9.02 -19.99
N LYS A 419 -25.72 8.34 -19.12
CA LYS A 419 -24.41 8.79 -18.70
C LYS A 419 -23.36 8.01 -19.47
N ILE A 420 -22.52 8.72 -20.21
CA ILE A 420 -21.41 8.04 -20.89
C ILE A 420 -20.43 7.54 -19.86
N PRO A 421 -20.10 6.24 -19.84
CA PRO A 421 -19.16 5.73 -18.84
C PRO A 421 -17.84 6.46 -18.93
N HIS A 422 -17.12 6.50 -17.81
CA HIS A 422 -15.83 7.15 -17.77
C HIS A 422 -14.79 6.09 -18.10
N THR A 423 -14.21 6.19 -19.30
CA THR A 423 -13.29 5.17 -19.81
C THR A 423 -12.27 5.87 -20.69
N ASP A 424 -11.21 5.15 -21.01
CA ASP A 424 -10.17 5.70 -21.88
C ASP A 424 -10.72 6.02 -23.25
N GLY A 425 -11.62 5.19 -23.77
CA GLY A 425 -12.16 5.43 -25.10
C GLY A 425 -13.54 4.86 -25.26
N ASN A 426 -14.25 5.40 -26.25
CA ASN A 426 -15.55 4.90 -26.64
C ASN A 426 -15.78 5.28 -28.10
N PHE A 427 -16.67 4.56 -28.75
CA PHE A 427 -17.05 4.90 -30.12
C PHE A 427 -18.54 5.17 -30.18
N HIS A 428 -18.89 6.34 -30.69
CA HIS A 428 -20.25 6.82 -30.88
C HIS A 428 -21.01 6.65 -29.58
N PRO A 429 -20.75 7.49 -28.60
CA PRO A 429 -21.30 7.33 -27.25
C PRO A 429 -22.81 7.32 -27.15
N SER A 430 -23.52 7.65 -28.21
CA SER A 430 -24.98 7.66 -28.18
C SER A 430 -25.50 6.33 -27.62
N PRO A 431 -26.33 6.36 -26.57
CA PRO A 431 -26.69 5.13 -25.86
C PRO A 431 -27.57 4.21 -26.69
N LEU A 432 -27.51 2.92 -26.35
CA LEU A 432 -28.19 1.90 -27.14
C LEU A 432 -29.68 1.85 -26.89
N MET A 433 -30.15 2.07 -25.65
CA MET A 433 -31.58 2.14 -25.43
C MET A 433 -32.20 3.41 -25.99
N GLY A 434 -31.40 4.33 -26.49
CA GLY A 434 -31.87 5.50 -27.19
C GLY A 434 -31.70 6.77 -26.36
N GLY A 435 -31.64 7.89 -27.07
CA GLY A 435 -31.54 9.18 -26.43
C GLY A 435 -30.17 9.81 -26.51
N PHE A 436 -30.00 10.88 -25.73
CA PHE A 436 -28.82 11.73 -25.76
C PHE A 436 -27.81 11.23 -24.75
N GLY A 437 -26.66 10.77 -25.23
CA GLY A 437 -25.58 10.35 -24.34
C GLY A 437 -24.76 11.54 -23.87
N MET A 438 -24.36 11.49 -22.60
CA MET A 438 -23.70 12.63 -21.98
C MET A 438 -22.66 12.13 -20.99
N LYS A 439 -21.52 12.83 -20.95
CA LYS A 439 -20.51 12.56 -19.93
C LYS A 439 -20.89 13.14 -18.58
N HIS A 440 -21.50 14.32 -18.56
CA HIS A 440 -22.00 14.97 -17.35
C HIS A 440 -23.50 15.13 -17.51
N PRO A 441 -24.25 14.06 -17.28
CA PRO A 441 -25.69 14.11 -17.49
C PRO A 441 -26.37 14.93 -16.40
N PRO A 442 -27.70 15.06 -16.43
CA PRO A 442 -28.41 15.61 -15.28
C PRO A 442 -28.04 14.87 -14.02
N PRO A 443 -27.69 15.57 -12.96
CA PRO A 443 -27.17 14.91 -11.76
C PRO A 443 -28.27 14.17 -11.01
N GLN A 444 -27.84 13.15 -10.26
CA GLN A 444 -28.77 12.46 -9.38
C GLN A 444 -29.25 13.39 -8.29
N ILE A 445 -30.47 13.15 -7.82
CA ILE A 445 -31.12 13.99 -6.81
C ILE A 445 -31.57 13.04 -5.70
N LEU A 446 -30.97 13.19 -4.52
CA LEU A 446 -31.17 12.24 -3.44
C LEU A 446 -31.96 12.87 -2.31
N ILE A 447 -32.85 12.09 -1.72
CA ILE A 447 -33.77 12.57 -0.69
C ILE A 447 -34.03 11.43 0.29
N LYS A 448 -34.20 11.79 1.56
CA LYS A 448 -34.63 10.85 2.59
C LYS A 448 -35.27 11.63 3.72
N ASN A 449 -36.06 10.93 4.53
CA ASN A 449 -36.58 11.51 5.76
C ASN A 449 -35.55 11.34 6.86
N THR A 450 -35.29 12.42 7.58
CA THR A 450 -34.35 12.34 8.69
C THR A 450 -34.96 11.52 9.83
N PRO A 451 -34.28 10.48 10.29
CA PRO A 451 -34.88 9.61 11.32
C PRO A 451 -35.05 10.34 12.64
N VAL A 452 -36.14 10.06 13.33
CA VAL A 452 -36.48 10.69 14.60
C VAL A 452 -36.44 9.63 15.69
N PRO A 453 -35.52 9.71 16.65
CA PRO A 453 -35.45 8.69 17.69
C PRO A 453 -36.61 8.77 18.66
N ALA A 454 -37.10 7.60 19.05
CA ALA A 454 -38.12 7.50 20.07
C ALA A 454 -37.51 7.82 21.43
N ASP A 455 -38.30 7.67 22.48
CA ASP A 455 -37.82 8.04 23.80
C ASP A 455 -36.62 7.16 24.19
N PRO A 456 -35.53 7.77 24.63
CA PRO A 456 -34.33 7.02 25.00
C PRO A 456 -34.53 6.25 26.28
N PRO A 457 -33.65 5.28 26.57
CA PRO A 457 -33.82 4.46 27.78
C PRO A 457 -33.62 5.20 29.10
N THR A 458 -33.08 6.43 29.08
CA THR A 458 -32.88 7.30 30.23
C THR A 458 -31.67 6.87 31.07
N ALA A 459 -31.19 5.63 30.91
CA ALA A 459 -29.89 5.21 31.43
C ALA A 459 -29.00 4.98 30.24
N PHE A 460 -27.74 5.38 30.35
CA PHE A 460 -26.87 5.41 29.17
C PHE A 460 -26.68 4.01 28.59
N ASN A 461 -26.63 3.94 27.27
CA ASN A 461 -26.35 2.71 26.54
C ASN A 461 -25.43 3.04 25.37
N LYS A 462 -24.42 2.19 25.17
CA LYS A 462 -23.44 2.43 24.12
C LYS A 462 -24.03 2.25 22.73
N ASP A 463 -24.99 1.34 22.58
CA ASP A 463 -25.45 0.97 21.24
C ASP A 463 -26.21 2.11 20.58
N LYS A 464 -26.27 2.05 19.25
CA LYS A 464 -27.00 3.06 18.50
C LYS A 464 -28.50 2.89 18.72
N LEU A 465 -29.25 3.95 18.42
CA LEU A 465 -30.68 3.91 18.65
C LEU A 465 -31.38 3.18 17.52
N ASN A 466 -32.03 2.07 17.86
CA ASN A 466 -32.69 1.20 16.90
C ASN A 466 -34.20 1.40 16.79
N SER A 467 -34.81 2.26 17.59
CA SER A 467 -36.25 2.47 17.57
C SER A 467 -36.56 3.91 17.17
N PHE A 468 -37.42 4.06 16.17
CA PHE A 468 -37.73 5.37 15.60
C PHE A 468 -39.23 5.54 15.48
N ILE A 469 -39.65 6.77 15.20
CA ILE A 469 -41.06 7.07 15.02
C ILE A 469 -41.45 6.80 13.57
N THR A 470 -42.45 5.93 13.36
CA THR A 470 -42.89 5.61 12.02
C THR A 470 -43.36 6.87 11.30
N GLN A 471 -42.76 7.14 10.15
CA GLN A 471 -42.86 8.47 9.60
C GLN A 471 -42.64 8.42 8.10
N TYR A 472 -43.32 9.33 7.39
CA TYR A 472 -43.12 9.48 5.95
C TYR A 472 -43.48 10.91 5.60
N SER A 473 -43.04 11.37 4.42
CA SER A 473 -43.29 12.73 3.98
C SER A 473 -43.81 12.73 2.55
N THR A 474 -44.42 13.86 2.19
CA THR A 474 -45.06 14.00 0.89
C THR A 474 -44.97 15.46 0.47
N GLY A 475 -45.05 15.71 -0.82
CA GLY A 475 -44.83 17.05 -1.32
C GLY A 475 -44.92 17.13 -2.83
N GLN A 476 -44.35 18.22 -3.36
CA GLN A 476 -44.49 18.58 -4.76
C GLN A 476 -43.12 18.67 -5.42
N VAL A 477 -43.07 18.37 -6.72
CA VAL A 477 -41.87 18.50 -7.53
C VAL A 477 -42.23 19.11 -8.86
N SER A 478 -41.54 20.19 -9.23
CA SER A 478 -41.67 20.80 -10.54
C SER A 478 -40.33 20.77 -11.26
N VAL A 479 -40.33 20.28 -12.49
CA VAL A 479 -39.12 20.18 -13.30
C VAL A 479 -39.38 20.77 -14.68
N GLU A 480 -38.54 21.72 -15.08
CA GLU A 480 -38.71 22.46 -16.32
C GLU A 480 -37.45 22.33 -17.17
N ILE A 481 -37.64 22.07 -18.46
CA ILE A 481 -36.55 21.82 -19.39
C ILE A 481 -36.76 22.67 -20.64
N GLU A 482 -35.72 23.38 -21.06
CA GLU A 482 -35.70 24.06 -22.35
C GLU A 482 -35.20 23.11 -23.42
N TRP A 483 -36.03 22.85 -24.42
CA TRP A 483 -35.69 21.93 -25.50
C TRP A 483 -35.18 22.69 -26.71
N VAL B 218 -11.76 19.92 -45.64
CA VAL B 218 -11.33 18.57 -46.01
C VAL B 218 -9.84 18.39 -45.79
N PRO B 219 -9.41 17.17 -45.50
CA PRO B 219 -7.99 16.90 -45.36
C PRO B 219 -7.31 16.78 -46.72
N PHE B 220 -6.00 17.05 -46.74
CA PHE B 220 -5.23 16.87 -47.97
C PHE B 220 -5.28 15.43 -48.42
N HIS B 221 -5.60 15.20 -49.69
CA HIS B 221 -5.60 13.84 -50.20
C HIS B 221 -4.15 13.42 -50.20
N SER B 222 -3.87 12.22 -49.72
CA SER B 222 -2.48 11.76 -49.68
C SER B 222 -2.05 11.20 -51.03
N SER B 223 -0.97 11.74 -51.55
CA SER B 223 -0.45 11.31 -52.84
C SER B 223 1.02 10.96 -52.69
N TYR B 224 1.27 9.84 -52.02
CA TYR B 224 2.60 9.34 -51.78
C TYR B 224 2.50 7.86 -51.46
N ALA B 225 3.63 7.16 -51.52
CA ALA B 225 3.66 5.75 -51.18
C ALA B 225 4.64 5.61 -50.03
N HIS B 226 4.23 4.94 -48.96
CA HIS B 226 5.12 4.77 -47.81
C HIS B 226 6.32 3.94 -48.21
N SER B 227 7.50 4.34 -47.74
CA SER B 227 8.72 3.60 -48.02
C SER B 227 8.96 2.51 -46.98
N GLN B 228 8.16 2.53 -45.93
CA GLN B 228 8.24 1.56 -44.85
C GLN B 228 6.90 0.86 -44.71
N SER B 229 6.91 -0.35 -44.18
CA SER B 229 5.66 -1.06 -43.99
C SER B 229 5.34 -1.10 -42.49
N LEU B 230 4.12 -1.45 -42.16
CA LEU B 230 3.68 -1.49 -40.76
C LEU B 230 4.49 -2.51 -39.96
N ASP B 231 4.74 -3.66 -40.57
CA ASP B 231 5.51 -4.73 -39.93
C ASP B 231 7.02 -4.47 -39.85
N ARG B 232 7.52 -3.48 -40.59
CA ARG B 232 8.94 -3.16 -40.63
C ARG B 232 9.39 -1.87 -39.92
N LEU B 233 8.57 -1.36 -39.01
CA LEU B 233 8.89 -0.14 -38.27
C LEU B 233 10.13 -0.17 -37.36
N MET B 234 10.40 -1.30 -36.72
CA MET B 234 11.53 -1.39 -35.79
C MET B 234 12.97 -1.13 -36.30
N ASN B 235 13.86 -0.98 -35.32
CA ASN B 235 15.29 -0.78 -35.51
C ASN B 235 15.97 -2.13 -35.70
N PRO B 236 16.56 -2.41 -36.85
CA PRO B 236 17.06 -3.76 -37.14
C PRO B 236 18.23 -4.20 -36.29
N LEU B 237 18.89 -3.29 -35.59
CA LEU B 237 20.08 -3.66 -34.84
C LEU B 237 19.89 -3.88 -33.35
N ILE B 238 18.72 -3.52 -32.83
CA ILE B 238 18.49 -3.62 -31.39
C ILE B 238 17.41 -4.61 -30.96
N ASP B 239 17.77 -5.46 -29.99
CA ASP B 239 16.85 -6.43 -29.41
C ASP B 239 15.77 -5.75 -28.57
N GLN B 240 14.54 -6.24 -28.65
CA GLN B 240 13.45 -5.72 -27.85
C GLN B 240 13.59 -6.17 -26.41
N TYR B 241 13.09 -5.39 -25.46
CA TYR B 241 13.18 -5.79 -24.06
C TYR B 241 12.02 -6.68 -23.63
N LEU B 242 11.17 -7.02 -24.58
CA LEU B 242 10.00 -7.86 -24.34
C LEU B 242 10.28 -9.29 -24.75
N TYR B 243 9.74 -10.22 -23.98
CA TYR B 243 9.86 -11.65 -24.24
C TYR B 243 8.58 -12.18 -24.88
N TYR B 244 8.76 -13.17 -25.74
CA TYR B 244 7.66 -13.91 -26.34
C TYR B 244 7.86 -15.38 -26.00
N LEU B 245 6.84 -16.18 -26.23
CA LEU B 245 6.87 -17.59 -25.88
C LEU B 245 7.43 -18.36 -27.07
N SER B 246 8.67 -18.84 -26.93
CA SER B 246 9.38 -19.41 -28.08
C SER B 246 9.05 -20.89 -28.26
N LYS B 247 8.98 -21.63 -27.16
CA LYS B 247 8.75 -23.07 -27.28
C LYS B 247 7.87 -23.68 -26.21
N THR B 248 6.91 -24.52 -26.61
CA THR B 248 6.04 -25.19 -25.65
C THR B 248 6.36 -26.65 -25.36
N ILE B 249 7.37 -27.22 -26.01
CA ILE B 249 7.75 -28.61 -25.74
C ILE B 249 9.26 -28.77 -25.66
N ASN B 250 9.75 -29.54 -24.71
CA ASN B 250 11.19 -29.76 -24.57
C ASN B 250 11.79 -30.49 -25.76
N GLY B 251 11.09 -31.51 -26.22
CA GLY B 251 11.55 -32.35 -27.31
C GLY B 251 10.41 -33.21 -27.81
N SER B 252 10.70 -34.08 -28.76
CA SER B 252 9.70 -34.98 -29.30
C SER B 252 9.28 -36.04 -28.29
N GLY B 253 8.07 -36.57 -28.46
CA GLY B 253 7.54 -37.59 -27.57
C GLY B 253 6.59 -37.10 -26.49
N GLN B 254 6.13 -38.05 -25.68
CA GLN B 254 5.19 -37.80 -24.58
C GLN B 254 5.77 -37.07 -23.37
N ASN B 255 4.91 -36.34 -22.67
CA ASN B 255 5.24 -35.62 -21.45
C ASN B 255 6.41 -34.65 -21.58
N GLN B 256 6.44 -33.92 -22.68
CA GLN B 256 7.49 -32.95 -22.93
C GLN B 256 7.08 -31.51 -22.70
N GLN B 257 5.93 -31.27 -22.09
CA GLN B 257 5.48 -29.89 -21.91
C GLN B 257 6.47 -29.08 -21.10
N THR B 258 6.75 -27.88 -21.57
CA THR B 258 7.67 -26.95 -20.93
C THR B 258 7.34 -25.55 -21.42
N LEU B 259 7.81 -24.52 -20.71
CA LEU B 259 7.56 -23.14 -21.15
C LEU B 259 8.89 -22.43 -21.37
N LYS B 260 9.20 -22.05 -22.61
CA LYS B 260 10.45 -21.37 -22.87
C LYS B 260 10.15 -20.03 -23.53
N PHE B 261 10.87 -19.00 -23.12
CA PHE B 261 10.67 -17.65 -23.60
C PHE B 261 11.98 -17.11 -24.14
N SER B 262 11.89 -16.25 -25.16
CA SER B 262 13.09 -15.68 -25.76
C SER B 262 12.86 -14.21 -26.05
N VAL B 263 13.95 -13.47 -26.11
CA VAL B 263 13.91 -12.06 -26.48
C VAL B 263 13.55 -11.93 -27.95
N ALA B 264 12.65 -11.00 -28.25
CA ALA B 264 12.38 -10.65 -29.64
C ALA B 264 13.48 -9.73 -30.16
N GLY B 265 13.92 -9.99 -31.38
CA GLY B 265 15.12 -9.35 -31.88
C GLY B 265 15.20 -9.28 -33.38
N PRO B 266 16.38 -8.91 -33.88
CA PRO B 266 16.54 -8.77 -35.34
C PRO B 266 16.35 -10.07 -36.09
N SER B 267 16.77 -11.19 -35.51
CA SER B 267 16.69 -12.46 -36.24
C SER B 267 15.25 -12.86 -36.52
N ASN B 268 14.35 -12.69 -35.56
CA ASN B 268 12.94 -13.03 -35.73
C ASN B 268 12.14 -11.73 -35.66
N MET B 269 11.65 -11.27 -36.81
CA MET B 269 10.89 -10.03 -36.85
C MET B 269 9.39 -10.30 -36.89
N ALA B 270 8.99 -11.56 -36.93
CA ALA B 270 7.56 -11.86 -36.98
C ALA B 270 6.94 -11.74 -35.60
N VAL B 271 7.70 -12.05 -34.55
CA VAL B 271 7.09 -12.27 -33.23
C VAL B 271 7.16 -11.00 -32.39
N GLN B 272 7.68 -9.91 -32.93
CA GLN B 272 7.87 -8.72 -32.11
C GLN B 272 6.56 -8.08 -31.72
N GLY B 273 6.59 -7.31 -30.63
CA GLY B 273 5.44 -6.51 -30.27
C GLY B 273 5.40 -5.22 -31.08
N ARG B 274 4.19 -4.79 -31.42
CA ARG B 274 4.02 -3.59 -32.21
C ARG B 274 2.87 -2.77 -31.64
N ASN B 275 2.98 -1.47 -31.83
CA ASN B 275 1.99 -0.52 -31.32
C ASN B 275 0.82 -0.31 -32.27
N TYR B 276 0.93 -0.75 -33.53
CA TYR B 276 -0.06 -0.42 -34.53
C TYR B 276 -0.23 -1.59 -35.49
N ILE B 277 -1.44 -1.75 -35.99
CA ILE B 277 -1.82 -2.92 -36.78
C ILE B 277 -2.50 -2.40 -38.04
N PRO B 278 -2.56 -3.21 -39.10
CA PRO B 278 -3.10 -2.73 -40.37
C PRO B 278 -4.61 -2.58 -40.35
N GLY B 279 -5.10 -1.79 -41.29
CA GLY B 279 -6.48 -1.38 -41.32
C GLY B 279 -7.47 -2.50 -41.62
N PRO B 280 -8.74 -2.15 -41.69
CA PRO B 280 -9.79 -3.17 -41.84
C PRO B 280 -9.78 -3.79 -43.22
N SER B 281 -10.42 -4.96 -43.31
CA SER B 281 -10.45 -5.72 -44.55
C SER B 281 -11.78 -6.44 -44.68
N TYR B 282 -12.28 -6.48 -45.92
CA TYR B 282 -13.46 -7.27 -46.26
C TYR B 282 -13.09 -7.99 -47.56
N ARG B 283 -12.93 -9.31 -47.51
CA ARG B 283 -12.15 -9.98 -48.55
C ARG B 283 -12.89 -9.96 -49.90
N GLN B 284 -12.10 -9.96 -50.98
CA GLN B 284 -12.57 -10.03 -52.35
C GLN B 284 -12.12 -11.37 -52.95
N GLN B 285 -12.83 -11.81 -53.99
CA GLN B 285 -12.38 -12.99 -54.71
C GLN B 285 -11.25 -12.61 -55.66
N ARG B 286 -10.30 -13.53 -55.83
CA ARG B 286 -9.09 -13.27 -56.58
C ARG B 286 -9.24 -13.78 -58.00
N VAL B 287 -9.13 -12.88 -58.98
CA VAL B 287 -9.30 -13.22 -60.38
C VAL B 287 -8.01 -12.93 -61.12
N SER B 288 -7.60 -13.85 -61.98
CA SER B 288 -6.30 -13.80 -62.65
C SER B 288 -6.44 -13.29 -64.07
N THR B 289 -5.42 -12.54 -64.51
CA THR B 289 -5.37 -12.12 -65.91
C THR B 289 -4.97 -13.25 -66.85
N THR B 290 -4.59 -14.39 -66.29
CA THR B 290 -4.29 -15.56 -67.09
C THR B 290 -5.61 -16.33 -66.99
N VAL B 291 -6.36 -16.39 -68.08
CA VAL B 291 -7.68 -17.01 -68.08
C VAL B 291 -7.71 -18.48 -67.69
N THR B 292 -6.71 -19.25 -68.10
CA THR B 292 -6.66 -20.66 -67.79
C THR B 292 -6.60 -20.93 -66.29
N GLN B 293 -5.87 -20.09 -65.55
CA GLN B 293 -5.76 -20.21 -64.11
C GLN B 293 -7.11 -20.04 -63.41
N ASN B 294 -7.94 -19.15 -63.93
CA ASN B 294 -9.28 -18.89 -63.39
C ASN B 294 -10.16 -20.14 -63.49
N ASN B 295 -11.04 -20.31 -62.52
CA ASN B 295 -11.94 -21.47 -62.49
C ASN B 295 -12.91 -21.49 -63.66
N ASN B 296 -13.23 -22.70 -64.12
CA ASN B 296 -14.15 -22.88 -65.25
C ASN B 296 -15.61 -22.84 -64.81
N SER B 297 -16.07 -21.67 -64.40
CA SER B 297 -17.45 -21.50 -63.99
C SER B 297 -17.83 -20.02 -64.05
N GLU B 298 -19.13 -19.72 -64.05
CA GLU B 298 -19.55 -18.33 -64.04
C GLU B 298 -19.62 -17.91 -62.58
N PHE B 299 -18.48 -17.51 -62.04
CA PHE B 299 -18.38 -17.10 -60.65
C PHE B 299 -18.28 -15.60 -60.48
N ALA B 300 -18.54 -14.85 -61.55
CA ALA B 300 -18.46 -13.39 -61.48
C ALA B 300 -19.46 -12.83 -60.46
N TRP B 301 -20.66 -13.38 -60.44
CA TRP B 301 -21.67 -12.92 -59.51
C TRP B 301 -21.73 -13.80 -58.26
N PRO B 302 -21.75 -15.12 -58.45
CA PRO B 302 -21.83 -16.05 -57.31
C PRO B 302 -20.70 -15.91 -56.30
N GLY B 303 -19.50 -15.59 -56.74
CA GLY B 303 -18.37 -15.55 -55.84
C GLY B 303 -17.98 -14.16 -55.41
N ALA B 304 -18.93 -13.22 -55.48
CA ALA B 304 -18.66 -11.82 -55.21
C ALA B 304 -18.99 -11.48 -53.76
N SER B 305 -18.16 -10.61 -53.17
CA SER B 305 -18.45 -10.08 -51.85
C SER B 305 -19.48 -8.95 -51.95
N SER B 306 -20.57 -9.07 -51.21
CA SER B 306 -21.66 -8.11 -51.30
C SER B 306 -22.20 -7.83 -49.91
N TRP B 307 -22.96 -6.73 -49.81
CA TRP B 307 -23.67 -6.39 -48.60
C TRP B 307 -25.16 -6.27 -48.89
N ALA B 308 -25.96 -6.77 -47.95
CA ALA B 308 -27.40 -6.85 -48.09
C ALA B 308 -28.08 -5.75 -47.29
N LEU B 309 -28.96 -5.00 -47.95
CA LEU B 309 -29.64 -3.87 -47.33
C LEU B 309 -31.12 -3.96 -47.62
N ASN B 310 -31.93 -4.15 -46.57
CA ASN B 310 -33.39 -4.29 -46.69
C ASN B 310 -33.77 -5.32 -47.75
N GLY B 311 -33.16 -6.49 -47.68
CA GLY B 311 -33.47 -7.57 -48.57
C GLY B 311 -32.84 -7.49 -49.94
N ARG B 312 -32.09 -6.42 -50.24
CA ARG B 312 -31.47 -6.24 -51.54
C ARG B 312 -29.96 -6.39 -51.45
N ASN B 313 -29.43 -7.40 -52.14
CA ASN B 313 -28.00 -7.62 -52.22
C ASN B 313 -27.36 -6.56 -53.11
N SER B 314 -26.38 -5.86 -52.57
CA SER B 314 -25.59 -4.90 -53.33
C SER B 314 -24.14 -5.32 -53.31
N LEU B 315 -23.53 -5.38 -54.49
CA LEU B 315 -22.12 -5.70 -54.60
C LEU B 315 -21.29 -4.70 -53.81
N MET B 316 -20.15 -5.15 -53.29
CA MET B 316 -19.24 -4.24 -52.61
C MET B 316 -18.28 -3.71 -53.68
N ASN B 317 -18.50 -2.48 -54.10
CA ASN B 317 -17.67 -1.86 -55.11
C ASN B 317 -17.50 -0.38 -54.75
N PRO B 318 -16.26 0.14 -54.81
CA PRO B 318 -15.04 -0.66 -54.88
C PRO B 318 -14.79 -1.43 -53.58
N GLY B 319 -15.31 -0.90 -52.48
CA GLY B 319 -15.14 -1.51 -51.18
C GLY B 319 -14.07 -0.82 -50.39
N PRO B 320 -13.75 -1.37 -49.21
CA PRO B 320 -12.68 -0.79 -48.39
C PRO B 320 -11.37 -0.82 -49.15
N ALA B 321 -10.59 0.25 -48.99
CA ALA B 321 -9.34 0.37 -49.72
C ALA B 321 -8.34 -0.66 -49.21
N MET B 322 -7.86 -1.51 -50.11
CA MET B 322 -7.00 -2.63 -49.76
C MET B 322 -6.01 -2.88 -50.88
N ALA B 323 -4.88 -3.48 -50.54
CA ALA B 323 -3.88 -3.82 -51.54
C ALA B 323 -4.45 -4.81 -52.54
N SER B 324 -4.32 -4.49 -53.83
CA SER B 324 -4.94 -5.30 -54.87
C SER B 324 -4.34 -6.69 -54.94
N HIS B 325 -3.06 -6.84 -54.61
CA HIS B 325 -2.41 -8.13 -54.68
C HIS B 325 -1.18 -8.12 -53.78
N LYS B 326 -0.71 -9.32 -53.45
CA LYS B 326 0.57 -9.45 -52.77
C LYS B 326 1.70 -9.00 -53.68
N GLU B 327 2.81 -8.61 -53.08
CA GLU B 327 4.02 -8.36 -53.85
C GLU B 327 4.54 -9.69 -54.41
N GLY B 328 4.80 -9.71 -55.71
CA GLY B 328 5.22 -10.91 -56.38
C GLY B 328 4.18 -11.55 -57.27
N GLU B 329 2.92 -11.13 -57.16
CA GLU B 329 1.87 -11.58 -58.08
C GLU B 329 1.17 -10.32 -58.59
N ASP B 330 1.42 -9.96 -59.85
CA ASP B 330 0.74 -8.84 -60.48
C ASP B 330 -0.38 -9.27 -61.43
N ARG B 331 -0.58 -10.58 -61.61
CA ARG B 331 -1.59 -11.07 -62.53
C ARG B 331 -2.94 -11.23 -61.88
N PHE B 332 -3.06 -10.92 -60.59
CA PHE B 332 -4.30 -11.09 -59.86
C PHE B 332 -4.89 -9.73 -59.52
N PHE B 333 -6.22 -9.66 -59.48
CA PHE B 333 -6.93 -8.46 -59.09
C PHE B 333 -8.19 -8.85 -58.34
N PRO B 334 -8.69 -7.98 -57.47
CA PRO B 334 -9.93 -8.29 -56.75
C PRO B 334 -11.13 -8.24 -57.68
N LEU B 335 -12.09 -9.11 -57.42
CA LEU B 335 -13.26 -9.24 -58.29
C LEU B 335 -13.99 -7.92 -58.44
N SER B 336 -14.58 -7.42 -57.36
CA SER B 336 -15.23 -6.12 -57.35
C SER B 336 -14.36 -5.02 -56.73
N GLY B 337 -13.12 -5.32 -56.36
CA GLY B 337 -12.36 -4.42 -55.53
C GLY B 337 -11.55 -3.35 -56.23
N SER B 338 -11.65 -3.23 -57.56
CA SER B 338 -10.88 -2.24 -58.30
C SER B 338 -11.82 -1.38 -59.15
N LEU B 339 -11.35 -0.19 -59.49
CA LEU B 339 -12.11 0.72 -60.33
C LEU B 339 -11.85 0.43 -61.81
N ILE B 358 -7.76 -1.33 -65.29
CA ILE B 358 -7.81 -1.95 -63.97
C ILE B 358 -6.72 -1.33 -63.08
N THR B 359 -7.09 -0.29 -62.34
CA THR B 359 -6.12 0.38 -61.48
C THR B 359 -5.85 -0.45 -60.23
N ASN B 360 -4.56 -0.63 -59.93
CA ASN B 360 -4.14 -1.44 -58.80
C ASN B 360 -3.60 -0.56 -57.68
N GLU B 361 -3.90 -0.95 -56.45
CA GLU B 361 -3.59 -0.19 -55.25
C GLU B 361 -2.28 -0.59 -54.59
N GLU B 362 -1.47 -1.42 -55.25
CA GLU B 362 -0.35 -2.10 -54.59
C GLU B 362 0.56 -1.16 -53.82
N GLU B 363 0.51 0.16 -54.08
CA GLU B 363 1.35 1.08 -53.32
C GLU B 363 0.93 1.16 -51.86
N ILE B 364 -0.30 0.80 -51.52
CA ILE B 364 -0.78 0.91 -50.14
C ILE B 364 -0.63 -0.40 -49.40
N LYS B 365 0.01 -1.40 -50.02
CA LYS B 365 0.18 -2.68 -49.35
C LYS B 365 1.02 -2.57 -48.08
N THR B 366 1.58 -1.40 -47.79
CA THR B 366 2.36 -1.22 -46.58
C THR B 366 1.49 -1.26 -45.34
N THR B 367 0.47 -0.39 -45.25
CA THR B 367 -0.41 -0.37 -44.09
C THR B 367 -1.76 -1.05 -44.33
N ASN B 368 -2.08 -1.43 -45.57
CA ASN B 368 -3.39 -2.01 -45.90
C ASN B 368 -3.25 -3.48 -46.29
N PRO B 369 -4.05 -4.37 -45.69
CA PRO B 369 -3.97 -5.78 -46.07
C PRO B 369 -4.36 -6.01 -47.53
N VAL B 370 -4.35 -7.28 -47.93
CA VAL B 370 -4.56 -7.61 -49.34
C VAL B 370 -5.99 -8.08 -49.54
N ALA B 371 -6.70 -7.41 -50.44
CA ALA B 371 -8.12 -7.64 -50.68
C ALA B 371 -8.45 -9.10 -50.97
N THR B 372 -7.50 -9.83 -51.53
CA THR B 372 -7.71 -11.23 -51.88
C THR B 372 -7.22 -12.19 -50.80
N GLU B 373 -6.74 -11.68 -49.68
CA GLU B 373 -6.15 -12.48 -48.62
C GLU B 373 -6.95 -12.32 -47.33
N SER B 374 -6.68 -13.22 -46.39
CA SER B 374 -7.30 -13.20 -45.07
C SER B 374 -6.64 -12.14 -44.24
N TYR B 375 -7.38 -11.51 -43.36
CA TYR B 375 -6.78 -10.49 -42.53
C TYR B 375 -5.71 -11.12 -41.62
N GLY B 376 -6.04 -12.28 -41.05
CA GLY B 376 -5.12 -12.95 -40.14
C GLY B 376 -5.72 -14.20 -39.54
N GLN B 377 -5.04 -14.78 -38.56
CA GLN B 377 -5.51 -16.00 -37.89
C GLN B 377 -5.91 -15.73 -36.45
N VAL B 378 -6.98 -16.35 -36.00
CA VAL B 378 -7.50 -16.19 -34.65
C VAL B 378 -7.60 -17.54 -33.96
N ALA B 379 -7.19 -17.62 -32.69
CA ALA B 379 -7.31 -18.86 -31.93
C ALA B 379 -8.78 -19.15 -31.77
N THR B 380 -9.22 -20.40 -31.93
CA THR B 380 -10.65 -20.65 -31.84
C THR B 380 -11.06 -21.42 -30.59
N ASN B 381 -10.11 -21.89 -29.78
CA ASN B 381 -10.46 -22.68 -28.58
C ASN B 381 -9.43 -22.62 -27.45
N HIS B 382 -9.64 -23.40 -26.38
CA HIS B 382 -8.68 -23.48 -25.30
C HIS B 382 -7.96 -24.81 -25.42
N GLN B 383 -6.64 -24.77 -25.65
CA GLN B 383 -5.86 -25.99 -25.74
C GLN B 383 -5.63 -26.59 -24.36
N SER B 384 -5.60 -27.91 -24.27
CA SER B 384 -5.39 -28.62 -23.01
C SER B 384 -4.62 -29.90 -23.29
N ALA B 385 -4.48 -30.76 -22.28
CA ALA B 385 -3.79 -32.01 -22.55
C ALA B 385 -4.56 -32.83 -23.58
N GLN B 386 -5.88 -32.67 -23.64
CA GLN B 386 -6.69 -33.40 -24.60
C GLN B 386 -6.72 -32.73 -25.97
N ALA B 387 -6.91 -31.41 -26.01
CA ALA B 387 -7.23 -30.69 -27.24
C ALA B 387 -6.08 -29.78 -27.65
N GLN B 388 -5.67 -29.90 -28.91
CA GLN B 388 -4.60 -29.05 -29.44
C GLN B 388 -5.13 -27.69 -29.84
N ALA B 389 -4.24 -26.71 -29.82
CA ALA B 389 -4.60 -25.34 -30.17
C ALA B 389 -5.12 -25.27 -31.60
N GLN B 390 -6.14 -24.44 -31.81
CA GLN B 390 -6.79 -24.31 -33.10
C GLN B 390 -6.91 -22.84 -33.46
N THR B 391 -6.87 -22.57 -34.76
CA THR B 391 -6.90 -21.21 -35.26
C THR B 391 -7.90 -21.11 -36.41
N GLY B 392 -8.58 -19.98 -36.47
CA GLY B 392 -9.51 -19.70 -37.55
C GLY B 392 -8.94 -18.64 -38.47
N TRP B 393 -9.67 -18.35 -39.55
CA TRP B 393 -9.27 -17.31 -40.48
C TRP B 393 -10.20 -16.11 -40.34
N VAL B 394 -9.64 -14.91 -40.42
CA VAL B 394 -10.42 -13.69 -40.31
C VAL B 394 -10.64 -13.17 -41.73
N GLN B 395 -11.86 -13.35 -42.23
CA GLN B 395 -12.14 -12.92 -43.60
C GLN B 395 -12.49 -11.44 -43.65
N ASN B 396 -13.29 -10.98 -42.69
CA ASN B 396 -13.58 -9.57 -42.52
C ASN B 396 -13.17 -9.14 -41.13
N GLN B 397 -12.64 -7.92 -41.02
CA GLN B 397 -12.25 -7.36 -39.74
C GLN B 397 -12.66 -5.90 -39.67
N GLY B 398 -13.42 -5.55 -38.64
CA GLY B 398 -13.80 -4.18 -38.43
C GLY B 398 -12.71 -3.38 -37.75
N ILE B 399 -12.99 -2.10 -37.56
CA ILE B 399 -12.04 -1.19 -36.94
C ILE B 399 -11.65 -1.69 -35.56
N LEU B 400 -10.35 -1.68 -35.27
CA LEU B 400 -9.80 -1.92 -33.95
C LEU B 400 -8.98 -0.71 -33.52
N PRO B 401 -8.87 -0.48 -32.22
CA PRO B 401 -7.97 0.58 -31.75
C PRO B 401 -6.53 0.27 -32.13
N GLY B 402 -5.85 1.28 -32.65
CA GLY B 402 -4.49 1.10 -33.11
C GLY B 402 -4.35 0.64 -34.54
N MET B 403 -5.38 0.82 -35.37
CA MET B 403 -5.26 0.55 -36.79
C MET B 403 -4.95 1.84 -37.54
N VAL B 404 -4.08 1.72 -38.55
CA VAL B 404 -3.87 2.79 -39.52
C VAL B 404 -4.15 2.19 -40.89
N TRP B 405 -4.47 3.06 -41.83
CA TRP B 405 -4.78 2.63 -43.19
C TRP B 405 -4.56 3.79 -44.13
N GLN B 406 -4.46 3.47 -45.41
CA GLN B 406 -4.49 4.46 -46.47
C GLN B 406 -5.85 4.42 -47.13
N ASP B 407 -6.34 5.61 -47.53
CA ASP B 407 -7.56 5.67 -48.31
C ASP B 407 -7.25 5.24 -49.74
N ARG B 408 -8.27 5.19 -50.58
CA ARG B 408 -8.08 4.84 -51.97
C ARG B 408 -7.51 6.03 -52.72
N ASP B 409 -6.72 5.74 -53.75
CA ASP B 409 -6.07 6.79 -54.53
C ASP B 409 -7.07 7.41 -55.50
N VAL B 410 -6.82 8.66 -55.86
CA VAL B 410 -7.62 9.35 -56.84
C VAL B 410 -7.19 8.98 -58.26
N ASP C 17 33.78 26.45 -24.04
CA ASP C 17 33.94 27.45 -23.00
C ASP C 17 35.28 27.31 -22.30
N GLY C 18 35.65 26.07 -21.98
CA GLY C 18 36.96 25.81 -21.41
C GLY C 18 37.25 24.33 -21.35
N VAL C 19 38.54 24.01 -21.36
CA VAL C 19 38.94 22.60 -21.26
C VAL C 19 38.91 22.16 -19.80
N GLY C 20 39.38 23.00 -18.89
CA GLY C 20 39.46 22.71 -17.49
C GLY C 20 38.32 23.25 -16.64
N SER C 21 37.17 23.52 -17.24
CA SER C 21 35.98 23.94 -16.52
C SER C 21 34.80 23.12 -17.03
N SER C 22 34.06 22.54 -16.09
CA SER C 22 32.92 21.69 -16.42
C SER C 22 31.83 22.49 -17.10
N SER C 23 31.09 21.85 -18.00
CA SER C 23 30.05 22.50 -18.76
C SER C 23 28.65 22.28 -18.21
N GLY C 24 28.50 21.49 -17.15
CA GLY C 24 27.17 21.25 -16.60
C GLY C 24 27.26 20.46 -15.31
N ASN C 25 26.19 20.56 -14.52
CA ASN C 25 26.08 19.89 -13.24
C ASN C 25 25.16 18.68 -13.36
N TRP C 26 25.03 17.97 -12.24
CA TRP C 26 24.29 16.73 -12.17
C TRP C 26 22.91 17.02 -11.59
N HIS C 27 21.86 16.74 -12.36
CA HIS C 27 20.49 16.95 -11.90
C HIS C 27 19.74 15.62 -11.91
N CYS C 28 19.48 15.08 -10.74
CA CYS C 28 18.52 13.99 -10.56
C CYS C 28 17.69 14.29 -9.34
N ASP C 29 16.38 14.44 -9.52
CA ASP C 29 15.41 14.47 -8.45
C ASP C 29 14.03 14.73 -9.03
N SER C 30 13.00 14.67 -8.20
CA SER C 30 11.64 14.98 -8.60
C SER C 30 11.06 16.04 -7.68
N GLN C 31 10.38 17.00 -8.29
CA GLN C 31 9.61 18.01 -7.56
C GLN C 31 8.14 17.66 -7.73
N TRP C 32 7.42 17.56 -6.62
CA TRP C 32 5.97 17.39 -6.65
C TRP C 32 5.36 18.74 -6.33
N LEU C 33 4.87 19.43 -7.36
CA LEU C 33 4.39 20.79 -7.20
C LEU C 33 2.90 20.81 -7.51
N GLY C 34 2.08 20.90 -6.48
CA GLY C 34 0.64 20.99 -6.70
C GLY C 34 0.11 19.87 -7.57
N ASP C 35 -0.47 20.27 -8.69
CA ASP C 35 -1.05 19.39 -9.69
C ASP C 35 -0.04 18.84 -10.67
N ARG C 36 1.25 19.10 -10.49
CA ARG C 36 2.27 18.77 -11.48
C ARG C 36 3.43 18.04 -10.82
N VAL C 37 4.15 17.27 -11.63
CA VAL C 37 5.38 16.61 -11.23
C VAL C 37 6.47 17.03 -12.20
N ILE C 38 7.69 17.17 -11.71
CA ILE C 38 8.84 17.44 -12.56
C ILE C 38 9.90 16.40 -12.24
N THR C 39 10.20 15.54 -13.20
CA THR C 39 11.23 14.53 -13.04
C THR C 39 12.48 14.95 -13.80
N THR C 40 13.64 14.68 -13.19
CA THR C 40 14.92 15.00 -13.78
C THR C 40 15.89 13.86 -13.51
N SER C 41 16.53 13.36 -14.57
CA SER C 41 17.46 12.24 -14.48
C SER C 41 18.73 12.59 -15.23
N THR C 42 19.88 12.31 -14.61
CA THR C 42 21.17 12.52 -15.24
C THR C 42 21.95 11.22 -15.25
N ARG C 43 22.53 10.88 -16.39
CA ARG C 43 23.21 9.61 -16.58
C ARG C 43 24.60 9.84 -17.18
N THR C 44 25.49 8.88 -16.96
CA THR C 44 26.81 8.85 -17.57
C THR C 44 26.81 7.84 -18.71
N TRP C 45 27.29 8.24 -19.88
CA TRP C 45 27.22 7.42 -21.07
C TRP C 45 28.60 7.27 -21.73
N ALA C 46 28.68 6.31 -22.64
CA ALA C 46 29.85 6.11 -23.49
C ALA C 46 29.38 5.77 -24.90
N LEU C 47 29.94 6.45 -25.90
CA LEU C 47 29.61 6.18 -27.29
C LEU C 47 30.81 5.63 -28.02
N PRO C 48 30.74 4.41 -28.56
CA PRO C 48 31.83 3.89 -29.40
C PRO C 48 31.62 4.31 -30.84
N THR C 49 32.49 3.81 -31.72
CA THR C 49 32.34 3.97 -33.16
C THR C 49 31.78 2.67 -33.74
N TYR C 50 30.77 2.80 -34.60
CA TYR C 50 30.10 1.65 -35.17
C TYR C 50 30.42 1.51 -36.65
N ASN C 51 30.63 0.26 -37.09
CA ASN C 51 30.83 -0.10 -38.49
C ASN C 51 32.08 0.52 -39.10
N ASN C 52 33.08 0.87 -38.27
CA ASN C 52 34.27 1.59 -38.73
C ASN C 52 33.88 2.85 -39.50
N HIS C 53 33.01 3.66 -38.90
CA HIS C 53 32.55 4.93 -39.45
C HIS C 53 31.78 4.76 -40.75
N LEU C 54 31.18 3.60 -41.00
CA LEU C 54 30.59 3.30 -42.30
C LEU C 54 29.09 3.04 -42.20
N TYR C 55 28.42 3.17 -43.33
CA TYR C 55 27.11 2.57 -43.56
C TYR C 55 27.29 1.22 -44.20
N LYS C 56 26.56 0.22 -43.70
CA LYS C 56 26.64 -1.11 -44.30
C LYS C 56 25.23 -1.66 -44.51
N GLN C 57 24.88 -1.87 -45.78
CA GLN C 57 23.59 -2.41 -46.16
C GLN C 57 23.35 -3.77 -45.54
N ILE C 58 22.18 -3.96 -44.94
CA ILE C 58 21.85 -5.19 -44.24
C ILE C 58 20.57 -5.79 -44.80
N SER C 59 20.60 -7.10 -45.01
CA SER C 59 19.43 -7.87 -45.42
C SER C 59 19.41 -9.15 -44.60
N ASN C 60 18.39 -9.97 -44.82
CA ASN C 60 18.21 -11.17 -44.03
C ASN C 60 19.11 -12.30 -44.49
N SER C 61 19.27 -12.44 -45.82
CA SER C 61 20.10 -13.50 -46.36
C SER C 61 21.56 -13.35 -45.96
N THR C 62 21.95 -12.14 -45.55
CA THR C 62 23.25 -11.99 -44.90
C THR C 62 23.41 -12.93 -43.73
N SER C 63 22.36 -13.05 -42.90
CA SER C 63 22.34 -14.01 -41.81
C SER C 63 21.66 -15.32 -42.19
N GLY C 64 21.26 -15.49 -43.45
CA GLY C 64 20.75 -16.74 -43.97
C GLY C 64 19.27 -16.75 -44.28
N GLY C 65 18.50 -15.79 -43.76
CA GLY C 65 17.14 -15.57 -44.22
C GLY C 65 16.21 -16.76 -44.23
N SER C 66 16.01 -17.37 -43.06
CA SER C 66 15.20 -18.59 -43.00
C SER C 66 13.77 -18.39 -43.52
N SER C 67 13.02 -17.45 -42.95
CA SER C 67 11.60 -17.32 -43.24
C SER C 67 11.34 -16.03 -43.99
N ASN C 68 10.28 -16.03 -44.81
CA ASN C 68 9.83 -14.79 -45.43
C ASN C 68 9.13 -13.89 -44.43
N ASP C 69 8.65 -14.45 -43.32
CA ASP C 69 8.08 -13.64 -42.26
C ASP C 69 9.14 -12.76 -41.62
N ASN C 70 10.39 -13.21 -41.62
CA ASN C 70 11.52 -12.47 -41.06
C ASN C 70 12.30 -11.68 -42.09
N ALA C 71 11.92 -11.75 -43.37
CA ALA C 71 12.71 -11.13 -44.42
C ALA C 71 12.63 -9.61 -44.34
N TYR C 72 13.80 -8.98 -44.30
CA TYR C 72 13.89 -7.54 -44.09
C TYR C 72 14.96 -6.96 -45.00
N PHE C 73 14.92 -5.64 -45.16
CA PHE C 73 15.93 -4.89 -45.89
C PHE C 73 16.14 -3.54 -45.23
N GLY C 74 17.39 -3.17 -45.05
CA GLY C 74 17.69 -1.88 -44.45
C GLY C 74 19.18 -1.64 -44.38
N TYR C 75 19.57 -0.69 -43.53
CA TYR C 75 20.97 -0.30 -43.41
C TYR C 75 21.34 -0.17 -41.94
N SER C 76 22.64 -0.10 -41.67
CA SER C 76 23.17 0.30 -40.38
C SER C 76 23.99 1.57 -40.55
N THR C 77 24.08 2.36 -39.50
CA THR C 77 24.69 3.68 -39.57
C THR C 77 25.84 3.79 -38.58
N PRO C 78 26.77 4.73 -38.80
CA PRO C 78 27.75 5.04 -37.76
C PRO C 78 27.16 5.77 -36.56
N TRP C 79 25.98 6.36 -36.70
CA TRP C 79 25.40 7.20 -35.67
C TRP C 79 24.81 6.38 -34.52
N GLY C 80 24.83 6.97 -33.33
CA GLY C 80 24.06 6.47 -32.21
C GLY C 80 22.87 7.39 -31.93
N TYR C 81 22.07 6.97 -30.96
CA TYR C 81 20.94 7.80 -30.54
C TYR C 81 20.63 7.53 -29.08
N PHE C 82 19.88 8.45 -28.47
CA PHE C 82 19.45 8.30 -27.09
C PHE C 82 17.98 7.87 -27.03
N ASP C 83 17.69 6.92 -26.14
CA ASP C 83 16.33 6.46 -25.90
C ASP C 83 16.07 6.53 -24.40
N PHE C 84 15.24 7.49 -23.98
CA PHE C 84 14.73 7.59 -22.62
C PHE C 84 13.27 7.13 -22.48
N ASN C 85 12.72 6.47 -23.50
CA ASN C 85 11.29 6.19 -23.64
C ASN C 85 10.71 5.29 -22.53
N ARG C 86 11.48 4.74 -21.59
CA ARG C 86 10.91 3.88 -20.55
C ARG C 86 10.74 4.66 -19.25
N PHE C 87 9.68 4.32 -18.50
CA PHE C 87 9.34 5.10 -17.30
C PHE C 87 10.41 5.03 -16.22
N HIS C 88 11.07 3.89 -16.03
CA HIS C 88 12.06 3.82 -14.96
C HIS C 88 13.23 4.76 -15.19
N CYS C 89 13.34 5.35 -16.37
CA CYS C 89 14.32 6.41 -16.58
C CYS C 89 14.00 7.62 -15.69
N HIS C 90 12.75 8.07 -15.71
CA HIS C 90 12.36 9.32 -15.08
C HIS C 90 11.80 9.16 -13.67
N PHE C 91 11.48 7.96 -13.23
CA PHE C 91 10.78 7.75 -11.96
C PHE C 91 11.52 6.72 -11.12
N SER C 92 11.87 7.11 -9.90
CA SER C 92 12.33 6.14 -8.93
C SER C 92 11.14 5.27 -8.50
N PRO C 93 11.41 4.07 -8.00
CA PRO C 93 10.31 3.25 -7.48
C PRO C 93 9.45 3.96 -6.44
N ARG C 94 10.03 4.85 -5.64
CA ARG C 94 9.23 5.61 -4.70
C ARG C 94 8.41 6.69 -5.40
N ASP C 95 9.03 7.41 -6.34
CA ASP C 95 8.27 8.38 -7.12
C ASP C 95 7.12 7.72 -7.86
N TRP C 96 7.35 6.52 -8.35
CA TRP C 96 6.31 5.81 -9.07
C TRP C 96 5.19 5.51 -8.08
N GLN C 97 5.56 5.10 -6.87
CA GLN C 97 4.58 4.79 -5.86
C GLN C 97 3.75 5.98 -5.44
N ARG C 98 4.37 7.15 -5.31
CA ARG C 98 3.64 8.36 -4.93
C ARG C 98 2.63 8.70 -5.99
N LEU C 99 3.04 8.58 -7.24
CA LEU C 99 2.20 8.86 -8.39
C LEU C 99 1.00 7.94 -8.56
N ILE C 100 1.20 6.64 -8.35
CA ILE C 100 0.11 5.67 -8.56
C ILE C 100 -0.89 5.53 -7.43
N ASN C 101 -0.49 5.79 -6.20
CA ASN C 101 -1.43 5.66 -5.09
C ASN C 101 -2.26 6.92 -4.92
N ASN C 102 -1.74 8.06 -5.37
CA ASN C 102 -2.39 9.34 -5.11
C ASN C 102 -3.16 9.92 -6.28
N ASN C 103 -3.11 9.30 -7.46
CA ASN C 103 -3.56 10.00 -8.67
C ASN C 103 -4.43 9.12 -9.54
N TRP C 104 -5.46 9.74 -10.12
CA TRP C 104 -6.31 9.13 -11.13
C TRP C 104 -5.77 9.22 -12.54
N GLY C 105 -4.82 10.12 -12.82
CA GLY C 105 -4.32 10.23 -14.18
C GLY C 105 -3.14 11.17 -14.28
N PHE C 106 -2.38 11.00 -15.37
CA PHE C 106 -1.21 11.81 -15.61
C PHE C 106 -0.93 11.83 -17.11
N ARG C 107 -0.04 12.73 -17.51
CA ARG C 107 0.36 12.92 -18.91
C ARG C 107 1.48 13.94 -18.99
N PRO C 108 2.39 13.79 -19.95
CA PRO C 108 3.52 14.72 -20.04
C PRO C 108 3.10 16.08 -20.58
N LYS C 109 3.94 17.07 -20.28
CA LYS C 109 3.71 18.44 -20.74
C LYS C 109 4.90 18.98 -21.51
N ARG C 110 6.04 19.17 -20.84
CA ARG C 110 7.25 19.68 -21.46
C ARG C 110 8.37 18.66 -21.30
N LEU C 111 9.32 18.71 -22.22
CA LEU C 111 10.51 17.87 -22.20
C LEU C 111 11.73 18.76 -22.21
N ASN C 112 12.81 18.29 -21.60
CA ASN C 112 14.04 19.07 -21.52
C ASN C 112 15.21 18.09 -21.58
N PHE C 113 16.28 18.47 -22.29
CA PHE C 113 17.37 17.56 -22.58
C PHE C 113 18.68 18.32 -22.57
N LYS C 114 19.72 17.71 -22.03
CA LYS C 114 21.06 18.29 -22.01
C LYS C 114 22.12 17.22 -22.21
N LEU C 115 23.12 17.56 -23.00
CA LEU C 115 24.26 16.69 -23.28
C LEU C 115 25.51 17.51 -23.02
N PHE C 116 26.27 17.16 -21.97
CA PHE C 116 27.29 18.08 -21.47
C PHE C 116 28.47 17.29 -20.93
N ASN C 117 29.48 18.03 -20.49
CA ASN C 117 30.73 17.49 -19.92
C ASN C 117 31.30 16.38 -20.80
N ILE C 118 31.43 16.69 -22.09
CA ILE C 118 31.86 15.70 -23.07
C ILE C 118 33.35 15.43 -22.91
N GLN C 119 33.75 14.19 -23.16
CA GLN C 119 35.16 13.81 -23.19
C GLN C 119 35.35 12.89 -24.38
N VAL C 120 36.51 12.98 -25.03
CA VAL C 120 36.85 12.10 -26.13
C VAL C 120 38.19 11.45 -25.84
N LYS C 121 38.29 10.15 -26.08
CA LYS C 121 39.48 9.38 -25.75
C LYS C 121 40.04 8.73 -27.01
N GLU C 122 41.34 8.93 -27.24
CA GLU C 122 42.06 8.21 -28.27
C GLU C 122 42.54 6.87 -27.70
N VAL C 123 42.27 5.80 -28.42
CA VAL C 123 42.61 4.47 -27.92
C VAL C 123 44.00 4.06 -28.41
N ILE C 132 44.88 4.33 -23.96
CA ILE C 132 43.73 5.23 -23.90
C ILE C 132 44.16 6.58 -23.35
N ALA C 133 44.13 7.60 -24.19
CA ALA C 133 44.60 8.92 -23.84
C ALA C 133 43.57 9.96 -24.24
N ASN C 134 43.78 11.19 -23.78
CA ASN C 134 42.84 12.26 -24.08
C ASN C 134 43.16 12.90 -25.41
N ASN C 135 42.15 12.99 -26.27
CA ASN C 135 42.22 13.76 -27.50
C ASN C 135 41.35 15.00 -27.27
N LEU C 136 42.00 16.15 -27.09
CA LEU C 136 41.26 17.35 -26.74
C LEU C 136 40.70 18.08 -27.95
N THR C 137 41.15 17.72 -29.16
CA THR C 137 40.71 18.38 -30.38
C THR C 137 39.59 17.65 -31.11
N SER C 138 39.20 16.47 -30.64
CA SER C 138 38.13 15.71 -31.28
C SER C 138 36.77 16.31 -30.97
N THR C 139 35.79 15.95 -31.79
CA THR C 139 34.44 16.46 -31.69
C THR C 139 33.43 15.32 -31.65
N VAL C 140 32.20 15.66 -31.24
CA VAL C 140 31.05 14.79 -31.27
C VAL C 140 29.91 15.54 -31.95
N GLN C 141 29.26 14.89 -32.91
CA GLN C 141 28.17 15.52 -33.65
C GLN C 141 26.83 15.00 -33.17
N VAL C 142 25.91 15.92 -32.89
CA VAL C 142 24.58 15.59 -32.37
C VAL C 142 23.55 16.45 -33.08
N PHE C 143 22.41 15.84 -33.42
CA PHE C 143 21.30 16.60 -33.97
C PHE C 143 20.00 15.89 -33.63
N THR C 144 18.94 16.67 -33.50
CA THR C 144 17.60 16.16 -33.29
C THR C 144 16.81 16.29 -34.59
N ASP C 145 15.92 15.33 -34.83
CA ASP C 145 15.08 15.37 -36.03
C ASP C 145 13.74 15.94 -35.59
N SER C 146 13.54 17.23 -35.85
CA SER C 146 12.33 17.92 -35.42
C SER C 146 11.30 18.07 -36.52
N ASP C 147 11.64 17.74 -37.76
CA ASP C 147 10.66 17.60 -38.83
C ASP C 147 10.28 16.14 -39.07
N TYR C 148 10.84 15.23 -38.28
CA TYR C 148 10.48 13.81 -38.31
C TYR C 148 10.70 13.24 -39.71
N GLN C 149 11.83 13.61 -40.31
CA GLN C 149 12.18 13.17 -41.65
C GLN C 149 12.85 11.81 -41.67
N LEU C 150 13.43 11.38 -40.57
CA LEU C 150 14.07 10.08 -40.51
C LEU C 150 13.10 9.01 -40.07
N PRO C 151 13.38 7.76 -40.40
CA PRO C 151 12.65 6.64 -39.78
C PRO C 151 12.73 6.72 -38.27
N TYR C 152 11.57 6.61 -37.62
CA TYR C 152 11.45 6.81 -36.19
C TYR C 152 11.38 5.44 -35.53
N VAL C 153 12.48 5.04 -34.88
CA VAL C 153 12.62 3.71 -34.30
C VAL C 153 12.36 3.69 -32.80
N LEU C 154 12.07 4.83 -32.21
CA LEU C 154 11.84 4.93 -30.77
C LEU C 154 10.57 4.28 -30.22
N GLY C 155 9.65 3.91 -31.11
CA GLY C 155 8.40 3.29 -30.69
C GLY C 155 8.39 1.78 -30.81
N SER C 156 9.54 1.19 -31.06
CA SER C 156 9.66 -0.26 -31.24
C SER C 156 10.01 -1.07 -30.01
N ALA C 157 10.01 -0.43 -28.84
CA ALA C 157 10.31 -1.06 -27.55
C ALA C 157 11.69 -1.73 -27.46
N HIS C 158 12.68 -1.09 -28.07
CA HIS C 158 14.04 -1.61 -28.06
C HIS C 158 14.82 -1.38 -26.78
N GLU C 159 15.86 -2.20 -26.61
CA GLU C 159 16.79 -2.15 -25.49
C GLU C 159 17.76 -0.97 -25.69
N GLY C 160 18.47 -0.56 -24.64
CA GLY C 160 19.38 0.57 -24.78
C GLY C 160 18.90 1.85 -24.13
N CYS C 161 17.88 1.73 -23.29
CA CYS C 161 17.30 2.84 -22.56
C CYS C 161 18.25 3.35 -21.46
N LEU C 162 18.05 4.59 -21.03
CA LEU C 162 18.85 5.11 -19.94
C LEU C 162 18.53 4.21 -18.76
N PRO C 163 19.57 3.74 -18.07
CA PRO C 163 19.33 2.79 -16.98
C PRO C 163 18.43 3.31 -15.87
N PRO C 164 17.60 2.41 -15.30
CA PRO C 164 16.76 2.86 -14.18
C PRO C 164 17.54 3.34 -12.99
N PHE C 165 18.68 2.73 -12.69
CA PHE C 165 19.43 3.10 -11.50
C PHE C 165 20.50 4.10 -11.86
N PRO C 166 20.43 5.32 -11.34
CA PRO C 166 21.25 6.42 -11.88
C PRO C 166 22.75 6.20 -11.79
N ALA C 167 23.23 5.26 -10.99
CA ALA C 167 24.66 5.00 -10.92
C ALA C 167 25.16 4.08 -12.03
N ASP C 168 24.28 3.60 -12.89
CA ASP C 168 24.69 2.75 -14.00
C ASP C 168 25.12 3.60 -15.19
N VAL C 169 26.30 3.25 -15.74
CA VAL C 169 26.82 3.89 -16.93
C VAL C 169 26.43 3.01 -18.11
N PHE C 170 25.89 3.62 -19.15
CA PHE C 170 25.26 2.86 -20.22
C PHE C 170 25.91 3.17 -21.56
N MET C 171 25.65 2.29 -22.51
CA MET C 171 26.23 2.36 -23.85
C MET C 171 25.15 2.78 -24.84
N ILE C 172 25.46 3.80 -25.63
CA ILE C 172 24.50 4.31 -26.59
C ILE C 172 24.20 3.24 -27.63
N PRO C 173 22.93 2.99 -27.95
CA PRO C 173 22.60 2.00 -28.97
C PRO C 173 22.87 2.51 -30.38
N GLN C 174 23.36 1.60 -31.22
CA GLN C 174 23.61 1.92 -32.61
C GLN C 174 22.31 2.10 -33.37
N TYR C 175 22.22 3.22 -34.10
CA TYR C 175 21.04 3.52 -34.88
C TYR C 175 21.02 2.71 -36.16
N GLY C 176 19.81 2.40 -36.63
CA GLY C 176 19.62 1.67 -37.87
C GLY C 176 18.15 1.74 -38.21
N TYR C 177 17.85 1.38 -39.47
CA TYR C 177 16.48 1.46 -39.93
C TYR C 177 16.26 0.45 -41.04
N LEU C 178 14.99 0.20 -41.34
CA LEU C 178 14.57 -0.68 -42.41
C LEU C 178 13.77 0.10 -43.44
N THR C 179 13.68 -0.46 -44.64
CA THR C 179 12.87 0.10 -45.71
C THR C 179 12.20 -1.05 -46.45
N LEU C 180 11.59 -0.74 -47.58
CA LEU C 180 10.82 -1.74 -48.31
C LEU C 180 11.72 -2.87 -48.79
N ASN C 181 11.12 -4.03 -49.03
CA ASN C 181 11.85 -5.18 -49.51
C ASN C 181 10.91 -6.12 -50.26
N ASP C 182 11.50 -6.88 -51.19
CA ASP C 182 10.90 -8.11 -51.69
C ASP C 182 11.89 -9.22 -51.40
N GLY C 183 11.53 -10.12 -50.48
CA GLY C 183 12.53 -11.02 -49.95
C GLY C 183 13.65 -10.21 -49.33
N SER C 184 14.89 -10.59 -49.62
CA SER C 184 16.05 -9.82 -49.15
C SER C 184 16.39 -8.65 -50.06
N GLN C 185 15.87 -8.63 -51.28
CA GLN C 185 16.19 -7.57 -52.24
C GLN C 185 15.43 -6.29 -51.89
N ALA C 186 15.93 -5.18 -52.45
CA ALA C 186 15.20 -3.92 -52.38
C ALA C 186 14.18 -3.84 -53.52
N VAL C 187 13.53 -2.68 -53.62
CA VAL C 187 12.61 -2.39 -54.70
C VAL C 187 12.88 -0.97 -55.20
N GLY C 188 12.05 -0.53 -56.14
CA GLY C 188 12.23 0.79 -56.72
C GLY C 188 11.81 1.90 -55.77
N ARG C 189 10.92 1.59 -54.84
CA ARG C 189 10.42 2.62 -53.94
C ARG C 189 11.22 2.67 -52.63
N SER C 190 12.17 1.76 -52.46
CA SER C 190 12.98 1.74 -51.24
C SER C 190 13.75 3.04 -51.10
N SER C 191 14.04 3.41 -49.85
CA SER C 191 14.70 4.66 -49.55
C SER C 191 16.04 4.41 -48.87
N PHE C 192 16.93 5.40 -48.99
CA PHE C 192 18.21 5.41 -48.30
C PHE C 192 18.47 6.81 -47.78
N TYR C 193 18.75 6.91 -46.49
CA TYR C 193 18.91 8.18 -45.80
C TYR C 193 20.36 8.31 -45.35
N CYS C 194 20.94 9.49 -45.57
CA CYS C 194 22.28 9.80 -45.10
C CYS C 194 22.16 10.83 -43.99
N LEU C 195 22.46 10.42 -42.76
CA LEU C 195 22.32 11.32 -41.63
C LEU C 195 23.33 12.45 -41.66
N GLU C 196 24.33 12.39 -42.54
CA GLU C 196 25.23 13.52 -42.74
C GLU C 196 24.55 14.66 -43.48
N TYR C 197 23.38 14.40 -44.05
CA TYR C 197 22.66 15.35 -44.88
C TYR C 197 21.75 16.27 -44.05
N PHE C 198 21.84 16.16 -42.71
CA PHE C 198 21.21 16.93 -41.65
C PHE C 198 22.23 17.81 -40.95
N PRO C 199 21.99 19.12 -40.90
CA PRO C 199 22.92 20.00 -40.16
C PRO C 199 22.90 19.69 -38.67
N SER C 200 24.09 19.59 -38.10
CA SER C 200 24.23 19.17 -36.71
C SER C 200 25.27 20.03 -36.02
N GLN C 201 25.34 19.90 -34.70
CA GLN C 201 26.27 20.66 -33.88
C GLN C 201 27.47 19.79 -33.54
N MET C 202 28.64 20.43 -33.46
CA MET C 202 29.89 19.75 -33.15
C MET C 202 30.37 20.21 -31.79
N LEU C 203 30.73 19.27 -30.93
CA LEU C 203 30.98 19.53 -29.51
C LEU C 203 32.39 19.09 -29.14
N ARG C 204 33.14 19.99 -28.52
CA ARG C 204 34.42 19.64 -27.92
C ARG C 204 34.29 19.62 -26.40
N THR C 205 35.40 19.36 -25.72
CA THR C 205 35.38 19.10 -24.29
C THR C 205 34.81 20.26 -23.48
N GLY C 206 34.68 21.45 -24.07
CA GLY C 206 34.03 22.55 -23.39
C GLY C 206 32.63 22.84 -23.84
N ASN C 207 32.19 22.22 -24.93
CA ASN C 207 30.87 22.44 -25.48
C ASN C 207 29.82 21.58 -24.77
N ASN C 208 28.57 22.06 -24.81
CA ASN C 208 27.42 21.30 -24.36
C ASN C 208 26.31 21.38 -25.40
N PHE C 209 25.32 20.52 -25.26
CA PHE C 209 24.19 20.47 -26.16
C PHE C 209 22.90 20.35 -25.35
N GLN C 210 21.88 21.08 -25.76
CA GLN C 210 20.60 21.05 -25.07
C GLN C 210 19.48 21.52 -25.99
N PHE C 211 18.26 21.11 -25.68
CA PHE C 211 17.08 21.66 -26.33
C PHE C 211 15.88 21.43 -25.43
N SER C 212 14.80 22.14 -25.74
CA SER C 212 13.53 21.97 -25.05
C SER C 212 12.47 21.48 -26.02
N TYR C 213 11.60 20.62 -25.53
CA TYR C 213 10.53 20.04 -26.33
C TYR C 213 9.19 20.29 -25.64
N GLU C 214 8.13 20.30 -26.45
CA GLU C 214 6.77 20.52 -25.97
C GLU C 214 5.92 19.33 -26.43
N PHE C 215 5.42 18.56 -25.47
CA PHE C 215 4.53 17.46 -25.81
C PHE C 215 3.23 17.98 -26.41
N GLU C 216 2.75 17.30 -27.44
CA GLU C 216 1.44 17.66 -27.97
C GLU C 216 0.36 17.07 -27.09
N ASN C 217 -0.76 17.79 -27.00
CA ASN C 217 -1.78 17.46 -26.03
C ASN C 217 -2.34 16.06 -26.27
N VAL C 218 -2.29 15.24 -25.22
CA VAL C 218 -2.79 13.87 -25.26
C VAL C 218 -3.76 13.69 -24.11
N PRO C 219 -4.60 12.65 -24.15
CA PRO C 219 -5.48 12.37 -23.01
C PRO C 219 -4.71 11.76 -21.85
N PHE C 220 -5.16 12.06 -20.64
CA PHE C 220 -4.55 11.54 -19.43
C PHE C 220 -4.61 10.02 -19.41
N HIS C 221 -3.54 9.39 -18.97
CA HIS C 221 -3.53 7.94 -18.84
C HIS C 221 -4.41 7.65 -17.63
N SER C 222 -5.19 6.59 -17.67
CA SER C 222 -6.03 6.31 -16.53
C SER C 222 -5.38 5.38 -15.51
N SER C 223 -4.85 5.95 -14.44
CA SER C 223 -4.24 5.15 -13.39
C SER C 223 -5.25 4.80 -12.31
N TYR C 224 -6.30 4.09 -12.68
CA TYR C 224 -7.33 3.69 -11.75
C TYR C 224 -8.02 2.46 -12.28
N ALA C 225 -8.74 1.76 -11.41
CA ALA C 225 -9.48 0.58 -11.80
C ALA C 225 -10.94 0.83 -11.48
N HIS C 226 -11.84 0.46 -12.37
CA HIS C 226 -13.25 0.69 -12.12
C HIS C 226 -13.75 -0.12 -10.94
N SER C 227 -14.59 0.49 -10.12
CA SER C 227 -15.14 -0.18 -8.95
C SER C 227 -16.47 -0.85 -9.27
N GLN C 228 -16.92 -0.70 -10.51
CA GLN C 228 -18.15 -1.28 -10.98
C GLN C 228 -17.87 -1.93 -12.32
N SER C 229 -18.63 -2.97 -12.65
CA SER C 229 -18.47 -3.63 -13.94
C SER C 229 -19.45 -3.02 -14.91
N LEU C 230 -19.20 -3.18 -16.20
CA LEU C 230 -20.07 -2.59 -17.22
C LEU C 230 -21.49 -3.14 -17.17
N ASP C 231 -21.65 -4.37 -16.72
CA ASP C 231 -22.96 -5.01 -16.71
C ASP C 231 -23.73 -4.83 -15.40
N ARG C 232 -23.09 -4.33 -14.34
CA ARG C 232 -23.71 -4.14 -13.04
C ARG C 232 -24.15 -2.71 -12.75
N LEU C 233 -24.10 -1.81 -13.73
CA LEU C 233 -24.36 -0.39 -13.50
C LEU C 233 -25.78 -0.09 -13.02
N MET C 234 -26.65 -1.08 -12.96
CA MET C 234 -28.08 -0.92 -12.67
C MET C 234 -28.32 -0.61 -11.19
N ASN C 235 -29.52 -0.11 -10.92
CA ASN C 235 -30.06 -0.09 -9.56
C ASN C 235 -30.52 -1.49 -9.18
N PRO C 236 -29.91 -2.12 -8.17
CA PRO C 236 -30.30 -3.49 -7.81
C PRO C 236 -31.67 -3.62 -7.18
N LEU C 237 -32.30 -2.53 -6.74
CA LEU C 237 -33.55 -2.62 -6.01
C LEU C 237 -34.80 -2.43 -6.85
N ILE C 238 -34.68 -2.12 -8.14
CA ILE C 238 -35.83 -1.69 -8.93
C ILE C 238 -35.93 -2.54 -10.19
N ASP C 239 -37.17 -2.78 -10.62
CA ASP C 239 -37.43 -3.39 -11.91
C ASP C 239 -37.26 -2.38 -13.03
N GLN C 240 -36.96 -2.90 -14.22
CA GLN C 240 -37.05 -2.08 -15.42
C GLN C 240 -38.49 -2.06 -15.93
N TYR C 241 -38.87 -0.93 -16.53
CA TYR C 241 -40.10 -0.90 -17.31
C TYR C 241 -39.96 -1.65 -18.63
N LEU C 242 -38.78 -2.14 -18.96
CA LEU C 242 -38.59 -2.94 -20.16
C LEU C 242 -39.07 -4.37 -19.92
N TYR C 243 -39.38 -5.05 -21.03
CA TYR C 243 -39.78 -6.45 -21.01
C TYR C 243 -38.87 -7.24 -21.93
N TYR C 244 -38.74 -8.53 -21.65
CA TYR C 244 -37.95 -9.45 -22.45
C TYR C 244 -38.73 -10.74 -22.62
N LEU C 245 -38.28 -11.60 -23.53
CA LEU C 245 -39.02 -12.81 -23.86
C LEU C 245 -38.52 -13.92 -22.95
N SER C 246 -39.36 -14.29 -21.98
CA SER C 246 -38.93 -15.29 -21.01
C SER C 246 -39.14 -16.72 -21.51
N LYS C 247 -40.34 -17.03 -22.02
CA LYS C 247 -40.69 -18.38 -22.43
C LYS C 247 -41.08 -18.41 -23.89
N THR C 248 -40.56 -19.39 -24.63
CA THR C 248 -41.05 -19.66 -25.97
C THR C 248 -42.00 -20.86 -26.04
N ILE C 249 -42.22 -21.58 -24.94
CA ILE C 249 -43.13 -22.71 -24.92
C ILE C 249 -43.80 -22.82 -23.56
N ASN C 250 -44.96 -23.48 -23.54
CA ASN C 250 -45.67 -23.73 -22.29
C ASN C 250 -45.10 -24.94 -21.56
N GLY C 251 -44.78 -26.00 -22.29
CA GLY C 251 -44.28 -27.22 -21.67
C GLY C 251 -43.78 -28.19 -22.72
N SER C 252 -43.57 -29.42 -22.29
CA SER C 252 -43.05 -30.44 -23.18
C SER C 252 -44.19 -31.22 -23.83
N GLY C 253 -44.17 -31.28 -25.15
CA GLY C 253 -45.18 -31.94 -25.93
C GLY C 253 -45.13 -31.46 -27.36
N GLN C 254 -46.25 -31.58 -28.05
CA GLN C 254 -46.37 -31.12 -29.42
C GLN C 254 -47.08 -29.77 -29.45
N ASN C 255 -46.62 -28.89 -30.32
CA ASN C 255 -47.29 -27.62 -30.62
C ASN C 255 -47.45 -26.76 -29.36
N GLN C 256 -46.38 -26.67 -28.57
CA GLN C 256 -46.39 -25.93 -27.32
C GLN C 256 -45.95 -24.47 -27.49
N GLN C 257 -45.76 -24.01 -28.72
CA GLN C 257 -45.25 -22.67 -28.96
C GLN C 257 -46.10 -21.61 -28.28
N THR C 258 -45.42 -20.68 -27.61
CA THR C 258 -46.07 -19.52 -27.02
C THR C 258 -45.03 -18.42 -26.85
N LEU C 259 -45.51 -17.20 -26.65
CA LEU C 259 -44.65 -16.05 -26.40
C LEU C 259 -44.97 -15.47 -25.04
N LYS C 260 -44.03 -15.60 -24.10
CA LYS C 260 -44.18 -15.02 -22.77
C LYS C 260 -43.16 -13.91 -22.60
N PHE C 261 -43.52 -12.93 -21.78
CA PHE C 261 -42.67 -11.78 -21.53
C PHE C 261 -42.66 -11.47 -20.05
N SER C 262 -41.50 -11.10 -19.54
CA SER C 262 -41.33 -10.86 -18.12
C SER C 262 -40.61 -9.54 -17.90
N VAL C 263 -40.64 -9.07 -16.66
CA VAL C 263 -39.97 -7.82 -16.32
C VAL C 263 -38.52 -8.11 -15.96
N ALA C 264 -37.61 -7.38 -16.59
CA ALA C 264 -36.20 -7.47 -16.23
C ALA C 264 -35.98 -6.72 -14.93
N GLY C 265 -35.40 -7.40 -13.94
CA GLY C 265 -35.36 -6.89 -12.60
C GLY C 265 -34.22 -7.47 -11.79
N PRO C 266 -34.23 -7.20 -10.49
CA PRO C 266 -33.13 -7.66 -9.63
C PRO C 266 -32.85 -9.15 -9.74
N SER C 267 -33.90 -9.98 -9.80
CA SER C 267 -33.70 -11.42 -9.70
C SER C 267 -33.04 -11.98 -10.94
N ASN C 268 -33.17 -11.28 -12.08
CA ASN C 268 -32.46 -11.64 -13.30
C ASN C 268 -31.76 -10.38 -13.82
N MET C 269 -30.44 -10.33 -13.68
CA MET C 269 -29.72 -9.14 -14.14
C MET C 269 -29.07 -9.37 -15.50
N ALA C 270 -29.16 -10.59 -16.02
CA ALA C 270 -28.46 -10.90 -17.27
C ALA C 270 -29.23 -10.38 -18.48
N VAL C 271 -30.55 -10.30 -18.36
CA VAL C 271 -31.38 -10.04 -19.53
C VAL C 271 -31.76 -8.57 -19.62
N GLN C 272 -31.30 -7.74 -18.70
CA GLN C 272 -31.75 -6.36 -18.67
C GLN C 272 -31.17 -5.56 -19.83
N GLY C 273 -31.85 -4.48 -20.18
CA GLY C 273 -31.35 -3.60 -21.24
C GLY C 273 -30.24 -2.70 -20.73
N ARG C 274 -29.23 -2.51 -21.56
CA ARG C 274 -28.05 -1.75 -21.20
C ARG C 274 -27.70 -0.77 -22.31
N ASN C 275 -27.20 0.39 -21.91
CA ASN C 275 -26.86 1.45 -22.84
C ASN C 275 -25.49 1.29 -23.48
N TYR C 276 -24.58 0.51 -22.89
CA TYR C 276 -23.23 0.42 -23.41
C TYR C 276 -22.71 -1.00 -23.26
N ILE C 277 -21.84 -1.39 -24.18
CA ILE C 277 -21.35 -2.76 -24.28
C ILE C 277 -19.84 -2.74 -24.19
N PRO C 278 -19.21 -3.88 -23.89
CA PRO C 278 -17.74 -3.91 -23.79
C PRO C 278 -17.06 -3.69 -25.13
N GLY C 279 -15.78 -3.35 -25.06
CA GLY C 279 -15.03 -2.95 -26.22
C GLY C 279 -14.66 -4.09 -27.15
N PRO C 280 -13.84 -3.80 -28.15
CA PRO C 280 -13.51 -4.81 -29.16
C PRO C 280 -12.63 -5.91 -28.62
N SER C 281 -12.60 -7.01 -29.35
CA SER C 281 -11.89 -8.21 -28.93
C SER C 281 -11.25 -8.88 -30.14
N TYR C 282 -10.03 -9.40 -29.96
CA TYR C 282 -9.38 -10.26 -30.92
C TYR C 282 -8.77 -11.43 -30.16
N ARG C 283 -9.33 -12.63 -30.35
CA ARG C 283 -9.16 -13.70 -29.37
C ARG C 283 -7.72 -14.20 -29.32
N GLN C 284 -7.28 -14.60 -28.14
CA GLN C 284 -5.95 -15.13 -27.90
C GLN C 284 -6.04 -16.59 -27.46
N GLN C 285 -4.95 -17.32 -27.65
CA GLN C 285 -4.85 -18.68 -27.14
C GLN C 285 -4.47 -18.64 -25.67
N ARG C 286 -4.97 -19.61 -24.91
CA ARG C 286 -4.82 -19.63 -23.46
C ARG C 286 -3.74 -20.63 -23.07
N VAL C 287 -2.77 -20.17 -22.28
CA VAL C 287 -1.64 -21.00 -21.86
C VAL C 287 -1.56 -20.98 -20.35
N SER C 288 -1.34 -22.16 -19.76
CA SER C 288 -1.34 -22.31 -18.32
C SER C 288 0.10 -22.35 -17.81
N THR C 289 0.30 -21.79 -16.61
CA THR C 289 1.63 -21.82 -16.01
C THR C 289 1.88 -23.16 -15.33
N THR C 290 0.87 -24.02 -15.32
CA THR C 290 1.01 -25.38 -14.84
C THR C 290 1.24 -26.12 -16.15
N VAL C 291 2.47 -26.52 -16.41
CA VAL C 291 2.83 -27.13 -17.71
C VAL C 291 2.13 -28.40 -18.12
N THR C 292 1.80 -29.28 -17.18
CA THR C 292 1.11 -30.51 -17.51
C THR C 292 -0.27 -30.28 -18.15
N GLN C 293 -0.97 -29.25 -17.70
CA GLN C 293 -2.28 -28.89 -18.26
C GLN C 293 -2.21 -28.52 -19.74
N ASN C 294 -1.13 -27.88 -20.18
CA ASN C 294 -0.95 -27.49 -21.58
C ASN C 294 -0.83 -28.70 -22.52
N ASN C 295 -1.14 -28.49 -23.79
CA ASN C 295 -1.04 -29.58 -24.75
C ASN C 295 0.41 -29.92 -25.03
N ASN C 296 0.68 -31.20 -25.30
CA ASN C 296 2.03 -31.65 -25.60
C ASN C 296 2.33 -31.52 -27.09
N SER C 297 2.41 -30.29 -27.57
CA SER C 297 2.68 -30.03 -28.98
C SER C 297 3.37 -28.69 -29.12
N GLU C 298 3.99 -28.45 -30.26
CA GLU C 298 4.64 -27.17 -30.47
C GLU C 298 3.57 -26.25 -31.01
N PHE C 299 2.86 -25.60 -30.11
CA PHE C 299 1.79 -24.68 -30.49
C PHE C 299 2.14 -23.23 -30.26
N ALA C 300 3.39 -22.94 -29.93
CA ALA C 300 3.78 -21.56 -29.64
C ALA C 300 3.61 -20.61 -30.81
N TRP C 301 4.01 -21.02 -32.00
CA TRP C 301 3.84 -20.15 -33.16
C TRP C 301 2.61 -20.53 -33.99
N PRO C 302 2.33 -21.83 -34.09
CA PRO C 302 1.19 -22.33 -34.84
C PRO C 302 -0.17 -21.89 -34.29
N GLY C 303 -0.32 -21.90 -32.98
CA GLY C 303 -1.57 -21.51 -32.36
C GLY C 303 -1.74 -20.02 -32.13
N ALA C 304 -0.69 -19.26 -32.37
CA ALA C 304 -0.70 -17.82 -32.17
C ALA C 304 -1.59 -17.03 -33.10
N SER C 305 -2.16 -15.94 -32.59
CA SER C 305 -2.99 -15.07 -33.38
C SER C 305 -2.03 -14.20 -34.15
N SER C 306 -2.25 -14.03 -35.44
CA SER C 306 -1.37 -13.23 -36.26
C SER C 306 -2.19 -12.40 -37.23
N TRP C 307 -1.53 -11.43 -37.86
CA TRP C 307 -2.09 -10.68 -38.96
C TRP C 307 -1.11 -10.67 -40.13
N ALA C 308 -1.64 -10.90 -41.33
CA ALA C 308 -0.83 -11.03 -42.54
C ALA C 308 -0.88 -9.73 -43.34
N LEU C 309 0.30 -9.28 -43.76
CA LEU C 309 0.45 -8.04 -44.51
C LEU C 309 1.42 -8.30 -45.66
N ASN C 310 0.94 -8.14 -46.89
CA ASN C 310 1.77 -8.35 -48.08
C ASN C 310 2.40 -9.75 -48.08
N GLY C 311 1.58 -10.76 -47.79
CA GLY C 311 2.03 -12.13 -47.80
C GLY C 311 2.84 -12.55 -46.60
N ARG C 312 3.28 -11.61 -45.77
CA ARG C 312 4.03 -11.87 -44.57
C ARG C 312 3.10 -11.91 -43.36
N ASN C 313 3.19 -12.99 -42.61
CA ASN C 313 2.42 -13.17 -41.38
C ASN C 313 3.18 -12.58 -40.21
N SER C 314 2.61 -11.57 -39.57
CA SER C 314 3.19 -10.94 -38.39
C SER C 314 2.33 -11.29 -37.18
N LEU C 315 2.98 -11.72 -36.10
CA LEU C 315 2.27 -12.10 -34.89
C LEU C 315 1.52 -10.91 -34.32
N MET C 316 0.40 -11.20 -33.65
CA MET C 316 -0.38 -10.14 -33.01
C MET C 316 0.10 -10.02 -31.57
N ASN C 317 0.86 -8.96 -31.30
CA ASN C 317 1.45 -8.76 -29.99
C ASN C 317 1.51 -7.27 -29.68
N PRO C 318 1.12 -6.89 -28.45
CA PRO C 318 0.27 -7.69 -27.57
C PRO C 318 -1.17 -7.71 -28.07
N GLY C 319 -1.50 -6.79 -28.97
CA GLY C 319 -2.80 -6.76 -29.60
C GLY C 319 -3.74 -5.78 -28.93
N PRO C 320 -5.04 -5.92 -29.19
CA PRO C 320 -6.02 -5.11 -28.49
C PRO C 320 -5.93 -5.32 -26.99
N ALA C 321 -6.30 -4.30 -26.23
CA ALA C 321 -6.26 -4.39 -24.78
C ALA C 321 -7.45 -5.22 -24.29
N MET C 322 -7.16 -6.32 -23.60
CA MET C 322 -8.17 -7.22 -23.07
C MET C 322 -7.67 -7.82 -21.78
N ALA C 323 -8.60 -8.16 -20.89
CA ALA C 323 -8.25 -8.76 -19.62
C ALA C 323 -7.53 -10.09 -19.84
N SER C 324 -6.56 -10.39 -18.98
CA SER C 324 -5.75 -11.58 -19.18
C SER C 324 -6.53 -12.85 -18.91
N HIS C 325 -7.40 -12.83 -17.89
CA HIS C 325 -8.16 -14.01 -17.53
C HIS C 325 -9.44 -13.73 -16.74
N LYS C 326 -10.29 -14.76 -16.65
CA LYS C 326 -11.55 -14.72 -15.91
C LYS C 326 -11.28 -14.93 -14.43
N GLU C 327 -12.26 -14.64 -13.58
CA GLU C 327 -12.10 -14.84 -12.16
C GLU C 327 -11.82 -16.31 -11.89
N GLY C 328 -10.88 -16.59 -11.01
CA GLY C 328 -10.55 -17.95 -10.65
C GLY C 328 -9.61 -18.64 -11.61
N GLU C 329 -9.10 -17.90 -12.58
CA GLU C 329 -8.17 -18.48 -13.54
C GLU C 329 -6.94 -17.59 -13.73
N ASP C 330 -6.12 -17.47 -12.69
CA ASP C 330 -4.92 -16.66 -12.79
C ASP C 330 -3.69 -17.45 -13.19
N ARG C 331 -3.86 -18.76 -13.39
CA ARG C 331 -2.73 -19.58 -13.82
C ARG C 331 -2.56 -19.43 -15.32
N PHE C 332 -3.63 -19.05 -16.00
CA PHE C 332 -3.58 -18.83 -17.44
C PHE C 332 -3.18 -17.42 -17.90
N PHE C 333 -2.53 -17.37 -19.06
CA PHE C 333 -2.14 -16.10 -19.67
C PHE C 333 -2.28 -16.22 -21.18
N PRO C 334 -2.66 -15.12 -21.85
CA PRO C 334 -2.79 -15.21 -23.30
C PRO C 334 -1.42 -15.34 -23.95
N LEU C 335 -1.35 -16.16 -25.00
CA LEU C 335 -0.06 -16.50 -25.59
C LEU C 335 0.72 -15.26 -25.99
N SER C 336 0.24 -14.54 -27.00
CA SER C 336 0.89 -13.32 -27.45
C SER C 336 0.23 -12.06 -26.87
N GLY C 337 -0.72 -12.23 -25.95
CA GLY C 337 -1.56 -11.13 -25.54
C GLY C 337 -1.16 -10.35 -24.31
N SER C 338 0.02 -10.59 -23.74
CA SER C 338 0.47 -9.85 -22.57
C SER C 338 1.88 -9.34 -22.80
N LEU C 339 2.26 -8.33 -22.00
CA LEU C 339 3.63 -7.84 -21.99
C LEU C 339 4.44 -8.66 -21.00
N ILE C 340 5.55 -9.23 -21.47
CA ILE C 340 6.40 -10.11 -20.67
C ILE C 340 7.76 -9.46 -20.54
N PHE C 341 8.23 -9.30 -19.30
CA PHE C 341 9.50 -8.67 -19.00
C PHE C 341 10.47 -9.70 -18.44
N GLY C 342 11.76 -9.45 -18.66
CA GLY C 342 12.81 -10.30 -18.12
C GLY C 342 13.25 -9.83 -16.74
N LYS C 343 13.66 -10.77 -15.91
CA LYS C 343 14.19 -10.42 -14.60
C LYS C 343 15.66 -10.05 -14.77
N GLN C 344 16.25 -9.37 -13.80
CA GLN C 344 17.65 -9.01 -13.95
C GLN C 344 18.49 -10.27 -14.04
N GLY C 345 19.44 -10.25 -14.96
CA GLY C 345 20.33 -11.37 -15.18
C GLY C 345 19.79 -12.46 -16.09
N THR C 346 18.57 -12.29 -16.59
CA THR C 346 17.97 -13.26 -17.50
C THR C 346 18.67 -13.24 -18.84
N GLY C 347 18.83 -14.40 -19.46
CA GLY C 347 19.48 -14.51 -20.76
C GLY C 347 18.68 -14.05 -21.96
N ARG C 348 19.24 -14.22 -23.14
CA ARG C 348 18.55 -13.81 -24.35
C ARG C 348 17.65 -14.87 -25.00
N ASP C 349 18.10 -16.11 -25.06
CA ASP C 349 17.35 -17.17 -25.73
C ASP C 349 16.98 -18.37 -24.85
N ASN C 350 15.72 -18.79 -24.98
CA ASN C 350 15.18 -19.94 -24.25
C ASN C 350 15.28 -19.95 -22.73
N VAL C 351 14.77 -18.90 -22.10
CA VAL C 351 14.73 -18.83 -20.65
C VAL C 351 13.49 -19.49 -20.06
N ASP C 352 13.61 -19.91 -18.80
CA ASP C 352 12.53 -20.55 -18.07
C ASP C 352 11.44 -19.56 -17.65
N ALA C 353 10.27 -20.09 -17.29
CA ALA C 353 9.13 -19.28 -16.91
C ALA C 353 9.40 -18.40 -15.70
N ASP C 354 10.15 -18.92 -14.73
CA ASP C 354 10.50 -18.16 -13.54
C ASP C 354 11.36 -16.93 -13.89
N LYS C 355 12.24 -17.07 -14.88
CA LYS C 355 13.13 -15.98 -15.30
C LYS C 355 12.44 -14.78 -15.94
N VAL C 356 11.16 -14.89 -16.26
CA VAL C 356 10.44 -13.79 -16.89
C VAL C 356 9.30 -13.38 -15.99
N MET C 357 8.77 -12.18 -16.22
CA MET C 357 7.63 -11.68 -15.46
C MET C 357 6.48 -11.43 -16.43
N ILE C 358 5.43 -12.22 -16.35
CA ILE C 358 4.28 -12.05 -17.21
C ILE C 358 3.30 -11.10 -16.55
N THR C 359 3.12 -9.91 -17.12
CA THR C 359 2.24 -8.92 -16.50
C THR C 359 0.78 -9.34 -16.47
N ASN C 360 0.09 -8.87 -15.43
CA ASN C 360 -1.31 -9.17 -15.24
C ASN C 360 -2.11 -7.93 -15.60
N GLU C 361 -3.11 -8.09 -16.45
CA GLU C 361 -3.91 -6.98 -16.87
C GLU C 361 -5.37 -7.35 -16.64
N GLU C 362 -5.79 -7.36 -15.38
CA GLU C 362 -7.16 -7.72 -15.04
C GLU C 362 -8.02 -6.54 -14.60
N GLU C 363 -7.38 -5.44 -14.18
CA GLU C 363 -8.08 -4.23 -13.82
C GLU C 363 -9.12 -3.82 -14.86
N ILE C 364 -8.78 -4.06 -16.11
CA ILE C 364 -9.61 -3.70 -17.26
C ILE C 364 -10.75 -4.67 -17.57
N LYS C 365 -10.90 -5.72 -16.79
CA LYS C 365 -11.99 -6.67 -17.02
C LYS C 365 -13.38 -6.04 -16.92
N THR C 366 -13.56 -5.07 -16.02
CA THR C 366 -14.82 -4.35 -15.88
C THR C 366 -15.39 -3.89 -17.24
N THR C 367 -14.57 -3.27 -18.09
CA THR C 367 -15.02 -2.87 -19.42
C THR C 367 -14.48 -3.70 -20.57
N ASN C 368 -13.54 -4.61 -20.33
CA ASN C 368 -12.92 -5.27 -21.48
C ASN C 368 -13.15 -6.77 -21.44
N PRO C 369 -13.35 -7.41 -22.58
CA PRO C 369 -13.53 -8.86 -22.60
C PRO C 369 -12.24 -9.58 -22.29
N VAL C 370 -12.38 -10.82 -21.81
CA VAL C 370 -11.21 -11.62 -21.49
C VAL C 370 -10.50 -12.00 -22.78
N ALA C 371 -9.18 -11.83 -22.80
CA ALA C 371 -8.40 -12.01 -24.02
C ALA C 371 -8.54 -13.42 -24.59
N THR C 372 -8.70 -14.42 -23.74
CA THR C 372 -8.72 -15.81 -24.15
C THR C 372 -10.15 -16.35 -24.37
N GLU C 373 -11.16 -15.50 -24.27
CA GLU C 373 -12.55 -15.90 -24.43
C GLU C 373 -13.16 -15.24 -25.65
N SER C 374 -14.25 -15.84 -26.14
CA SER C 374 -14.97 -15.28 -27.27
C SER C 374 -15.72 -14.04 -26.84
N TYR C 375 -15.91 -13.11 -27.77
CA TYR C 375 -16.62 -11.88 -27.44
C TYR C 375 -18.05 -12.18 -27.05
N GLY C 376 -18.65 -13.20 -27.65
CA GLY C 376 -20.02 -13.54 -27.34
C GLY C 376 -20.57 -14.47 -28.40
N GLN C 377 -21.90 -14.47 -28.52
CA GLN C 377 -22.60 -15.29 -29.49
C GLN C 377 -23.51 -14.44 -30.36
N VAL C 378 -23.71 -14.90 -31.59
CA VAL C 378 -24.65 -14.30 -32.52
C VAL C 378 -25.56 -15.41 -33.05
N ALA C 379 -26.71 -15.00 -33.58
CA ALA C 379 -27.60 -15.92 -34.25
C ALA C 379 -27.09 -16.15 -35.67
N THR C 380 -26.96 -17.42 -36.05
CA THR C 380 -26.43 -17.76 -37.36
C THR C 380 -27.49 -18.14 -38.39
N ASN C 381 -28.77 -18.14 -38.03
CA ASN C 381 -29.79 -18.55 -38.98
C ASN C 381 -31.12 -17.92 -38.59
N HIS C 382 -32.18 -18.37 -39.25
CA HIS C 382 -33.55 -18.05 -38.88
C HIS C 382 -34.20 -19.32 -38.31
N GLN C 383 -34.77 -19.22 -37.13
CA GLN C 383 -35.48 -20.35 -36.59
C GLN C 383 -36.81 -20.55 -37.32
N SER C 384 -37.33 -21.76 -37.23
CA SER C 384 -38.66 -22.10 -37.71
C SER C 384 -39.04 -23.41 -37.05
N ALA C 385 -40.27 -23.87 -37.31
CA ALA C 385 -40.70 -25.13 -36.73
C ALA C 385 -39.86 -26.29 -37.24
N GLN C 386 -39.18 -26.10 -38.37
CA GLN C 386 -38.35 -27.14 -38.97
C GLN C 386 -36.87 -27.03 -38.62
N ALA C 387 -36.45 -25.97 -37.93
CA ALA C 387 -35.04 -25.74 -37.63
C ALA C 387 -34.89 -25.14 -36.25
N GLN C 388 -33.98 -25.69 -35.45
CA GLN C 388 -33.71 -25.12 -34.14
C GLN C 388 -32.92 -23.82 -34.28
N ALA C 389 -33.00 -23.00 -33.24
CA ALA C 389 -32.22 -21.77 -33.20
C ALA C 389 -30.74 -22.10 -33.00
N GLN C 390 -29.92 -21.60 -33.91
CA GLN C 390 -28.49 -21.89 -33.92
C GLN C 390 -27.71 -20.63 -33.63
N THR C 391 -26.71 -20.74 -32.76
CA THR C 391 -25.82 -19.64 -32.45
C THR C 391 -24.39 -20.07 -32.73
N GLY C 392 -23.51 -19.08 -32.81
CA GLY C 392 -22.10 -19.34 -33.04
C GLY C 392 -21.27 -18.33 -32.30
N TRP C 393 -20.00 -18.68 -32.12
CA TRP C 393 -19.11 -17.90 -31.27
C TRP C 393 -18.45 -16.79 -32.06
N VAL C 394 -18.33 -15.62 -31.44
CA VAL C 394 -17.62 -14.50 -32.03
C VAL C 394 -16.18 -14.57 -31.54
N GLN C 395 -15.27 -14.92 -32.45
CA GLN C 395 -13.87 -15.02 -32.08
C GLN C 395 -13.21 -13.64 -32.08
N ASN C 396 -13.64 -12.74 -32.97
CA ASN C 396 -13.11 -11.39 -33.01
C ASN C 396 -14.25 -10.42 -33.31
N GLN C 397 -14.19 -9.25 -32.68
CA GLN C 397 -15.25 -8.27 -32.80
C GLN C 397 -14.65 -6.89 -33.02
N GLY C 398 -14.98 -6.27 -34.14
CA GLY C 398 -14.56 -4.91 -34.38
C GLY C 398 -15.40 -3.92 -33.61
N ILE C 399 -15.00 -2.65 -33.69
CA ILE C 399 -15.71 -1.59 -32.99
C ILE C 399 -17.18 -1.58 -33.38
N LEU C 400 -18.05 -1.50 -32.37
CA LEU C 400 -19.46 -1.27 -32.53
C LEU C 400 -19.87 0.00 -31.78
N PRO C 401 -20.85 0.73 -32.27
CA PRO C 401 -21.30 1.92 -31.53
C PRO C 401 -21.85 1.52 -30.17
N GLY C 402 -21.49 2.29 -29.15
CA GLY C 402 -21.83 1.96 -27.79
C GLY C 402 -20.74 1.27 -26.99
N MET C 403 -19.64 0.88 -27.63
CA MET C 403 -18.55 0.22 -26.92
C MET C 403 -17.75 1.21 -26.09
N VAL C 404 -17.33 0.76 -24.92
CA VAL C 404 -16.40 1.49 -24.08
C VAL C 404 -15.32 0.52 -23.63
N TRP C 405 -14.09 1.01 -23.55
CA TRP C 405 -12.98 0.12 -23.22
C TRP C 405 -11.89 0.92 -22.52
N GLN C 406 -11.01 0.19 -21.85
CA GLN C 406 -9.82 0.74 -21.23
C GLN C 406 -8.62 0.46 -22.12
N ASP C 407 -7.69 1.40 -22.15
CA ASP C 407 -6.43 1.17 -22.84
C ASP C 407 -5.53 0.28 -22.01
N ARG C 408 -4.38 -0.08 -22.56
CA ARG C 408 -3.47 -0.96 -21.85
C ARG C 408 -2.68 -0.18 -20.81
N ASP C 409 -2.45 -0.83 -19.68
CA ASP C 409 -1.78 -0.24 -18.53
C ASP C 409 -0.34 0.12 -18.88
N VAL C 410 0.22 1.08 -18.14
CA VAL C 410 1.61 1.44 -18.26
C VAL C 410 2.35 0.94 -17.02
N TYR C 411 3.63 0.61 -17.21
CA TYR C 411 4.43 0.01 -16.16
C TYR C 411 5.67 0.85 -15.91
N LEU C 412 6.30 0.60 -14.76
CA LEU C 412 7.56 1.27 -14.45
C LEU C 412 8.61 0.96 -15.50
N GLN C 413 8.63 -0.28 -16.00
CA GLN C 413 9.61 -0.73 -16.96
C GLN C 413 9.21 -0.47 -18.41
N GLY C 414 7.97 -0.08 -18.66
CA GLY C 414 7.43 -0.09 -20.00
C GLY C 414 7.53 1.23 -20.73
N PRO C 415 7.02 1.25 -21.96
CA PRO C 415 7.19 2.42 -22.83
C PRO C 415 6.31 3.59 -22.42
N ILE C 416 6.81 4.80 -22.68
CA ILE C 416 6.08 6.02 -22.37
C ILE C 416 5.23 6.44 -23.56
N TRP C 417 5.87 6.74 -24.69
CA TRP C 417 5.18 7.25 -25.86
C TRP C 417 5.51 6.40 -27.09
N ALA C 418 4.75 6.63 -28.15
CA ALA C 418 5.04 6.08 -29.46
C ALA C 418 4.66 7.12 -30.51
N LYS C 419 5.12 6.91 -31.74
CA LYS C 419 4.79 7.79 -32.84
C LYS C 419 3.67 7.18 -33.65
N ILE C 420 2.63 7.97 -33.91
CA ILE C 420 1.50 7.50 -34.71
C ILE C 420 1.91 7.43 -36.17
N PRO C 421 1.80 6.27 -36.83
CA PRO C 421 2.13 6.21 -38.25
C PRO C 421 1.37 7.27 -39.02
N HIS C 422 2.03 7.87 -39.99
CA HIS C 422 1.48 9.02 -40.70
C HIS C 422 0.69 8.51 -41.90
N THR C 423 -0.63 8.60 -41.81
CA THR C 423 -1.52 7.86 -42.69
C THR C 423 -2.82 8.64 -42.87
N ASP C 424 -3.59 8.22 -43.87
CA ASP C 424 -4.86 8.89 -44.17
C ASP C 424 -5.78 8.90 -42.97
N GLY C 425 -5.87 7.78 -42.28
CA GLY C 425 -6.73 7.69 -41.12
C GLY C 425 -6.26 6.66 -40.13
N ASN C 426 -6.66 6.86 -38.89
CA ASN C 426 -6.38 5.93 -37.80
C ASN C 426 -7.57 5.92 -36.87
N PHE C 427 -7.63 4.91 -36.01
CA PHE C 427 -8.66 4.87 -34.99
C PHE C 427 -8.03 4.62 -33.62
N HIS C 428 -8.33 5.50 -32.68
CA HIS C 428 -7.89 5.44 -31.30
C HIS C 428 -6.38 5.25 -31.29
N PRO C 429 -5.62 6.29 -31.62
CA PRO C 429 -4.19 6.14 -31.89
C PRO C 429 -3.35 5.60 -30.73
N SER C 430 -3.93 5.50 -29.55
CA SER C 430 -3.21 5.01 -28.38
C SER C 430 -2.48 3.72 -28.71
N PRO C 431 -1.16 3.65 -28.51
CA PRO C 431 -0.40 2.48 -28.96
C PRO C 431 -0.78 1.23 -28.20
N LEU C 432 -0.51 0.09 -28.83
CA LEU C 432 -1.00 -1.19 -28.30
C LEU C 432 -0.09 -1.76 -27.22
N MET C 433 1.14 -1.26 -27.07
CA MET C 433 1.97 -1.66 -25.96
C MET C 433 1.81 -0.75 -24.75
N GLY C 434 0.90 0.21 -24.82
CA GLY C 434 0.68 1.15 -23.74
C GLY C 434 1.37 2.48 -23.99
N GLY C 435 0.92 3.48 -23.26
CA GLY C 435 1.50 4.80 -23.36
C GLY C 435 0.72 5.75 -24.24
N PHE C 436 1.41 6.81 -24.64
CA PHE C 436 0.79 7.97 -25.27
C PHE C 436 1.13 8.01 -26.76
N GLY C 437 0.13 7.78 -27.59
CA GLY C 437 0.29 7.91 -29.03
C GLY C 437 0.38 9.38 -29.43
N MET C 438 1.40 9.70 -30.22
CA MET C 438 1.69 11.08 -30.56
C MET C 438 2.07 11.19 -32.02
N LYS C 439 1.40 12.09 -32.74
CA LYS C 439 1.76 12.37 -34.13
C LYS C 439 3.08 13.12 -34.22
N HIS C 440 3.42 13.93 -33.22
CA HIS C 440 4.71 14.60 -33.12
C HIS C 440 5.32 14.23 -31.78
N PRO C 441 5.90 13.04 -31.67
CA PRO C 441 6.46 12.59 -30.41
C PRO C 441 7.72 13.38 -30.08
N PRO C 442 8.37 13.09 -28.95
CA PRO C 442 9.70 13.61 -28.74
C PRO C 442 10.60 13.23 -29.91
N PRO C 443 11.32 14.20 -30.47
CA PRO C 443 12.15 13.90 -31.63
C PRO C 443 13.33 13.02 -31.27
N GLN C 444 13.71 12.18 -32.22
CA GLN C 444 14.92 11.37 -32.06
C GLN C 444 16.14 12.25 -31.94
N ILE C 445 17.11 11.78 -31.16
CA ILE C 445 18.34 12.51 -30.92
C ILE C 445 19.47 11.64 -31.42
N LEU C 446 20.13 12.08 -32.49
CA LEU C 446 21.19 11.30 -33.12
C LEU C 446 22.54 11.85 -32.69
N ILE C 447 23.52 10.95 -32.56
CA ILE C 447 24.85 11.31 -32.10
C ILE C 447 25.85 10.37 -32.78
N LYS C 448 27.07 10.83 -32.97
CA LYS C 448 28.10 9.99 -33.58
C LYS C 448 29.48 10.37 -33.06
N ASN C 449 30.48 9.74 -33.65
CA ASN C 449 31.87 10.15 -33.47
C ASN C 449 32.43 10.67 -34.79
N THR C 450 32.86 11.92 -34.79
CA THR C 450 33.46 12.49 -35.99
C THR C 450 34.80 11.80 -36.27
N PRO C 451 34.95 11.11 -37.40
CA PRO C 451 36.14 10.32 -37.70
C PRO C 451 37.38 11.17 -37.99
N SER C 467 41.21 4.20 -42.86
CA SER C 467 42.20 4.27 -41.80
C SER C 467 41.92 5.43 -40.86
N PHE C 468 41.65 5.11 -39.59
CA PHE C 468 41.26 6.09 -38.59
C PHE C 468 41.90 5.73 -37.25
N ILE C 469 41.81 6.68 -36.31
CA ILE C 469 42.29 6.45 -34.96
C ILE C 469 41.19 5.77 -34.16
N THR C 470 41.54 4.69 -33.45
CA THR C 470 40.57 4.03 -32.58
C THR C 470 40.17 4.98 -31.46
N GLN C 471 38.86 5.19 -31.33
CA GLN C 471 38.37 6.36 -30.59
C GLN C 471 37.02 6.03 -29.98
N TYR C 472 36.81 6.55 -28.77
CA TYR C 472 35.48 6.49 -28.15
C TYR C 472 35.30 7.74 -27.32
N SER C 473 34.05 8.14 -27.13
CA SER C 473 33.72 9.32 -26.36
C SER C 473 32.80 8.93 -25.21
N THR C 474 32.87 9.72 -24.15
CA THR C 474 31.98 9.57 -23.00
C THR C 474 31.38 10.93 -22.69
N GLY C 475 30.57 10.98 -21.64
CA GLY C 475 29.96 12.23 -21.26
C GLY C 475 28.77 12.02 -20.36
N GLN C 476 27.94 13.04 -20.26
CA GLN C 476 26.78 13.05 -19.38
C GLN C 476 25.52 13.37 -20.18
N VAL C 477 24.38 12.91 -19.68
CA VAL C 477 23.06 13.22 -20.22
C VAL C 477 22.14 13.52 -19.06
N SER C 478 21.36 14.59 -19.18
CA SER C 478 20.31 14.91 -18.23
C SER C 478 19.01 15.17 -18.96
N VAL C 479 17.94 14.53 -18.51
CA VAL C 479 16.62 14.68 -19.11
C VAL C 479 15.67 15.21 -18.04
N GLU C 480 14.73 16.06 -18.44
CA GLU C 480 13.78 16.68 -17.53
C GLU C 480 12.41 16.69 -18.17
N ILE C 481 11.40 16.18 -17.46
CA ILE C 481 10.04 16.12 -17.96
C ILE C 481 9.09 16.70 -16.93
N GLU C 482 8.13 17.49 -17.39
CA GLU C 482 7.05 18.00 -16.55
C GLU C 482 5.80 17.17 -16.80
N TRP C 483 5.17 16.70 -15.74
CA TRP C 483 3.99 15.86 -15.82
C TRP C 483 2.81 16.58 -15.19
N GLU C 484 1.64 16.41 -15.80
CA GLU C 484 0.42 17.00 -15.27
C GLU C 484 -0.29 15.87 -14.53
N LEU C 485 -0.95 16.19 -13.43
CA LEU C 485 -1.61 15.18 -12.64
C LEU C 485 -3.09 15.44 -12.43
N GLN C 486 -3.86 14.36 -12.40
CA GLN C 486 -5.29 14.45 -12.16
C GLN C 486 -5.49 13.89 -10.77
N LYS C 487 -5.96 14.72 -9.85
CA LYS C 487 -6.17 14.30 -8.47
C LYS C 487 -7.38 13.40 -8.28
N GLU C 488 -7.28 12.49 -7.32
CA GLU C 488 -8.38 11.59 -7.01
C GLU C 488 -9.38 12.33 -6.11
N ASN C 489 -10.63 12.43 -6.55
CA ASN C 489 -11.64 13.16 -5.80
C ASN C 489 -12.74 12.26 -5.23
N SER C 490 -12.42 11.00 -5.04
CA SER C 490 -13.39 9.99 -4.58
C SER C 490 -14.04 10.16 -3.22
N LYS C 491 -15.31 9.79 -3.14
CA LYS C 491 -16.09 9.85 -1.90
C LYS C 491 -16.22 8.44 -1.30
N ARG C 492 -15.47 7.49 -1.84
CA ARG C 492 -15.46 6.12 -1.34
C ARG C 492 -15.23 6.08 0.17
N TRP C 493 -16.06 5.32 0.87
CA TRP C 493 -15.98 5.29 2.33
C TRP C 493 -14.83 4.41 2.81
N ASN C 494 -14.77 3.18 2.33
CA ASN C 494 -13.76 2.25 2.78
C ASN C 494 -12.40 2.59 2.17
N PRO C 495 -11.31 2.09 2.74
CA PRO C 495 -9.99 2.44 2.24
C PRO C 495 -9.65 1.72 0.94
N GLU C 496 -8.82 2.38 0.12
CA GLU C 496 -8.37 1.93 -1.18
C GLU C 496 -7.39 0.77 -1.08
N ILE C 497 -7.20 0.10 -2.20
CA ILE C 497 -6.01 -0.71 -2.42
C ILE C 497 -4.85 0.22 -2.73
N GLN C 498 -3.69 -0.04 -2.12
CA GLN C 498 -2.50 0.75 -2.33
C GLN C 498 -1.37 -0.15 -2.75
N TYR C 499 -0.38 0.42 -3.43
CA TYR C 499 0.85 -0.29 -3.69
C TYR C 499 1.77 -0.12 -2.49
N THR C 500 2.18 -1.23 -1.91
CA THR C 500 3.04 -1.18 -0.75
C THR C 500 4.17 -2.19 -0.76
N SER C 501 5.32 -1.76 -0.28
CA SER C 501 6.48 -2.61 -0.15
C SER C 501 6.15 -3.55 0.99
N ASN C 502 6.51 -4.83 0.87
CA ASN C 502 6.22 -5.79 1.94
C ASN C 502 7.12 -5.59 3.15
N TYR C 503 6.61 -5.85 4.35
CA TYR C 503 7.43 -5.68 5.56
C TYR C 503 8.14 -6.95 6.02
N TYR C 504 7.64 -8.09 5.58
CA TYR C 504 8.19 -9.39 5.96
C TYR C 504 9.66 -9.46 5.59
N LYS C 505 10.47 -10.02 6.50
CA LYS C 505 11.92 -9.98 6.35
C LYS C 505 12.36 -10.73 5.10
N SER C 506 13.48 -10.29 4.54
CA SER C 506 13.99 -10.86 3.29
C SER C 506 15.50 -10.65 3.23
N ASN C 507 16.16 -11.45 2.38
CA ASN C 507 17.60 -11.32 2.23
C ASN C 507 18.00 -9.97 1.68
N ASN C 508 17.19 -9.41 0.80
CA ASN C 508 17.54 -8.19 0.11
C ASN C 508 16.37 -7.22 0.15
N VAL C 509 16.68 -5.94 -0.04
CA VAL C 509 15.64 -4.94 -0.18
C VAL C 509 15.21 -4.87 -1.64
N GLU C 510 13.89 -4.88 -1.87
CA GLU C 510 13.39 -4.79 -3.23
C GLU C 510 13.71 -3.42 -3.81
N PHE C 511 14.01 -3.41 -5.11
CA PHE C 511 14.40 -2.18 -5.80
C PHE C 511 15.64 -1.58 -5.15
N ALA C 512 16.65 -2.41 -4.95
CA ALA C 512 17.91 -1.99 -4.35
C ALA C 512 19.00 -2.97 -4.79
N VAL C 513 20.25 -2.57 -4.58
CA VAL C 513 21.38 -3.39 -5.00
C VAL C 513 21.57 -4.57 -4.06
N ASN C 514 22.20 -5.61 -4.57
CA ASN C 514 22.55 -6.79 -3.80
C ASN C 514 23.99 -6.64 -3.27
N THR C 515 24.59 -7.73 -2.78
CA THR C 515 25.96 -7.64 -2.27
C THR C 515 26.95 -7.42 -3.40
N GLU C 516 26.74 -8.06 -4.55
CA GLU C 516 27.63 -7.90 -5.69
C GLU C 516 27.47 -6.55 -6.38
N GLY C 517 26.48 -5.76 -5.98
CA GLY C 517 26.27 -4.45 -6.56
C GLY C 517 25.27 -4.40 -7.69
N VAL C 518 24.57 -5.50 -7.97
CA VAL C 518 23.62 -5.51 -9.07
C VAL C 518 22.28 -4.94 -8.63
N TYR C 519 21.77 -3.99 -9.39
CA TYR C 519 20.45 -3.40 -9.14
C TYR C 519 19.41 -4.18 -9.92
N SER C 520 18.28 -4.45 -9.29
CA SER C 520 17.24 -5.23 -9.93
C SER C 520 15.87 -4.66 -9.58
N GLU C 521 14.93 -4.86 -10.50
CA GLU C 521 13.52 -4.56 -10.26
C GLU C 521 12.76 -5.87 -10.17
N PRO C 522 12.42 -6.30 -8.95
CA PRO C 522 11.75 -7.57 -8.64
C PRO C 522 10.39 -7.82 -9.27
N ARG C 523 9.67 -6.79 -9.65
CA ARG C 523 8.36 -6.97 -10.27
C ARG C 523 7.95 -5.81 -11.14
N PRO C 524 6.97 -6.04 -12.02
CA PRO C 524 6.43 -5.00 -12.92
C PRO C 524 5.30 -4.30 -12.17
N ILE C 525 5.38 -2.99 -12.04
CA ILE C 525 4.38 -2.24 -11.28
C ILE C 525 3.48 -1.51 -12.26
N GLY C 526 2.22 -1.92 -12.33
CA GLY C 526 1.25 -1.16 -13.08
C GLY C 526 0.86 0.10 -12.36
N THR C 527 0.06 0.92 -13.03
CA THR C 527 -0.34 2.19 -12.45
C THR C 527 -1.74 2.18 -11.85
N ARG C 528 -2.47 1.07 -11.92
CA ARG C 528 -3.89 1.06 -11.62
C ARG C 528 -4.14 0.42 -10.26
N TYR C 529 -4.43 1.28 -9.27
CA TYR C 529 -4.66 0.90 -7.89
C TYR C 529 -5.93 1.56 -7.36
N LEU C 530 -5.97 2.88 -7.40
CA LEU C 530 -7.15 3.63 -6.99
C LEU C 530 -8.35 3.25 -7.85
N THR C 531 -9.54 3.52 -7.34
CA THR C 531 -10.75 3.10 -8.01
C THR C 531 -11.62 4.29 -8.39
N ARG C 532 -12.52 4.03 -9.34
CA ARG C 532 -13.54 4.97 -9.74
C ARG C 532 -14.86 4.25 -9.97
N ASN C 533 -15.92 5.03 -10.11
CA ASN C 533 -17.18 4.49 -10.58
C ASN C 533 -17.18 4.43 -12.10
N LEU C 534 -17.76 3.37 -12.63
CA LEU C 534 -17.88 3.20 -14.07
C LEU C 534 -18.97 4.08 -14.64
N THR D 39 38.46 31.22 13.64
CA THR D 39 39.53 30.35 13.19
C THR D 39 39.49 30.14 11.68
N THR D 40 40.49 29.43 11.16
CA THR D 40 40.53 29.02 9.75
C THR D 40 41.47 27.83 9.67
N SER D 41 41.33 27.02 8.62
CA SER D 41 42.18 25.87 8.39
C SER D 41 42.26 25.58 6.91
N THR D 42 43.32 24.89 6.50
CA THR D 42 43.47 24.41 5.13
C THR D 42 44.25 23.10 5.15
N ARG D 43 43.82 22.15 4.32
CA ARG D 43 44.40 20.83 4.29
C ARG D 43 44.43 20.33 2.85
N THR D 44 45.17 19.24 2.63
CA THR D 44 45.23 18.57 1.34
C THR D 44 44.57 17.20 1.46
N TRP D 45 43.60 16.94 0.59
CA TRP D 45 42.84 15.71 0.61
C TRP D 45 43.17 14.84 -0.59
N ALA D 46 43.01 13.54 -0.42
CA ALA D 46 43.16 12.57 -1.49
C ALA D 46 41.92 11.69 -1.54
N LEU D 47 41.26 11.64 -2.69
CA LEU D 47 40.01 10.92 -2.85
C LEU D 47 40.20 9.75 -3.81
N PRO D 48 40.11 8.51 -3.36
CA PRO D 48 40.15 7.37 -4.27
C PRO D 48 38.74 7.01 -4.72
N THR D 49 38.67 5.99 -5.58
CA THR D 49 37.42 5.42 -6.04
C THR D 49 37.02 4.32 -5.07
N TYR D 50 35.75 4.29 -4.71
CA TYR D 50 35.27 3.30 -3.77
C TYR D 50 34.28 2.36 -4.41
N ASN D 51 34.30 1.11 -3.96
CA ASN D 51 33.39 0.09 -4.46
C ASN D 51 33.30 0.00 -5.97
N ASN D 52 34.35 0.38 -6.69
CA ASN D 52 34.37 0.30 -8.15
C ASN D 52 33.14 0.96 -8.78
N HIS D 53 32.80 2.15 -8.27
CA HIS D 53 31.68 2.94 -8.78
C HIS D 53 30.35 2.23 -8.57
N LEU D 54 30.32 1.34 -7.58
CA LEU D 54 29.26 0.37 -7.47
C LEU D 54 28.75 0.29 -6.04
N TYR D 55 27.50 0.68 -5.84
CA TYR D 55 26.80 0.53 -4.56
C TYR D 55 26.74 -0.95 -4.21
N LYS D 56 26.80 -1.26 -2.92
CA LYS D 56 26.85 -2.64 -2.48
C LYS D 56 26.05 -2.82 -1.20
N GLN D 57 25.26 -3.89 -1.14
CA GLN D 57 24.71 -4.36 0.12
C GLN D 57 25.80 -5.00 0.97
N ILE D 58 25.81 -4.69 2.26
CA ILE D 58 26.76 -5.25 3.21
C ILE D 58 26.00 -5.65 4.48
N SER D 59 26.44 -6.73 5.10
CA SER D 59 25.83 -7.20 6.34
C SER D 59 26.84 -8.03 7.11
N ASN D 60 26.54 -8.26 8.39
CA ASN D 60 27.37 -9.07 9.27
C ASN D 60 27.63 -10.45 8.68
N SER D 61 26.66 -10.98 7.94
CA SER D 61 26.85 -12.28 7.30
C SER D 61 27.98 -12.23 6.29
N THR D 62 28.06 -11.15 5.51
CA THR D 62 29.21 -10.95 4.63
C THR D 62 30.49 -10.75 5.43
N SER D 63 30.37 -10.27 6.66
CA SER D 63 31.52 -9.96 7.51
C SER D 63 31.93 -11.12 8.41
N GLY D 64 31.28 -12.28 8.28
CA GLY D 64 31.61 -13.44 9.08
C GLY D 64 30.56 -13.86 10.10
N GLY D 65 29.52 -13.06 10.31
CA GLY D 65 28.34 -13.49 11.03
C GLY D 65 28.24 -13.03 12.47
N SER D 66 29.36 -12.74 13.13
CA SER D 66 29.37 -12.09 14.43
C SER D 66 28.46 -12.75 15.46
N SER D 67 27.74 -11.93 16.22
CA SER D 67 26.71 -12.40 17.15
C SER D 67 25.49 -11.48 16.98
N ASN D 68 24.46 -11.71 17.79
CA ASN D 68 23.22 -10.96 17.61
C ASN D 68 23.39 -9.49 17.99
N ASP D 69 24.15 -9.22 19.04
CA ASP D 69 24.35 -7.83 19.44
C ASP D 69 25.19 -7.09 18.42
N ASN D 70 25.99 -7.82 17.64
CA ASN D 70 26.86 -7.26 16.63
C ASN D 70 26.25 -7.30 15.23
N ALA D 71 25.01 -7.76 15.09
CA ALA D 71 24.40 -7.91 13.78
C ALA D 71 24.03 -6.55 13.19
N TYR D 72 24.10 -6.46 11.86
CA TYR D 72 23.78 -5.21 11.19
C TYR D 72 23.43 -5.47 9.73
N PHE D 73 22.78 -4.49 9.11
CA PHE D 73 22.44 -4.51 7.69
C PHE D 73 22.58 -3.09 7.14
N GLY D 74 23.05 -2.98 5.91
CA GLY D 74 23.19 -1.68 5.32
C GLY D 74 23.72 -1.73 3.91
N TYR D 75 24.23 -0.60 3.45
CA TYR D 75 24.77 -0.44 2.11
C TYR D 75 26.04 0.41 2.18
N SER D 76 26.99 0.14 1.30
CA SER D 76 28.19 0.96 1.16
C SER D 76 28.20 1.62 -0.21
N THR D 77 28.64 2.87 -0.25
CA THR D 77 28.51 3.73 -1.42
C THR D 77 29.87 4.05 -2.01
N PRO D 78 29.93 4.36 -3.31
CA PRO D 78 31.18 4.89 -3.88
C PRO D 78 31.53 6.29 -3.40
N TRP D 79 30.61 7.00 -2.75
CA TRP D 79 30.83 8.37 -2.32
C TRP D 79 31.70 8.45 -1.07
N GLY D 80 32.51 9.50 -1.00
CA GLY D 80 33.24 9.86 0.19
C GLY D 80 32.66 11.12 0.84
N TYR D 81 33.19 11.45 2.01
CA TYR D 81 32.64 12.57 2.77
C TYR D 81 33.72 13.24 3.61
N PHE D 82 33.58 14.55 3.81
CA PHE D 82 34.51 15.35 4.59
C PHE D 82 34.08 15.40 6.06
N ASP D 83 35.04 15.21 6.96
CA ASP D 83 34.77 15.22 8.39
C ASP D 83 35.77 16.15 9.09
N PHE D 84 35.29 17.31 9.55
CA PHE D 84 36.03 18.19 10.44
C PHE D 84 35.52 18.17 11.88
N ASN D 85 34.66 17.21 12.22
CA ASN D 85 33.89 17.17 13.46
C ASN D 85 34.75 17.12 14.75
N ARG D 86 36.07 17.05 14.68
CA ARG D 86 36.92 17.03 15.87
C ARG D 86 37.57 18.38 16.09
N PHE D 87 37.79 18.73 17.37
CA PHE D 87 38.29 20.05 17.73
C PHE D 87 39.71 20.32 17.21
N HIS D 88 40.60 19.33 17.23
CA HIS D 88 41.95 19.59 16.74
C HIS D 88 41.98 19.92 15.26
N CYS D 89 40.89 19.72 14.54
CA CYS D 89 40.81 20.19 13.16
C CYS D 89 40.80 21.71 13.11
N HIS D 90 40.67 22.36 14.25
CA HIS D 90 40.52 23.80 14.32
C HIS D 90 41.41 24.38 15.41
N GLY D 105 33.13 30.28 28.64
CA GLY D 105 32.47 29.39 27.71
C GLY D 105 32.56 29.79 26.25
N PHE D 106 32.19 28.88 25.36
CA PHE D 106 32.30 29.13 23.93
C PHE D 106 31.29 28.25 23.21
N ARG D 107 31.10 28.55 21.92
CA ARG D 107 30.15 27.85 21.07
C ARG D 107 30.29 28.37 19.65
N PRO D 108 30.12 27.52 18.63
CA PRO D 108 30.24 27.99 17.25
C PRO D 108 29.07 28.89 16.87
N LYS D 109 29.31 29.67 15.82
CA LYS D 109 28.32 30.61 15.29
C LYS D 109 28.11 30.42 13.80
N ARG D 110 29.15 30.61 13.00
CA ARG D 110 29.07 30.55 11.55
C ARG D 110 30.04 29.50 11.04
N LEU D 111 29.79 29.06 9.80
CA LEU D 111 30.62 28.09 9.11
C LEU D 111 30.84 28.57 7.69
N ASN D 112 32.04 28.33 7.18
CA ASN D 112 32.33 28.59 5.78
C ASN D 112 33.22 27.48 5.26
N PHE D 113 32.88 26.95 4.09
CA PHE D 113 33.56 25.80 3.52
C PHE D 113 33.86 26.09 2.05
N LYS D 114 35.08 25.79 1.63
CA LYS D 114 35.46 25.94 0.24
C LYS D 114 36.23 24.71 -0.22
N LEU D 115 36.12 24.41 -1.51
CA LEU D 115 36.79 23.28 -2.13
C LEU D 115 37.33 23.76 -3.47
N PHE D 116 38.63 23.64 -3.69
CA PHE D 116 39.25 24.29 -4.83
C PHE D 116 40.54 23.55 -5.20
N ASN D 117 41.16 24.02 -6.28
CA ASN D 117 42.41 23.46 -6.80
C ASN D 117 42.29 21.93 -6.97
N ILE D 118 41.26 21.53 -7.69
CA ILE D 118 40.99 20.10 -7.88
C ILE D 118 42.01 19.52 -8.85
N GLN D 119 42.53 18.34 -8.52
CA GLN D 119 43.51 17.65 -9.35
C GLN D 119 43.09 16.20 -9.46
N VAL D 120 42.89 15.73 -10.69
CA VAL D 120 42.38 14.39 -10.95
C VAL D 120 43.42 13.62 -11.74
N LYS D 121 43.96 12.57 -11.12
CA LYS D 121 45.06 11.80 -11.69
C LYS D 121 44.55 10.45 -12.17
N GLU D 122 45.14 9.95 -13.26
CA GLU D 122 44.88 8.62 -13.76
C GLU D 122 46.11 7.74 -13.56
N VAL D 123 45.88 6.51 -13.07
CA VAL D 123 46.98 5.58 -12.88
C VAL D 123 47.07 4.63 -14.06
N ILE D 132 51.23 7.74 -13.57
CA ILE D 132 50.27 8.75 -13.12
C ILE D 132 50.41 10.03 -13.93
N ALA D 133 49.30 10.47 -14.54
CA ALA D 133 49.26 11.66 -15.35
C ALA D 133 47.95 12.39 -15.13
N ASN D 134 47.99 13.70 -15.35
CA ASN D 134 46.78 14.51 -15.23
C ASN D 134 45.72 14.06 -16.23
N ASN D 135 44.47 14.03 -15.76
CA ASN D 135 43.31 13.95 -16.65
C ASN D 135 42.60 15.30 -16.50
N LEU D 136 42.66 16.11 -17.55
CA LEU D 136 42.19 17.48 -17.45
C LEU D 136 40.68 17.60 -17.52
N THR D 137 40.03 16.75 -18.31
CA THR D 137 38.61 16.85 -18.57
C THR D 137 37.75 16.30 -17.45
N SER D 138 38.28 15.41 -16.63
CA SER D 138 37.50 14.70 -15.63
C SER D 138 36.95 15.65 -14.57
N THR D 139 35.86 15.22 -13.94
CA THR D 139 35.11 16.02 -12.99
C THR D 139 35.04 15.31 -11.65
N VAL D 140 34.67 16.07 -10.63
CA VAL D 140 34.43 15.55 -9.30
C VAL D 140 33.09 16.09 -8.81
N GLN D 141 32.21 15.18 -8.39
CA GLN D 141 30.89 15.54 -7.90
C GLN D 141 30.97 15.90 -6.42
N VAL D 142 30.30 16.99 -6.06
CA VAL D 142 30.18 17.40 -4.66
C VAL D 142 28.79 17.97 -4.46
N PHE D 143 28.17 17.62 -3.34
CA PHE D 143 26.94 18.27 -2.92
C PHE D 143 26.86 18.20 -1.41
N THR D 144 26.20 19.20 -0.83
CA THR D 144 25.83 19.16 0.57
C THR D 144 24.41 18.64 0.71
N ASP D 145 24.16 17.92 1.80
CA ASP D 145 22.82 17.47 2.10
C ASP D 145 22.28 18.48 3.12
N SER D 146 21.47 19.41 2.63
CA SER D 146 20.96 20.50 3.46
C SER D 146 19.55 20.25 3.95
N ASP D 147 18.89 19.20 3.47
CA ASP D 147 17.60 18.78 3.99
C ASP D 147 17.74 17.62 4.97
N TYR D 148 18.97 17.18 5.24
CA TYR D 148 19.24 16.10 6.18
C TYR D 148 18.50 14.83 5.78
N GLN D 149 18.47 14.57 4.48
CA GLN D 149 17.75 13.46 3.92
C GLN D 149 18.55 12.16 3.92
N LEU D 150 19.85 12.23 4.08
CA LEU D 150 20.71 11.06 4.18
C LEU D 150 20.92 10.66 5.63
N PRO D 151 21.21 9.38 5.87
CA PRO D 151 21.62 8.96 7.21
C PRO D 151 22.86 9.71 7.66
N TYR D 152 22.86 10.11 8.93
CA TYR D 152 23.85 11.06 9.45
C TYR D 152 24.90 10.29 10.26
N VAL D 153 26.09 10.15 9.69
CA VAL D 153 27.15 9.34 10.28
C VAL D 153 28.18 10.16 11.04
N LEU D 154 27.98 11.47 11.18
CA LEU D 154 29.03 12.32 11.71
C LEU D 154 28.99 12.47 13.22
N GLY D 155 28.12 11.75 13.92
CA GLY D 155 28.08 11.87 15.36
C GLY D 155 28.64 10.66 16.09
N SER D 156 29.24 9.74 15.36
CA SER D 156 29.69 8.47 15.92
C SER D 156 31.16 8.45 16.28
N ALA D 157 31.88 9.58 16.14
CA ALA D 157 33.30 9.68 16.47
C ALA D 157 34.16 8.75 15.63
N HIS D 158 33.95 8.77 14.32
CA HIS D 158 34.74 7.99 13.40
C HIS D 158 36.06 8.68 13.05
N GLU D 159 37.03 7.85 12.65
CA GLU D 159 38.25 8.37 12.06
C GLU D 159 37.96 8.88 10.65
N GLY D 160 38.97 9.48 10.02
CA GLY D 160 38.74 10.17 8.77
C GLY D 160 38.64 11.67 8.91
N CYS D 161 39.00 12.22 10.05
CA CYS D 161 38.97 13.66 10.26
C CYS D 161 40.13 14.33 9.52
N LEU D 162 39.99 15.63 9.31
CA LEU D 162 41.12 16.44 8.90
C LEU D 162 42.23 16.32 9.94
N PRO D 163 43.50 16.29 9.53
CA PRO D 163 44.56 16.06 10.50
C PRO D 163 44.75 17.27 11.39
N PRO D 164 45.17 17.07 12.64
CA PRO D 164 45.44 18.21 13.51
C PRO D 164 46.62 19.04 13.02
N PHE D 165 47.46 18.48 12.15
CA PHE D 165 48.65 19.18 11.71
C PHE D 165 48.46 19.66 10.28
N PRO D 166 48.67 20.96 10.01
CA PRO D 166 48.25 21.52 8.72
C PRO D 166 48.97 20.96 7.50
N ALA D 167 50.15 20.37 7.66
CA ALA D 167 50.90 19.92 6.49
C ALA D 167 50.66 18.46 6.13
N ASP D 168 49.78 17.76 6.84
CA ASP D 168 49.50 16.37 6.51
C ASP D 168 48.48 16.27 5.38
N VAL D 169 48.66 15.26 4.54
CA VAL D 169 47.71 14.93 3.49
C VAL D 169 46.89 13.73 3.96
N PHE D 170 45.57 13.89 4.00
CA PHE D 170 44.69 12.89 4.56
C PHE D 170 43.89 12.22 3.45
N MET D 171 43.55 10.96 3.68
CA MET D 171 42.67 10.19 2.82
C MET D 171 41.22 10.54 3.16
N ILE D 172 40.35 10.48 2.16
CA ILE D 172 38.93 10.75 2.38
C ILE D 172 38.24 9.45 2.78
N PRO D 173 37.39 9.46 3.80
CA PRO D 173 36.74 8.22 4.24
C PRO D 173 35.58 7.82 3.35
N GLN D 174 35.24 6.54 3.40
CA GLN D 174 34.16 6.02 2.59
C GLN D 174 32.83 6.16 3.32
N TYR D 175 31.79 6.48 2.55
CA TYR D 175 30.45 6.66 3.11
C TYR D 175 29.58 5.43 2.87
N GLY D 176 28.92 4.99 3.92
CA GLY D 176 27.95 3.92 3.84
C GLY D 176 27.07 4.00 5.06
N TYR D 177 25.87 3.43 4.94
CA TYR D 177 24.89 3.61 6.00
C TYR D 177 24.30 2.27 6.39
N LEU D 178 23.78 2.23 7.62
CA LEU D 178 23.09 1.07 8.18
C LEU D 178 21.60 1.35 8.20
N THR D 179 20.82 0.29 8.02
CA THR D 179 19.37 0.41 8.02
C THR D 179 18.82 -0.61 9.03
N LEU D 180 17.50 -0.73 9.09
CA LEU D 180 16.89 -1.69 10.01
C LEU D 180 17.22 -3.11 9.59
N ASN D 181 17.29 -4.00 10.56
CA ASN D 181 17.63 -5.39 10.31
C ASN D 181 16.87 -6.30 11.26
N ASP D 182 16.54 -7.50 10.79
CA ASP D 182 16.08 -8.55 11.69
C ASP D 182 17.22 -9.49 12.05
N GLY D 183 18.43 -9.15 11.61
CA GLY D 183 19.53 -10.08 11.59
C GLY D 183 20.43 -9.64 10.48
N SER D 184 21.14 -10.56 9.84
CA SER D 184 21.77 -10.29 8.56
C SER D 184 20.77 -9.91 7.48
N GLN D 185 19.47 -10.09 7.72
CA GLN D 185 18.45 -9.79 6.74
C GLN D 185 17.89 -8.39 6.92
N ALA D 186 17.03 -8.00 5.99
CA ALA D 186 16.40 -6.70 5.98
C ALA D 186 14.89 -6.86 6.13
N VAL D 187 14.26 -5.83 6.69
CA VAL D 187 12.81 -5.80 6.77
C VAL D 187 12.30 -4.88 5.66
N GLY D 188 10.98 -4.77 5.55
CA GLY D 188 10.37 -3.93 4.54
C GLY D 188 10.58 -2.45 4.80
N ARG D 189 10.70 -2.10 6.07
CA ARG D 189 10.96 -0.73 6.48
C ARG D 189 12.33 -0.20 6.10
N SER D 190 13.31 -1.08 5.93
CA SER D 190 14.65 -0.66 5.59
C SER D 190 14.62 0.13 4.30
N SER D 191 15.33 1.24 4.28
CA SER D 191 15.36 2.07 3.10
C SER D 191 16.73 2.06 2.43
N PHE D 192 16.71 2.31 1.14
CA PHE D 192 17.92 2.35 0.34
C PHE D 192 18.03 3.73 -0.31
N TYR D 193 19.22 4.32 -0.21
CA TYR D 193 19.47 5.67 -0.70
C TYR D 193 20.48 5.61 -1.83
N CYS D 194 20.07 6.06 -3.01
CA CYS D 194 21.00 6.30 -4.10
C CYS D 194 21.41 7.76 -4.07
N LEU D 195 22.69 8.01 -3.79
CA LEU D 195 23.20 9.38 -3.74
C LEU D 195 23.33 9.99 -5.12
N GLU D 196 23.28 9.19 -6.17
CA GLU D 196 23.19 9.74 -7.52
C GLU D 196 21.89 10.50 -7.72
N TYR D 197 20.92 10.34 -6.84
CA TYR D 197 19.60 10.93 -6.97
C TYR D 197 19.51 12.30 -6.29
N PHE D 198 20.60 12.82 -5.83
CA PHE D 198 20.79 14.18 -5.35
C PHE D 198 21.44 15.04 -6.42
N PRO D 199 20.88 16.21 -6.72
CA PRO D 199 21.55 17.13 -7.65
C PRO D 199 22.88 17.59 -7.08
N SER D 200 23.93 17.44 -7.89
CA SER D 200 25.28 17.75 -7.43
C SER D 200 26.01 18.56 -8.48
N GLN D 201 27.03 19.28 -8.03
CA GLN D 201 27.85 20.11 -8.89
C GLN D 201 29.11 19.38 -9.30
N MET D 202 29.43 19.43 -10.59
CA MET D 202 30.53 18.68 -11.16
C MET D 202 31.70 19.64 -11.43
N LEU D 203 32.88 19.28 -10.93
CA LEU D 203 34.02 20.21 -10.91
C LEU D 203 35.19 19.65 -11.70
N ARG D 204 35.52 20.31 -12.81
CA ARG D 204 36.82 20.13 -13.43
C ARG D 204 37.85 20.95 -12.65
N THR D 205 39.11 20.87 -13.07
CA THR D 205 40.19 21.43 -12.26
C THR D 205 40.09 22.95 -12.12
N GLY D 206 39.54 23.65 -13.09
CA GLY D 206 39.38 25.08 -12.98
C GLY D 206 38.19 25.54 -12.18
N ASN D 207 37.27 24.63 -11.87
CA ASN D 207 36.10 24.94 -11.06
C ASN D 207 36.44 24.94 -9.57
N ASN D 208 35.63 25.67 -8.81
CA ASN D 208 35.72 25.67 -7.35
C ASN D 208 34.32 25.49 -6.76
N PHE D 209 34.28 25.19 -5.47
CA PHE D 209 33.04 24.89 -4.77
C PHE D 209 33.07 25.53 -3.38
N GLN D 210 31.97 26.17 -3.00
CA GLN D 210 31.90 26.84 -1.70
C GLN D 210 30.46 26.85 -1.21
N PHE D 211 30.33 26.89 0.12
CA PHE D 211 29.04 27.19 0.74
C PHE D 211 29.30 27.69 2.15
N SER D 212 28.31 28.37 2.72
CA SER D 212 28.37 28.85 4.08
C SER D 212 27.22 28.28 4.88
N TYR D 213 27.42 28.16 6.19
CA TYR D 213 26.47 27.52 7.08
C TYR D 213 26.38 28.29 8.39
N GLU D 214 25.16 28.51 8.86
CA GLU D 214 24.89 29.21 10.10
C GLU D 214 24.51 28.19 11.18
N PHE D 215 25.36 28.05 12.19
CA PHE D 215 25.05 27.18 13.31
C PHE D 215 23.79 27.65 14.02
N GLU D 216 22.91 26.72 14.34
CA GLU D 216 21.71 27.05 15.09
C GLU D 216 22.07 27.33 16.55
N ASN D 217 21.18 28.03 17.24
CA ASN D 217 21.47 28.51 18.58
C ASN D 217 21.68 27.35 19.53
N VAL D 218 22.81 27.38 20.23
CA VAL D 218 23.14 26.41 21.27
C VAL D 218 23.66 27.20 22.47
N PRO D 219 23.70 26.58 23.65
CA PRO D 219 24.32 27.25 24.79
C PRO D 219 25.84 27.17 24.73
N PHE D 220 26.49 28.11 25.41
CA PHE D 220 27.94 28.06 25.54
C PHE D 220 28.35 26.75 26.21
N HIS D 221 29.55 26.26 25.88
CA HIS D 221 30.03 25.05 26.52
C HIS D 221 30.67 25.48 27.83
N SER D 222 30.35 24.80 28.92
CA SER D 222 30.91 25.17 30.20
C SER D 222 32.42 24.97 30.16
N SER D 223 33.14 25.99 30.63
CA SER D 223 34.59 25.94 30.65
C SER D 223 35.07 26.41 32.01
N TYR D 224 34.76 25.64 33.04
CA TYR D 224 35.14 25.96 34.40
C TYR D 224 35.07 24.70 35.24
N ALA D 225 35.71 24.72 36.41
CA ALA D 225 35.69 23.57 37.30
C ALA D 225 35.08 23.95 38.63
N GLY D 273 19.52 19.92 55.45
CA GLY D 273 18.44 20.52 54.69
C GLY D 273 18.93 21.37 53.54
N ARG D 274 18.93 20.80 52.34
CA ARG D 274 19.45 21.47 51.15
C ARG D 274 18.35 21.55 50.09
N ASN D 275 18.48 22.56 49.23
CA ASN D 275 17.51 22.78 48.16
C ASN D 275 17.74 21.88 46.95
N TYR D 276 18.99 21.66 46.54
CA TYR D 276 19.27 20.96 45.30
C TYR D 276 20.11 19.73 45.60
N ILE D 277 20.11 18.79 44.66
CA ILE D 277 20.72 17.48 44.84
C ILE D 277 21.52 17.15 43.58
N PRO D 278 22.48 16.23 43.68
CA PRO D 278 23.27 15.86 42.50
C PRO D 278 22.45 15.14 41.45
N GLY D 279 22.98 15.16 40.23
CA GLY D 279 22.26 14.65 39.07
C GLY D 279 22.14 13.14 39.03
N PRO D 280 21.68 12.62 37.90
CA PRO D 280 21.40 11.19 37.81
C PRO D 280 22.66 10.35 37.69
N SER D 281 22.52 9.09 38.07
CA SER D 281 23.64 8.16 38.03
C SER D 281 23.19 6.85 37.44
N TYR D 282 24.08 6.24 36.66
CA TYR D 282 23.91 4.85 36.22
C TYR D 282 25.26 4.18 36.51
N ARG D 283 25.30 3.29 37.51
CA ARG D 283 26.60 2.92 38.06
C ARG D 283 27.43 2.16 37.05
N GLN D 284 28.72 2.48 37.00
CA GLN D 284 29.71 1.80 36.18
C GLN D 284 30.56 0.89 37.07
N GLN D 285 31.03 -0.21 36.49
CA GLN D 285 31.96 -1.08 37.18
C GLN D 285 33.31 -0.38 37.38
N ARG D 286 33.98 -0.71 38.48
CA ARG D 286 35.22 -0.03 38.85
C ARG D 286 36.42 -0.91 38.49
N VAL D 287 37.27 -0.41 37.60
CA VAL D 287 38.47 -1.11 37.16
C VAL D 287 39.67 -0.25 37.53
N SER D 288 40.78 -0.89 37.87
CA SER D 288 41.95 -0.19 38.38
C SER D 288 43.12 -0.30 37.40
N THR D 289 44.01 0.69 37.46
CA THR D 289 45.23 0.67 36.67
C THR D 289 46.28 -0.28 37.22
N THR D 290 46.17 -0.65 38.49
CA THR D 290 47.05 -1.66 39.09
C THR D 290 46.39 -3.02 38.92
N VAL D 291 47.02 -3.90 38.13
CA VAL D 291 46.37 -5.13 37.73
C VAL D 291 46.04 -6.01 38.94
N THR D 292 46.83 -5.94 40.00
CA THR D 292 46.64 -6.87 41.11
C THR D 292 45.50 -6.46 42.04
N GLN D 293 44.96 -5.26 41.84
CA GLN D 293 43.83 -4.80 42.63
C GLN D 293 42.54 -5.33 41.99
N ASN D 294 42.60 -5.57 40.69
CA ASN D 294 41.48 -6.10 39.92
C ASN D 294 41.27 -7.59 40.17
N ASN D 295 40.06 -8.06 39.90
CA ASN D 295 39.71 -9.47 40.05
C ASN D 295 40.37 -10.31 38.98
N ASN D 296 40.75 -11.53 39.32
CA ASN D 296 41.37 -12.43 38.34
C ASN D 296 40.32 -13.21 37.55
N SER D 297 39.58 -12.51 36.70
CA SER D 297 38.56 -13.12 35.87
C SER D 297 38.25 -12.20 34.69
N GLU D 298 37.61 -12.73 33.65
CA GLU D 298 37.27 -11.88 32.51
C GLU D 298 35.92 -11.24 32.76
N PHE D 299 35.93 -10.00 33.21
CA PHE D 299 34.73 -9.26 33.50
C PHE D 299 34.55 -8.06 32.58
N ALA D 300 35.30 -8.00 31.50
CA ALA D 300 35.18 -6.85 30.62
C ALA D 300 33.79 -6.73 30.02
N TRP D 301 33.22 -7.84 29.56
CA TRP D 301 31.88 -7.80 28.99
C TRP D 301 30.82 -8.15 30.03
N PRO D 302 31.12 -9.12 30.90
CA PRO D 302 30.21 -9.60 31.94
C PRO D 302 29.84 -8.57 32.99
N GLY D 303 30.80 -7.77 33.43
CA GLY D 303 30.52 -6.77 34.45
C GLY D 303 30.33 -5.38 33.88
N ALA D 304 29.88 -5.31 32.64
CA ALA D 304 29.67 -4.04 31.97
C ALA D 304 28.23 -3.59 32.08
N SER D 305 28.04 -2.28 32.25
CA SER D 305 26.71 -1.68 32.24
C SER D 305 26.22 -1.58 30.80
N SER D 306 25.00 -2.05 30.55
CA SER D 306 24.49 -2.10 29.19
C SER D 306 23.09 -1.53 29.15
N TRP D 307 22.60 -1.30 27.94
CA TRP D 307 21.19 -1.07 27.70
C TRP D 307 20.74 -1.91 26.52
N ALA D 308 19.60 -2.56 26.68
CA ALA D 308 19.05 -3.48 25.70
C ALA D 308 18.03 -2.75 24.84
N LEU D 309 18.13 -2.94 23.52
CA LEU D 309 17.18 -2.34 22.60
C LEU D 309 16.84 -3.38 21.54
N ASN D 310 15.56 -3.78 21.49
CA ASN D 310 15.07 -4.75 20.51
C ASN D 310 15.83 -6.08 20.59
N GLY D 311 16.17 -6.48 21.81
CA GLY D 311 16.86 -7.74 22.02
C GLY D 311 18.36 -7.69 21.85
N ARG D 312 18.94 -6.54 21.50
CA ARG D 312 20.37 -6.39 21.36
C ARG D 312 20.93 -5.57 22.52
N ASN D 313 22.01 -6.06 23.10
CA ASN D 313 22.64 -5.45 24.26
C ASN D 313 23.81 -4.59 23.81
N SER D 314 23.70 -3.28 24.01
CA SER D 314 24.77 -2.35 23.73
C SER D 314 25.39 -1.88 25.03
N LEU D 315 26.71 -1.85 25.07
CA LEU D 315 27.42 -1.30 26.21
C LEU D 315 26.98 0.14 26.46
N MET D 316 26.96 0.55 27.72
CA MET D 316 26.60 1.92 28.05
C MET D 316 27.89 2.73 27.99
N ASN D 317 28.04 3.50 26.93
CA ASN D 317 29.30 4.16 26.65
C ASN D 317 29.03 5.55 26.09
N PRO D 318 29.75 6.57 26.58
CA PRO D 318 30.43 6.50 27.88
C PRO D 318 29.40 6.55 29.00
N GLY D 319 28.20 7.01 28.68
CA GLY D 319 27.09 7.03 29.61
C GLY D 319 26.80 8.41 30.16
N PRO D 320 25.94 8.47 31.17
CA PRO D 320 25.62 9.76 31.78
C PRO D 320 26.85 10.36 32.44
N ALA D 321 26.89 11.70 32.45
CA ALA D 321 28.08 12.41 32.91
C ALA D 321 28.24 12.22 34.42
N MET D 322 29.37 11.65 34.83
CA MET D 322 29.63 11.35 36.22
C MET D 322 31.12 11.56 36.50
N ALA D 323 31.44 11.71 37.78
CA ALA D 323 32.83 11.83 38.18
C ALA D 323 33.55 10.51 37.97
N SER D 324 34.79 10.58 37.47
CA SER D 324 35.54 9.37 37.16
C SER D 324 35.85 8.55 38.40
N HIS D 325 36.20 9.21 39.50
CA HIS D 325 36.69 8.49 40.67
C HIS D 325 36.47 9.34 41.91
N LYS D 326 36.47 8.68 43.07
CA LYS D 326 36.32 9.37 44.34
C LYS D 326 37.54 10.20 44.68
N GLU D 327 37.35 11.13 45.62
CA GLU D 327 38.46 11.91 46.14
C GLU D 327 39.54 11.01 46.71
N GLY D 328 40.76 11.21 46.24
CA GLY D 328 41.91 10.46 46.72
C GLY D 328 42.27 9.22 45.94
N GLU D 329 41.33 8.62 45.22
CA GLU D 329 41.63 7.47 44.38
C GLU D 329 41.69 7.94 42.93
N ASP D 330 42.89 8.04 42.38
CA ASP D 330 43.10 8.33 40.98
C ASP D 330 43.40 7.10 40.15
N ARG D 331 43.51 5.93 40.79
CA ARG D 331 43.89 4.71 40.09
C ARG D 331 42.70 3.90 39.59
N PHE D 332 41.48 4.26 39.99
CA PHE D 332 40.28 3.58 39.54
C PHE D 332 39.58 4.39 38.47
N PHE D 333 38.98 3.69 37.51
CA PHE D 333 38.25 4.32 36.43
C PHE D 333 37.03 3.48 36.08
N PRO D 334 35.95 4.11 35.62
CA PRO D 334 34.78 3.34 35.22
C PRO D 334 35.04 2.54 33.96
N LEU D 335 34.51 1.31 33.92
CA LEU D 335 34.78 0.39 32.83
C LEU D 335 34.50 1.03 31.47
N SER D 336 33.24 1.33 31.19
CA SER D 336 32.85 2.03 29.97
C SER D 336 32.63 3.52 30.19
N GLY D 337 32.84 4.02 31.40
CA GLY D 337 32.38 5.36 31.70
C GLY D 337 33.20 6.51 31.14
N SER D 338 34.43 6.27 30.70
CA SER D 338 35.31 7.34 30.29
C SER D 338 35.69 7.22 28.83
N LEU D 339 36.11 8.34 28.26
CA LEU D 339 36.66 8.33 26.90
C LEU D 339 38.10 7.86 26.93
N ILE D 340 38.51 7.17 25.87
CA ILE D 340 39.85 6.61 25.75
C ILE D 340 40.39 6.97 24.38
N PHE D 341 41.45 7.76 24.34
CA PHE D 341 42.10 8.14 23.09
C PHE D 341 43.38 7.34 22.91
N GLY D 342 43.67 6.99 21.67
CA GLY D 342 44.93 6.37 21.33
C GLY D 342 46.02 7.40 21.09
N LYS D 343 47.21 7.05 21.53
CA LYS D 343 48.39 7.86 21.26
C LYS D 343 48.78 7.70 19.79
N GLN D 344 49.60 8.64 19.31
CA GLN D 344 50.04 8.56 17.92
C GLN D 344 50.73 7.22 17.68
N GLY D 345 50.24 6.50 16.68
CA GLY D 345 50.80 5.20 16.35
C GLY D 345 50.33 4.05 17.22
N THR D 346 49.36 4.27 18.11
CA THR D 346 48.88 3.19 18.96
C THR D 346 48.27 2.07 18.12
N GLY D 347 48.58 0.83 18.50
CA GLY D 347 48.07 -0.32 17.78
C GLY D 347 46.56 -0.40 17.80
N ARG D 348 46.04 -1.21 16.90
CA ARG D 348 44.59 -1.31 16.72
C ARG D 348 43.92 -2.26 17.72
N ASP D 349 44.59 -3.34 18.12
CA ASP D 349 43.93 -4.40 18.86
C ASP D 349 44.74 -4.81 20.09
N ASN D 350 44.07 -4.86 21.23
CA ASN D 350 44.59 -5.49 22.46
C ASN D 350 45.87 -4.80 22.94
N VAL D 351 45.92 -3.50 22.76
CA VAL D 351 47.06 -2.70 23.20
C VAL D 351 47.04 -2.64 24.71
N ASP D 352 48.22 -2.48 25.31
CA ASP D 352 48.31 -2.41 26.76
C ASP D 352 47.80 -1.06 27.26
N ALA D 353 47.76 -0.92 28.58
CA ALA D 353 47.19 0.28 29.18
C ALA D 353 48.04 1.51 28.92
N ASP D 354 49.34 1.32 28.67
CA ASP D 354 50.25 2.42 28.42
C ASP D 354 50.10 3.01 27.03
N LYS D 355 49.65 2.23 26.05
CA LYS D 355 49.49 2.70 24.68
C LYS D 355 48.33 3.68 24.51
N VAL D 356 47.44 3.80 25.50
CA VAL D 356 46.23 4.59 25.34
C VAL D 356 46.20 5.72 26.37
N MET D 357 45.45 6.75 26.04
CA MET D 357 45.16 7.85 26.94
C MET D 357 43.74 7.67 27.48
N ILE D 358 43.55 7.95 28.77
CA ILE D 358 42.25 7.85 29.41
C ILE D 358 41.90 9.21 29.99
N THR D 359 40.84 9.83 29.48
CA THR D 359 40.35 11.07 30.05
C THR D 359 39.83 10.82 31.46
N ASN D 360 39.85 11.88 32.27
CA ASN D 360 39.30 11.81 33.62
C ASN D 360 38.31 12.95 33.83
N GLU D 361 37.16 12.60 34.39
CA GLU D 361 36.05 13.52 34.61
C GLU D 361 36.07 14.14 36.00
N GLU D 362 37.14 13.96 36.77
CA GLU D 362 37.16 14.32 38.18
C GLU D 362 36.71 15.76 38.45
N GLU D 363 36.78 16.64 37.46
CA GLU D 363 36.37 18.03 37.66
C GLU D 363 34.93 18.15 38.13
N ILE D 364 34.04 17.25 37.72
CA ILE D 364 32.62 17.42 37.94
C ILE D 364 32.18 16.70 39.22
N LYS D 365 33.13 16.18 39.98
CA LYS D 365 32.79 15.52 41.23
C LYS D 365 32.08 16.43 42.21
N THR D 366 32.06 17.74 41.96
CA THR D 366 31.30 18.65 42.79
C THR D 366 29.79 18.42 42.65
N THR D 367 29.27 18.50 41.43
CA THR D 367 27.84 18.37 41.21
C THR D 367 27.39 17.00 40.75
N ASN D 368 28.30 16.07 40.51
CA ASN D 368 27.86 14.84 39.89
C ASN D 368 28.24 13.62 40.71
N PRO D 369 27.40 12.59 40.73
CA PRO D 369 27.72 11.39 41.50
C PRO D 369 28.95 10.69 40.94
N VAL D 370 29.65 9.99 41.84
CA VAL D 370 30.80 9.18 41.43
C VAL D 370 30.32 8.02 40.59
N ALA D 371 30.96 7.82 39.43
CA ALA D 371 30.48 6.83 38.47
C ALA D 371 30.45 5.43 39.09
N THR D 372 31.46 5.08 39.88
CA THR D 372 31.56 3.72 40.39
C THR D 372 30.81 3.54 41.71
N GLU D 373 30.51 4.64 42.40
CA GLU D 373 29.78 4.58 43.67
C GLU D 373 28.27 4.55 43.42
N SER D 374 27.54 3.98 44.38
CA SER D 374 26.08 4.06 44.35
C SER D 374 25.62 5.49 44.62
N TYR D 375 24.38 5.78 44.23
CA TYR D 375 23.87 7.14 44.36
C TYR D 375 23.49 7.45 45.80
N GLY D 376 22.94 6.47 46.52
CA GLY D 376 22.54 6.70 47.90
C GLY D 376 21.82 5.49 48.47
N GLN D 377 21.06 5.74 49.52
CA GLN D 377 20.28 4.72 50.20
C GLN D 377 18.80 5.07 50.20
N VAL D 378 17.95 4.04 50.27
CA VAL D 378 16.52 4.20 50.45
C VAL D 378 16.04 3.18 51.48
N ALA D 379 15.09 3.59 52.30
CA ALA D 379 14.44 2.70 53.24
C ALA D 379 13.62 1.66 52.47
N THR D 380 13.81 0.39 52.80
CA THR D 380 13.13 -0.69 52.10
C THR D 380 11.91 -1.23 52.83
N ASN D 381 11.60 -0.75 54.03
CA ASN D 381 10.47 -1.29 54.78
C ASN D 381 9.98 -0.25 55.79
N HIS D 382 8.94 -0.61 56.53
CA HIS D 382 8.41 0.19 57.63
C HIS D 382 8.94 -0.38 58.93
N GLN D 383 9.49 0.48 59.78
CA GLN D 383 9.91 0.03 61.09
C GLN D 383 8.69 -0.20 61.98
N SER D 384 8.89 -1.02 63.00
CA SER D 384 7.91 -1.29 64.04
C SER D 384 8.64 -1.99 65.16
N ALA D 385 7.93 -2.26 66.25
CA ALA D 385 8.57 -2.88 67.41
C ALA D 385 9.23 -4.19 67.06
N GLN D 386 8.73 -4.89 66.04
CA GLN D 386 9.25 -6.20 65.67
C GLN D 386 10.23 -6.17 64.51
N ALA D 387 10.46 -5.01 63.88
CA ALA D 387 11.22 -4.95 62.65
C ALA D 387 12.22 -3.80 62.69
N GLN D 388 13.48 -4.10 62.42
CA GLN D 388 14.52 -3.09 62.35
C GLN D 388 14.45 -2.35 61.03
N ALA D 389 14.86 -1.08 61.05
CA ALA D 389 14.87 -0.28 59.83
C ALA D 389 15.88 -0.84 58.85
N GLN D 390 15.43 -1.08 57.62
CA GLN D 390 16.28 -1.62 56.58
C GLN D 390 16.46 -0.60 55.48
N THR D 391 17.58 -0.72 54.78
CA THR D 391 17.91 0.17 53.68
C THR D 391 18.45 -0.65 52.51
N GLY D 392 18.56 0.02 51.37
CA GLY D 392 19.15 -0.58 50.19
C GLY D 392 19.87 0.47 49.38
N TRP D 393 20.75 -0.01 48.51
CA TRP D 393 21.58 0.91 47.74
C TRP D 393 20.94 1.21 46.39
N VAL D 394 20.98 2.48 46.00
CA VAL D 394 20.44 2.92 44.73
C VAL D 394 21.58 2.85 43.72
N GLN D 395 21.50 1.89 42.81
CA GLN D 395 22.56 1.71 41.83
C GLN D 395 22.43 2.72 40.71
N ASN D 396 21.22 2.95 40.22
CA ASN D 396 20.95 3.91 39.17
C ASN D 396 19.77 4.78 39.57
N GLN D 397 19.75 6.02 39.07
CA GLN D 397 18.70 6.97 39.38
C GLN D 397 18.42 7.82 38.15
N GLY D 398 17.13 8.03 37.86
CA GLY D 398 16.74 8.97 36.84
C GLY D 398 16.52 10.36 37.42
N ILE D 399 16.17 11.29 36.53
CA ILE D 399 16.02 12.69 36.92
C ILE D 399 15.02 12.82 38.05
N LEU D 400 15.35 13.65 39.03
CA LEU D 400 14.47 14.12 40.08
C LEU D 400 14.44 15.64 40.04
N PRO D 401 13.30 16.26 40.35
CA PRO D 401 13.30 17.72 40.48
C PRO D 401 14.28 18.17 41.54
N GLY D 402 14.93 19.30 41.29
CA GLY D 402 16.00 19.75 42.14
C GLY D 402 17.35 19.16 41.85
N MET D 403 17.52 18.47 40.73
CA MET D 403 18.84 18.01 40.33
C MET D 403 19.56 19.07 39.51
N VAL D 404 20.86 19.19 39.76
CA VAL D 404 21.76 19.98 38.94
C VAL D 404 22.94 19.10 38.59
N TRP D 405 23.49 19.31 37.41
CA TRP D 405 24.60 18.48 36.95
C TRP D 405 25.42 19.27 35.94
N GLN D 406 26.66 18.83 35.77
CA GLN D 406 27.53 19.29 34.70
C GLN D 406 27.63 18.23 33.64
N ASP D 407 27.79 18.66 32.39
CA ASP D 407 27.91 17.73 31.30
C ASP D 407 29.37 17.29 31.13
N ARG D 408 29.60 16.38 30.20
CA ARG D 408 30.95 15.91 29.94
C ARG D 408 31.73 16.97 29.18
N ASP D 409 32.98 17.14 29.56
CA ASP D 409 33.80 18.19 28.97
C ASP D 409 34.24 17.80 27.56
N VAL D 410 34.65 18.80 26.81
CA VAL D 410 35.13 18.63 25.44
C VAL D 410 36.64 18.63 25.47
N TYR D 411 37.23 17.88 24.54
CA TYR D 411 38.68 17.76 24.43
C TYR D 411 39.15 18.20 23.05
N LEU D 412 40.44 18.52 22.97
CA LEU D 412 41.03 18.88 21.69
C LEU D 412 40.92 17.72 20.70
N GLN D 413 40.90 16.48 21.21
CA GLN D 413 40.78 15.28 20.40
C GLN D 413 39.36 14.77 20.28
N GLY D 414 38.39 15.44 20.89
CA GLY D 414 37.04 14.93 20.93
C GLY D 414 36.13 15.55 19.88
N PRO D 415 34.93 15.00 19.74
CA PRO D 415 34.00 15.50 18.71
C PRO D 415 33.47 16.88 19.05
N ILE D 416 33.24 17.66 18.02
CA ILE D 416 32.76 19.03 18.20
C ILE D 416 31.27 19.00 18.49
N TRP D 417 30.48 18.51 17.55
CA TRP D 417 29.03 18.49 17.69
C TRP D 417 28.50 17.07 17.49
N ALA D 418 27.17 16.98 17.51
CA ALA D 418 26.44 15.76 17.17
C ALA D 418 25.05 16.15 16.71
N LYS D 419 24.39 15.23 16.02
CA LYS D 419 23.03 15.47 15.54
C LYS D 419 22.03 14.85 16.50
N ILE D 420 21.09 15.66 16.95
CA ILE D 420 20.01 15.15 17.80
C ILE D 420 19.07 14.30 16.94
N PRO D 421 18.77 13.07 17.31
CA PRO D 421 17.85 12.26 16.49
C PRO D 421 16.51 12.95 16.39
N HIS D 422 15.79 12.66 15.32
CA HIS D 422 14.49 13.30 15.10
C HIS D 422 13.45 12.40 15.74
N THR D 423 12.91 12.85 16.88
CA THR D 423 12.05 12.01 17.69
C THR D 423 10.97 12.87 18.34
N ASP D 424 9.97 12.20 18.91
CA ASP D 424 8.90 12.89 19.60
C ASP D 424 9.43 13.69 20.78
N GLY D 425 10.33 13.11 21.56
CA GLY D 425 10.84 13.79 22.73
C GLY D 425 12.27 13.41 23.04
N ASN D 426 12.92 14.31 23.76
CA ASN D 426 14.26 14.08 24.27
C ASN D 426 14.42 14.93 25.53
N PHE D 427 15.28 14.49 26.42
CA PHE D 427 15.63 15.30 27.57
C PHE D 427 17.11 15.58 27.55
N HIS D 428 17.45 16.86 27.68
CA HIS D 428 18.81 17.37 27.72
C HIS D 428 19.60 16.80 26.54
N PRO D 429 19.32 17.27 25.34
CA PRO D 429 19.84 16.62 24.12
C PRO D 429 21.35 16.60 23.98
N SER D 430 22.09 17.33 24.83
CA SER D 430 23.53 17.41 24.70
C SER D 430 24.14 16.03 24.55
N PRO D 431 25.01 15.81 23.56
CA PRO D 431 25.48 14.46 23.25
C PRO D 431 26.33 13.88 24.36
N LEU D 432 26.19 12.57 24.55
CA LEU D 432 26.86 11.92 25.68
C LEU D 432 28.37 11.87 25.52
N MET D 433 28.87 11.70 24.30
CA MET D 433 30.31 11.76 24.10
C MET D 433 30.86 13.18 24.15
N GLY D 434 30.02 14.18 24.27
CA GLY D 434 30.44 15.55 24.46
C GLY D 434 30.23 16.40 23.22
N GLY D 435 30.27 17.71 23.43
CA GLY D 435 30.03 18.65 22.36
C GLY D 435 28.64 19.25 22.37
N PHE D 436 28.26 19.79 21.22
CA PHE D 436 27.04 20.56 21.06
C PHE D 436 26.03 19.78 20.23
N GLY D 437 24.94 19.35 20.87
CA GLY D 437 23.86 18.68 20.15
C GLY D 437 23.05 19.66 19.31
N MET D 438 22.77 19.26 18.09
CA MET D 438 22.06 20.12 17.14
C MET D 438 21.01 19.30 16.41
N LYS D 439 19.84 19.91 16.19
CA LYS D 439 18.83 19.28 15.35
C LYS D 439 19.13 19.47 13.88
N HIS D 440 19.74 20.59 13.50
CA HIS D 440 20.22 20.82 12.15
C HIS D 440 21.71 21.09 12.22
N PRO D 441 22.51 20.04 12.31
CA PRO D 441 23.96 20.21 12.40
C PRO D 441 24.54 20.68 11.09
N PRO D 442 25.86 20.91 11.02
CA PRO D 442 26.48 21.18 9.73
C PRO D 442 26.20 20.05 8.75
N PRO D 443 25.78 20.39 7.53
CA PRO D 443 25.35 19.35 6.59
C PRO D 443 26.52 18.51 6.11
N GLN D 444 26.24 17.23 5.90
CA GLN D 444 27.23 16.34 5.32
C GLN D 444 27.62 16.83 3.93
N ILE D 445 28.87 16.61 3.56
CA ILE D 445 29.40 16.95 2.26
C ILE D 445 29.82 15.66 1.59
N LEU D 446 29.26 15.38 0.42
CA LEU D 446 29.51 14.14 -0.28
C LEU D 446 30.34 14.41 -1.52
N ILE D 447 31.28 13.52 -1.81
CA ILE D 447 32.23 13.70 -2.89
C ILE D 447 32.56 12.33 -3.48
N LYS D 448 32.69 12.28 -4.80
CA LYS D 448 33.17 11.08 -5.47
C LYS D 448 33.79 11.48 -6.80
N ASN D 449 34.55 10.56 -7.36
CA ASN D 449 35.08 10.72 -8.70
C ASN D 449 34.05 10.26 -9.72
N THR D 450 33.76 11.11 -10.69
CA THR D 450 32.82 10.72 -11.74
C THR D 450 33.39 9.56 -12.53
N PRO D 451 32.66 8.45 -12.66
CA PRO D 451 33.21 7.33 -13.42
C PRO D 451 33.43 7.70 -14.88
N VAL D 452 34.62 7.39 -15.37
CA VAL D 452 34.95 7.56 -16.77
C VAL D 452 35.21 6.17 -17.33
N PRO D 453 34.36 5.67 -18.23
CA PRO D 453 34.49 4.28 -18.66
C PRO D 453 35.65 4.10 -19.63
N ALA D 454 36.16 2.87 -19.67
CA ALA D 454 37.14 2.48 -20.66
C ALA D 454 36.47 2.29 -22.02
N ASP D 455 37.21 1.76 -22.96
CA ASP D 455 36.70 1.64 -24.33
C ASP D 455 35.52 0.67 -24.37
N PRO D 456 34.33 1.13 -24.72
CA PRO D 456 33.19 0.21 -24.88
C PRO D 456 33.38 -0.65 -26.11
N PRO D 457 32.68 -1.76 -26.21
CA PRO D 457 32.79 -2.62 -27.40
C PRO D 457 32.30 -1.89 -28.64
N THR D 458 32.66 -2.44 -29.79
CA THR D 458 32.25 -1.89 -31.08
C THR D 458 30.84 -2.31 -31.48
N ALA D 459 30.21 -3.21 -30.73
CA ALA D 459 28.84 -3.61 -30.95
C ALA D 459 28.04 -3.32 -29.68
N PHE D 460 26.82 -2.81 -29.86
CA PHE D 460 26.02 -2.40 -28.71
C PHE D 460 25.70 -3.57 -27.79
N ASN D 461 25.90 -3.35 -26.50
CA ASN D 461 25.58 -4.33 -25.47
C ASN D 461 24.81 -3.63 -24.35
N LYS D 462 23.63 -4.16 -24.03
CA LYS D 462 22.75 -3.50 -23.08
C LYS D 462 23.27 -3.51 -21.65
N ASP D 463 24.16 -4.44 -21.31
CA ASP D 463 24.67 -4.52 -19.96
C ASP D 463 25.46 -3.26 -19.62
N LYS D 464 25.43 -2.88 -18.35
CA LYS D 464 26.16 -1.69 -17.94
C LYS D 464 27.66 -1.93 -18.04
N LEU D 465 28.40 -0.84 -18.19
CA LEU D 465 29.83 -0.90 -18.37
C LEU D 465 30.50 -1.32 -17.06
N ASN D 466 31.26 -2.40 -17.10
CA ASN D 466 31.97 -2.90 -15.93
C ASN D 466 33.44 -2.53 -15.90
N SER D 467 33.95 -1.83 -16.91
CA SER D 467 35.37 -1.56 -17.04
C SER D 467 35.60 -0.06 -17.10
N PHE D 468 36.45 0.45 -16.21
CA PHE D 468 36.62 1.88 -16.02
C PHE D 468 38.09 2.24 -15.91
N ILE D 469 38.40 3.48 -16.30
CA ILE D 469 39.76 3.99 -16.21
C ILE D 469 40.09 4.28 -14.76
N THR D 470 41.19 3.68 -14.28
CA THR D 470 41.61 3.88 -12.89
C THR D 470 41.93 5.35 -12.66
N GLN D 471 41.39 5.91 -11.57
CA GLN D 471 41.42 7.35 -11.41
C GLN D 471 41.30 7.70 -9.93
N TYR D 472 41.87 8.83 -9.55
CA TYR D 472 41.68 9.38 -8.22
C TYR D 472 41.97 10.86 -8.28
N SER D 473 41.56 11.58 -7.22
CA SER D 473 41.65 13.03 -7.22
C SER D 473 42.31 13.53 -5.94
N THR D 474 42.68 14.81 -5.97
CA THR D 474 43.25 15.49 -4.82
C THR D 474 43.02 16.98 -4.96
N GLY D 475 43.10 17.67 -3.83
CA GLY D 475 42.79 19.10 -3.83
C GLY D 475 43.00 19.70 -2.47
N GLN D 476 42.37 20.85 -2.25
CA GLN D 476 42.51 21.61 -1.02
C GLN D 476 41.14 21.83 -0.38
N VAL D 477 41.11 21.79 0.95
CA VAL D 477 39.92 22.08 1.74
C VAL D 477 40.22 23.20 2.71
N SER D 478 39.39 24.24 2.68
CA SER D 478 39.45 25.32 3.65
C SER D 478 38.12 25.39 4.38
N VAL D 479 38.17 25.36 5.71
CA VAL D 479 36.98 25.44 6.54
C VAL D 479 37.16 26.56 7.55
N GLU D 480 36.17 27.45 7.62
CA GLU D 480 36.22 28.64 8.46
C GLU D 480 35.06 28.57 9.45
N ILE D 481 35.37 28.64 10.74
CA ILE D 481 34.36 28.62 11.79
C ILE D 481 34.61 29.79 12.72
N GLU D 482 33.64 30.69 12.79
CA GLU D 482 33.60 31.73 13.81
C GLU D 482 33.10 31.12 15.11
N TRP D 483 33.72 31.51 16.22
CA TRP D 483 33.35 30.97 17.53
C TRP D 483 32.82 32.05 18.46
N VAL E 218 9.31 33.79 37.06
CA VAL E 218 8.94 32.77 38.05
C VAL E 218 7.47 32.42 37.92
N PRO E 219 7.13 31.16 38.14
CA PRO E 219 5.71 30.78 38.15
C PRO E 219 5.04 31.17 39.46
N PHE E 220 3.73 31.40 39.37
CA PHE E 220 2.94 31.61 40.57
C PHE E 220 3.04 30.39 41.48
N HIS E 221 3.30 30.62 42.76
CA HIS E 221 3.34 29.50 43.68
C HIS E 221 1.91 29.03 43.78
N SER E 222 1.69 27.71 43.76
CA SER E 222 0.32 27.21 43.80
C SER E 222 -0.21 27.07 45.22
N SER E 223 -0.75 28.17 45.74
CA SER E 223 -1.33 28.19 47.07
C SER E 223 -2.79 27.76 47.03
N TYR E 224 -3.02 26.49 46.75
CA TYR E 224 -4.34 25.89 46.67
C TYR E 224 -4.19 24.39 46.81
N ALA E 225 -5.30 23.72 47.09
CA ALA E 225 -5.28 22.27 47.22
C ALA E 225 -6.17 21.67 46.16
N HIS E 226 -5.73 20.58 45.55
CA HIS E 226 -6.53 19.93 44.52
C HIS E 226 -7.79 19.29 45.11
N SER E 227 -8.91 19.47 44.44
CA SER E 227 -10.17 18.90 44.90
C SER E 227 -10.40 17.52 44.28
N GLN E 228 -9.47 17.09 43.43
CA GLN E 228 -9.56 15.79 42.77
C GLN E 228 -8.23 15.05 42.85
N SER E 229 -8.30 13.73 42.84
CA SER E 229 -7.11 12.90 42.88
C SER E 229 -6.74 12.51 41.46
N LEU E 230 -5.47 12.23 41.25
CA LEU E 230 -4.94 11.85 39.94
C LEU E 230 -5.60 10.58 39.40
N ASP E 231 -6.01 9.67 40.27
CA ASP E 231 -6.61 8.42 39.85
C ASP E 231 -8.12 8.50 39.61
N ARG E 232 -8.79 9.53 40.12
CA ARG E 232 -10.24 9.63 40.06
C ARG E 232 -10.77 10.57 38.96
N LEU E 233 -9.92 11.06 38.07
CA LEU E 233 -10.31 12.05 37.07
C LEU E 233 -11.43 11.57 36.13
N MET E 234 -11.77 10.30 36.16
CA MET E 234 -12.76 9.71 35.27
C MET E 234 -14.17 10.22 35.55
N ASN E 235 -15.04 10.06 34.56
CA ASN E 235 -16.48 10.13 34.79
C ASN E 235 -16.93 8.83 35.45
N PRO E 236 -17.43 8.88 36.69
CA PRO E 236 -17.81 7.64 37.38
C PRO E 236 -19.01 6.93 36.79
N LEU E 237 -19.78 7.58 35.91
CA LEU E 237 -20.97 6.96 35.35
C LEU E 237 -20.69 6.07 34.14
N ILE E 238 -19.83 6.50 33.22
CA ILE E 238 -19.70 5.88 31.90
C ILE E 238 -18.54 4.89 31.91
N ASP E 239 -18.69 3.79 31.18
CA ASP E 239 -17.58 2.87 30.98
C ASP E 239 -16.53 3.47 30.06
N GLN E 240 -15.29 2.99 30.19
CA GLN E 240 -14.32 3.21 29.14
C GLN E 240 -14.54 2.22 28.00
N TYR E 241 -14.05 2.59 26.83
CA TYR E 241 -14.02 1.70 25.67
C TYR E 241 -12.79 0.82 25.63
N LEU E 242 -11.97 0.86 26.67
CA LEU E 242 -10.73 0.09 26.74
C LEU E 242 -10.91 -1.13 27.63
N TYR E 243 -10.19 -2.20 27.27
CA TYR E 243 -10.27 -3.48 27.94
C TYR E 243 -8.99 -3.74 28.73
N TYR E 244 -9.13 -4.54 29.79
CA TYR E 244 -8.01 -4.99 30.58
C TYR E 244 -8.13 -6.49 30.76
N LEU E 245 -7.07 -7.13 31.23
CA LEU E 245 -7.05 -8.58 31.33
C LEU E 245 -7.55 -8.95 32.72
N SER E 246 -8.77 -9.49 32.78
CA SER E 246 -9.41 -9.74 34.07
C SER E 246 -8.99 -11.07 34.66
N LYS E 247 -8.90 -12.12 33.86
CA LYS E 247 -8.78 -13.47 34.37
C LYS E 247 -7.82 -14.29 33.52
N THR E 248 -6.80 -14.88 34.16
CA THR E 248 -5.84 -15.70 33.46
C THR E 248 -6.05 -17.21 33.60
N ILE E 249 -7.01 -17.65 34.41
CA ILE E 249 -7.29 -19.08 34.57
C ILE E 249 -8.76 -19.35 34.83
N ASN E 250 -9.24 -20.51 34.38
CA ASN E 250 -10.60 -20.96 34.67
C ASN E 250 -10.73 -21.24 36.17
N GLY E 251 -9.66 -21.81 36.75
CA GLY E 251 -9.53 -22.10 38.16
C GLY E 251 -9.65 -23.51 38.73
N SER E 252 -8.89 -23.72 39.80
CA SER E 252 -8.84 -24.97 40.56
C SER E 252 -8.54 -26.24 39.78
N GLY E 253 -7.65 -26.16 38.78
CA GLY E 253 -7.32 -27.35 38.02
C GLY E 253 -6.02 -27.29 37.26
N GLN E 254 -5.49 -28.45 36.89
CA GLN E 254 -4.28 -28.50 36.07
C GLN E 254 -4.66 -28.11 34.65
N ASN E 255 -3.73 -27.48 33.94
CA ASN E 255 -3.93 -27.01 32.56
C ASN E 255 -5.11 -26.08 32.35
N GLN E 256 -5.44 -25.26 33.34
CA GLN E 256 -6.52 -24.31 33.17
C GLN E 256 -5.87 -22.97 32.90
N GLN E 257 -5.82 -22.57 31.65
CA GLN E 257 -5.22 -21.30 31.26
C GLN E 257 -6.07 -20.65 30.19
N THR E 258 -6.16 -19.33 30.24
CA THR E 258 -6.96 -18.56 29.30
C THR E 258 -6.68 -17.08 29.48
N LEU E 259 -7.26 -16.27 28.60
CA LEU E 259 -7.17 -14.82 28.72
C LEU E 259 -8.59 -14.28 28.63
N LYS E 260 -9.05 -13.64 29.70
CA LYS E 260 -10.36 -13.02 29.73
C LYS E 260 -10.18 -11.52 29.87
N PHE E 261 -10.86 -10.77 29.01
CA PHE E 261 -10.77 -9.32 29.01
C PHE E 261 -12.12 -8.75 29.41
N SER E 262 -12.10 -7.61 30.11
CA SER E 262 -13.32 -6.95 30.55
C SER E 262 -13.21 -5.46 30.29
N VAL E 263 -14.37 -4.82 30.12
CA VAL E 263 -14.44 -3.37 30.01
C VAL E 263 -14.04 -2.74 31.34
N ALA E 264 -13.20 -1.73 31.27
CA ALA E 264 -12.93 -0.91 32.45
C ALA E 264 -14.13 -0.01 32.72
N GLY E 265 -14.58 0.02 33.96
CA GLY E 265 -15.82 0.69 34.29
C GLY E 265 -15.89 1.19 35.71
N PRO E 266 -17.05 1.72 36.09
CA PRO E 266 -17.21 2.27 37.45
C PRO E 266 -17.02 1.23 38.53
N SER E 267 -17.37 -0.02 38.27
CA SER E 267 -17.24 -1.05 39.30
C SER E 267 -15.79 -1.23 39.73
N ASN E 268 -14.87 -1.36 38.78
CA ASN E 268 -13.44 -1.42 39.07
C ASN E 268 -12.78 -0.19 38.47
N MET E 269 -12.43 0.77 39.32
CA MET E 269 -11.82 2.01 38.85
C MET E 269 -10.30 2.00 38.94
N ALA E 270 -9.71 0.93 39.47
CA ALA E 270 -8.26 0.89 39.59
C ALA E 270 -7.58 0.60 38.26
N VAL E 271 -8.21 -0.22 37.42
CA VAL E 271 -7.57 -0.73 36.21
C VAL E 271 -7.88 0.09 34.98
N GLN E 272 -8.57 1.22 35.11
CA GLN E 272 -8.83 2.03 33.94
C GLN E 272 -7.56 2.67 33.40
N GLY E 273 -7.52 2.84 32.08
CA GLY E 273 -6.39 3.50 31.46
C GLY E 273 -6.39 4.99 31.75
N ARG E 274 -5.25 5.49 32.17
CA ARG E 274 -5.10 6.89 32.55
C ARG E 274 -4.00 7.53 31.75
N ASN E 275 -4.16 8.82 31.49
CA ASN E 275 -3.19 9.59 30.72
C ASN E 275 -1.98 10.05 31.53
N TYR E 276 -2.12 10.23 32.83
CA TYR E 276 -1.06 10.82 33.63
C TYR E 276 -0.87 10.04 34.92
N ILE E 277 0.34 10.12 35.46
CA ILE E 277 0.76 9.29 36.58
C ILE E 277 1.39 10.21 37.62
N PRO E 278 1.50 9.76 38.87
CA PRO E 278 2.06 10.63 39.91
C PRO E 278 3.57 10.76 39.80
N GLY E 279 4.07 11.80 40.46
CA GLY E 279 5.45 12.22 40.31
C GLY E 279 6.48 11.26 40.90
N PRO E 280 7.74 11.66 40.83
CA PRO E 280 8.83 10.80 41.29
C PRO E 280 8.89 10.73 42.81
N SER E 281 9.44 9.60 43.30
CA SER E 281 9.50 9.32 44.72
C SER E 281 10.88 8.83 45.11
N TYR E 282 11.27 9.14 46.35
CA TYR E 282 12.47 8.58 46.97
C TYR E 282 12.07 8.23 48.39
N ARG E 283 12.04 6.93 48.74
CA ARG E 283 11.29 6.53 49.92
C ARG E 283 11.95 7.01 51.20
N GLN E 284 11.13 7.48 52.13
CA GLN E 284 11.54 7.88 53.47
C GLN E 284 11.10 6.84 54.48
N GLN E 285 11.88 6.71 55.56
CA GLN E 285 11.51 5.83 56.65
C GLN E 285 10.33 6.41 57.43
N ARG E 286 9.47 5.53 57.92
CA ARG E 286 8.23 5.93 58.58
C ARG E 286 8.43 5.91 60.09
N VAL E 287 8.37 7.09 60.71
CA VAL E 287 8.61 7.25 62.14
C VAL E 287 7.35 7.80 62.78
N SER E 288 6.96 7.21 63.91
CA SER E 288 5.72 7.57 64.59
C SER E 288 5.99 8.49 65.77
N THR E 289 5.04 9.40 66.02
CA THR E 289 5.09 10.23 67.22
C THR E 289 4.77 9.45 68.48
N THR E 290 4.26 8.23 68.35
CA THR E 290 4.08 7.34 69.49
C THR E 290 5.34 6.47 69.57
N VAL E 291 6.14 6.71 70.60
CA VAL E 291 7.48 6.14 70.62
C VAL E 291 7.45 4.64 70.90
N THR E 292 6.42 4.19 71.61
CA THR E 292 6.31 2.76 71.90
C THR E 292 6.10 1.99 70.61
N GLN E 293 5.47 2.63 69.63
CA GLN E 293 5.24 2.04 68.32
C GLN E 293 6.53 1.77 67.55
N ASN E 294 7.48 2.71 67.67
CA ASN E 294 8.76 2.63 67.00
C ASN E 294 9.66 1.52 67.54
N ASN E 295 10.57 1.05 66.70
CA ASN E 295 11.52 -0.01 67.03
C ASN E 295 12.51 0.43 68.12
N ASN E 296 12.88 -0.50 68.99
CA ASN E 296 13.80 -0.21 70.08
C ASN E 296 15.29 -0.30 69.70
N SER E 297 15.74 0.63 68.88
CA SER E 297 17.14 0.68 68.46
C SER E 297 17.46 2.08 67.98
N GLU E 298 18.72 2.43 67.88
CA GLU E 298 19.06 3.76 67.39
C GLU E 298 19.20 3.65 65.88
N PHE E 299 18.14 4.02 65.19
CA PHE E 299 18.06 3.96 63.73
C PHE E 299 17.96 5.32 63.06
N ALA E 300 18.18 6.40 63.80
CA ALA E 300 18.02 7.72 63.21
C ALA E 300 18.93 7.99 62.02
N TRP E 301 20.21 7.62 62.13
CA TRP E 301 21.13 7.83 61.03
C TRP E 301 21.35 6.55 60.22
N PRO E 302 21.27 5.40 60.90
CA PRO E 302 21.46 4.09 60.29
C PRO E 302 20.41 3.80 59.23
N GLY E 303 19.17 4.19 59.48
CA GLY E 303 18.08 3.95 58.54
C GLY E 303 17.59 5.19 57.82
N ALA E 304 18.48 6.15 57.62
CA ALA E 304 18.11 7.38 56.92
C ALA E 304 18.44 7.26 55.44
N SER E 305 17.55 7.79 54.60
CA SER E 305 17.83 7.88 53.17
C SER E 305 18.84 8.99 52.90
N SER E 306 19.87 8.66 52.13
CA SER E 306 20.95 9.61 51.87
C SER E 306 21.29 9.61 50.39
N TRP E 307 22.05 10.61 49.97
CA TRP E 307 22.71 10.65 48.68
C TRP E 307 24.19 10.93 48.86
N ALA E 308 25.01 10.21 48.10
CA ALA E 308 26.45 10.25 48.25
C ALA E 308 27.07 11.13 47.17
N LEU E 309 28.00 11.99 47.58
CA LEU E 309 28.73 12.84 46.67
C LEU E 309 30.20 12.80 47.03
N ASN E 310 31.03 12.24 46.15
CA ASN E 310 32.48 12.20 46.32
C ASN E 310 32.86 11.58 47.67
N GLY E 311 32.15 10.52 48.05
CA GLY E 311 32.42 9.82 49.28
C GLY E 311 31.77 10.40 50.52
N ARG E 312 31.13 11.56 50.42
CA ARG E 312 30.46 12.17 51.56
C ARG E 312 28.96 11.95 51.46
N ASN E 313 28.43 11.10 52.33
CA ASN E 313 27.01 10.83 52.42
C ASN E 313 26.31 12.04 53.02
N SER E 314 25.33 12.57 52.31
CA SER E 314 24.50 13.65 52.80
C SER E 314 23.10 13.13 53.08
N LEU E 315 22.55 13.52 54.21
CA LEU E 315 21.16 13.19 54.50
C LEU E 315 20.26 13.80 53.43
N MET E 316 19.18 13.11 53.09
CA MET E 316 18.25 13.61 52.09
C MET E 316 17.20 14.41 52.81
N ASN E 317 17.28 15.74 52.70
CA ASN E 317 16.32 16.61 53.36
C ASN E 317 16.06 17.85 52.51
N PRO E 318 14.79 18.26 52.38
CA PRO E 318 13.62 17.42 52.64
C PRO E 318 13.45 16.32 51.59
N GLY E 319 14.02 16.53 50.39
CA GLY E 319 13.93 15.56 49.33
C GLY E 319 12.81 15.88 48.35
N PRO E 320 12.41 14.88 47.56
CA PRO E 320 11.28 15.08 46.65
C PRO E 320 10.03 15.45 47.41
N ALA E 321 9.22 16.32 46.81
CA ALA E 321 7.98 16.74 47.44
C ALA E 321 6.98 15.60 47.35
N MET E 322 6.54 15.11 48.51
CA MET E 322 5.72 13.92 48.59
C MET E 322 4.78 14.02 49.76
N ALA E 323 3.61 13.39 49.62
CA ALA E 323 2.66 13.31 50.71
C ALA E 323 3.32 12.71 51.94
N SER E 324 3.12 13.36 53.10
CA SER E 324 3.80 12.94 54.31
C SER E 324 3.35 11.57 54.78
N HIS E 325 2.06 11.27 54.65
CA HIS E 325 1.52 10.03 55.18
C HIS E 325 0.23 9.70 54.45
N LYS E 326 -0.16 8.42 54.53
CA LYS E 326 -1.43 8.01 53.98
C LYS E 326 -2.58 8.62 54.79
N GLU E 327 -3.74 8.68 54.15
CA GLU E 327 -4.93 9.16 54.84
C GLU E 327 -5.31 8.19 55.96
N GLY E 328 -5.60 8.75 57.13
CA GLY E 328 -5.96 7.96 58.28
C GLY E 328 -4.82 7.70 59.25
N GLU E 329 -3.57 7.87 58.82
CA GLU E 329 -2.42 7.73 59.70
C GLU E 329 -1.80 9.11 59.81
N ASP E 330 -2.10 9.82 60.88
CA ASP E 330 -1.58 11.17 61.08
C ASP E 330 -0.46 11.24 62.10
N ARG E 331 -0.15 10.13 62.78
CA ARG E 331 0.94 10.14 63.76
C ARG E 331 2.31 9.94 63.12
N PHE E 332 2.38 9.20 62.03
CA PHE E 332 3.64 8.92 61.35
C PHE E 332 4.12 10.14 60.60
N PHE E 333 5.43 10.33 60.60
CA PHE E 333 6.07 11.40 59.85
C PHE E 333 7.33 10.80 59.23
N PRO E 334 7.67 11.22 58.00
CA PRO E 334 8.87 10.73 57.30
C PRO E 334 10.12 11.13 58.06
N LEU E 335 11.15 10.30 58.04
CA LEU E 335 12.34 10.61 58.83
C LEU E 335 13.01 11.93 58.44
N SER E 336 13.19 12.18 57.15
CA SER E 336 13.81 13.43 56.70
C SER E 336 12.95 14.19 55.70
N GLY E 337 11.68 13.83 55.62
CA GLY E 337 10.76 14.45 54.68
C GLY E 337 9.92 15.61 55.19
N SER E 338 10.18 16.05 56.41
CA SER E 338 9.40 17.13 57.00
C SER E 338 10.24 18.29 57.51
N LEU E 339 9.60 19.45 57.64
CA LEU E 339 10.25 20.64 58.16
C LEU E 339 9.86 20.88 59.62
N ILE E 358 6.88 19.97 63.28
CA ILE E 358 6.73 19.04 62.18
C ILE E 358 5.59 19.48 61.28
N THR E 359 5.94 19.92 60.06
CA THR E 359 4.92 20.31 59.10
C THR E 359 4.64 19.17 58.13
N ASN E 360 3.35 18.91 57.91
CA ASN E 360 2.90 17.80 57.08
C ASN E 360 2.43 18.29 55.72
N GLU E 361 2.75 17.52 54.70
CA GLU E 361 2.50 17.84 53.31
C GLU E 361 1.21 17.24 52.76
N GLU E 362 0.37 16.65 53.62
CA GLU E 362 -0.72 15.77 53.18
C GLU E 362 -1.62 16.39 52.12
N GLU E 363 -1.59 17.71 51.93
CA GLU E 363 -2.41 18.33 50.90
C GLU E 363 -2.06 17.84 49.50
N ILE E 364 -0.83 17.42 49.27
CA ILE E 364 -0.38 17.06 47.93
C ILE E 364 -0.54 15.56 47.69
N LYS E 365 -1.22 14.88 48.62
CA LYS E 365 -1.45 13.44 48.48
C LYS E 365 -2.21 13.09 47.20
N THR E 366 -2.79 14.08 46.53
CA THR E 366 -3.57 13.81 45.33
C THR E 366 -2.67 13.48 44.13
N THR E 367 -1.67 14.32 43.86
CA THR E 367 -0.75 14.08 42.76
C THR E 367 0.58 13.45 43.17
N ASN E 368 0.83 13.25 44.46
CA ASN E 368 2.16 12.83 44.85
C ASN E 368 2.11 11.58 45.71
N PRO E 369 3.03 10.64 45.52
CA PRO E 369 3.02 9.42 46.32
C PRO E 369 3.45 9.70 47.76
N VAL E 370 3.02 8.81 48.66
CA VAL E 370 3.37 8.93 50.07
C VAL E 370 4.86 8.69 50.24
N ALA E 371 5.51 9.57 51.01
CA ALA E 371 6.96 9.52 51.13
C ALA E 371 7.45 8.26 51.80
N THR E 372 6.63 7.65 52.66
CA THR E 372 7.03 6.46 53.41
C THR E 372 6.60 5.16 52.72
N GLU E 373 6.08 5.23 51.51
CA GLU E 373 5.59 4.08 50.79
C GLU E 373 6.35 3.91 49.48
N SER E 374 6.22 2.74 48.88
CA SER E 374 6.76 2.52 47.55
C SER E 374 5.98 3.34 46.53
N TYR E 375 6.64 3.62 45.40
CA TYR E 375 5.93 4.21 44.28
C TYR E 375 4.99 3.20 43.65
N GLY E 376 5.39 1.93 43.65
CA GLY E 376 4.58 0.90 43.05
C GLY E 376 5.40 -0.35 42.81
N GLN E 377 4.89 -1.21 41.95
CA GLN E 377 5.54 -2.47 41.62
C GLN E 377 5.86 -2.53 40.14
N VAL E 378 6.93 -3.27 39.82
CA VAL E 378 7.27 -3.61 38.45
C VAL E 378 7.22 -5.13 38.32
N ALA E 379 7.60 -5.62 37.15
CA ALA E 379 7.76 -7.06 36.97
C ALA E 379 9.25 -7.40 36.92
N THR E 380 9.64 -8.42 37.68
CA THR E 380 11.04 -8.83 37.72
C THR E 380 11.37 -10.04 36.88
N ASN E 381 10.41 -10.66 36.21
CA ASN E 381 10.72 -11.88 35.48
C ASN E 381 9.76 -12.05 34.31
N HIS E 382 10.13 -12.95 33.40
CA HIS E 382 9.23 -13.47 32.39
C HIS E 382 8.53 -14.69 32.94
N GLN E 383 7.22 -14.64 33.06
CA GLN E 383 6.47 -15.82 33.46
C GLN E 383 6.56 -16.89 32.38
N SER E 384 6.27 -18.11 32.77
CA SER E 384 6.14 -19.22 31.83
C SER E 384 5.34 -20.30 32.52
N ALA E 385 5.21 -21.45 31.85
CA ALA E 385 4.52 -22.57 32.47
C ALA E 385 5.20 -22.99 33.75
N GLN E 386 6.53 -22.88 33.81
CA GLN E 386 7.25 -23.34 35.00
C GLN E 386 7.57 -22.18 35.95
N ALA E 387 7.25 -20.96 35.56
CA ALA E 387 7.65 -19.78 36.32
C ALA E 387 6.46 -18.91 36.63
N GLN E 388 6.24 -18.64 37.92
CA GLN E 388 5.19 -17.71 38.32
C GLN E 388 5.63 -16.27 38.06
N ALA E 389 4.65 -15.37 37.98
CA ALA E 389 4.96 -13.97 37.79
C ALA E 389 5.45 -13.34 39.08
N GLN E 390 6.66 -12.79 39.03
CA GLN E 390 7.29 -12.17 40.18
C GLN E 390 7.33 -10.67 39.98
N THR E 391 6.99 -9.94 41.04
CA THR E 391 7.04 -8.49 41.03
C THR E 391 8.10 -8.01 42.02
N GLY E 392 8.30 -6.70 42.06
CA GLY E 392 9.22 -6.13 43.03
C GLY E 392 8.83 -4.68 43.29
N TRP E 393 9.19 -4.21 44.48
CA TRP E 393 8.75 -2.88 44.90
C TRP E 393 9.67 -1.82 44.34
N VAL E 394 9.10 -0.70 43.92
CA VAL E 394 9.88 0.44 43.45
C VAL E 394 10.12 1.34 44.65
N GLN E 395 11.36 1.36 45.13
CA GLN E 395 11.69 2.19 46.27
C GLN E 395 11.98 3.63 45.85
N ASN E 396 12.36 3.83 44.59
CA ASN E 396 12.61 5.14 44.03
C ASN E 396 12.31 5.11 42.54
N GLN E 397 11.73 6.20 42.04
CA GLN E 397 11.37 6.30 40.63
C GLN E 397 11.69 7.69 40.14
N GLY E 398 12.42 7.77 39.03
CA GLY E 398 12.74 9.04 38.42
C GLY E 398 11.65 9.48 37.46
N ILE E 399 11.85 10.69 36.92
CA ILE E 399 10.87 11.29 36.01
C ILE E 399 10.55 10.36 34.87
N LEU E 400 9.26 10.22 34.59
CA LEU E 400 8.73 9.53 33.41
C LEU E 400 7.87 10.51 32.63
N PRO E 401 7.81 10.36 31.31
CA PRO E 401 6.93 11.23 30.52
C PRO E 401 5.47 11.02 30.93
N GLY E 402 4.79 12.12 31.20
CA GLY E 402 3.42 12.06 31.65
C GLY E 402 3.23 12.06 33.14
N MET E 403 4.28 12.36 33.91
CA MET E 403 4.14 12.56 35.34
C MET E 403 3.64 13.98 35.62
N VAL E 404 2.84 14.11 36.68
CA VAL E 404 2.41 15.40 37.18
C VAL E 404 2.55 15.38 38.69
N TRP E 405 2.91 16.53 39.25
CA TRP E 405 3.16 16.62 40.69
C TRP E 405 2.95 18.05 41.14
N GLN E 406 2.81 18.21 42.45
CA GLN E 406 2.84 19.51 43.11
C GLN E 406 4.18 19.68 43.83
N ASP E 407 4.69 20.90 43.81
CA ASP E 407 5.90 21.20 44.55
C ASP E 407 5.57 21.42 46.02
N ARG E 408 6.60 21.63 46.83
CA ARG E 408 6.40 21.70 48.28
C ARG E 408 5.81 23.05 48.68
N ASP E 409 4.91 23.00 49.66
CA ASP E 409 4.18 24.16 50.13
C ASP E 409 5.12 25.15 50.82
N VAL E 410 4.71 26.41 50.86
CA VAL E 410 5.49 27.45 51.51
C VAL E 410 5.06 27.65 52.97
N ASP F 17 -36.04 30.61 15.30
CA ASP F 17 -36.69 31.39 14.26
C ASP F 17 -38.16 31.00 14.13
N GLY F 18 -38.40 29.81 13.59
CA GLY F 18 -39.76 29.35 13.39
C GLY F 18 -39.84 27.84 13.47
N VAL F 19 -41.08 27.34 13.41
CA VAL F 19 -41.31 25.90 13.45
C VAL F 19 -41.03 25.28 12.09
N GLY F 20 -41.31 26.00 11.01
CA GLY F 20 -41.11 25.51 9.67
C GLY F 20 -39.81 25.93 9.02
N SER F 21 -38.98 26.70 9.69
CA SER F 21 -37.69 27.13 9.18
C SER F 21 -36.58 26.27 9.79
N SER F 22 -35.68 25.81 8.93
CA SER F 22 -34.54 25.01 9.39
C SER F 22 -33.45 25.91 9.95
N SER F 23 -32.82 25.45 11.02
CA SER F 23 -31.74 26.19 11.66
C SER F 23 -30.36 25.74 11.21
N GLY F 24 -30.27 24.79 10.29
CA GLY F 24 -28.99 24.35 9.78
C GLY F 24 -29.17 23.20 8.80
N ASN F 25 -28.11 22.91 8.07
CA ASN F 25 -28.10 21.85 7.07
C ASN F 25 -27.15 20.74 7.50
N TRP F 26 -27.09 19.69 6.68
CA TRP F 26 -26.28 18.52 6.98
C TRP F 26 -24.92 18.68 6.31
N HIS F 27 -23.88 18.88 7.12
CA HIS F 27 -22.53 19.05 6.60
C HIS F 27 -21.66 17.90 7.08
N CYS F 28 -21.30 17.01 6.16
CA CYS F 28 -20.24 16.04 6.36
C CYS F 28 -19.41 15.97 5.10
N ASP F 29 -18.13 16.32 5.20
CA ASP F 29 -17.17 16.05 4.12
C ASP F 29 -15.78 16.35 4.65
N SER F 30 -14.80 16.18 3.78
CA SER F 30 -13.41 16.46 4.11
C SER F 30 -12.75 17.16 2.93
N GLN F 31 -12.11 18.29 3.20
CA GLN F 31 -11.45 19.08 2.16
C GLN F 31 -9.96 18.94 2.33
N TRP F 32 -9.27 18.59 1.25
CA TRP F 32 -7.82 18.45 1.23
C TRP F 32 -7.27 19.63 0.46
N LEU F 33 -6.66 20.57 1.16
CA LEU F 33 -6.19 21.81 0.54
C LEU F 33 -4.74 22.01 0.91
N GLY F 34 -3.86 21.87 -0.07
CA GLY F 34 -2.45 22.17 0.18
C GLY F 34 -1.92 21.37 1.34
N ASP F 35 -1.46 22.09 2.36
CA ASP F 35 -0.85 21.52 3.54
C ASP F 35 -1.82 21.32 4.70
N ARG F 36 -3.12 21.49 4.48
CA ARG F 36 -4.09 21.31 5.55
C ARG F 36 -5.24 20.41 5.11
N VAL F 37 -5.95 19.88 6.11
CA VAL F 37 -7.19 19.14 5.90
C VAL F 37 -8.27 19.83 6.72
N ILE F 38 -9.49 19.81 6.22
CA ILE F 38 -10.64 20.27 6.97
C ILE F 38 -11.67 19.16 6.99
N THR F 39 -11.93 18.60 8.17
CA THR F 39 -12.90 17.52 8.35
C THR F 39 -14.17 18.10 8.97
N THR F 40 -15.31 17.59 8.55
CA THR F 40 -16.61 18.03 9.05
C THR F 40 -17.50 16.81 9.26
N SER F 41 -18.11 16.71 10.44
CA SER F 41 -18.94 15.57 10.79
C SER F 41 -20.25 16.07 11.38
N THR F 42 -21.35 15.50 10.93
CA THR F 42 -22.68 15.82 11.44
C THR F 42 -23.39 14.53 11.84
N ARG F 43 -23.98 14.53 13.04
CA ARG F 43 -24.66 13.35 13.57
C ARG F 43 -26.03 13.75 14.10
N THR F 44 -26.84 12.73 14.37
CA THR F 44 -28.16 12.90 14.95
C THR F 44 -28.19 12.24 16.31
N TRP F 45 -28.63 12.98 17.32
CA TRP F 45 -28.51 12.58 18.71
C TRP F 45 -29.88 12.56 19.37
N ALA F 46 -29.96 11.92 20.53
CA ALA F 46 -31.16 11.94 21.38
C ALA F 46 -30.73 12.10 22.82
N LEU F 47 -31.35 13.03 23.53
CA LEU F 47 -31.00 13.31 24.91
C LEU F 47 -32.18 13.02 25.84
N PRO F 48 -32.11 11.97 26.66
CA PRO F 48 -33.16 11.73 27.65
C PRO F 48 -33.06 12.66 28.85
N THR F 49 -34.11 12.69 29.66
CA THR F 49 -34.01 13.28 30.98
C THR F 49 -33.27 12.32 31.91
N TYR F 50 -32.19 12.79 32.52
CA TYR F 50 -31.40 11.99 33.44
C TYR F 50 -31.71 12.35 34.89
N ASN F 51 -31.65 11.35 35.77
CA ASN F 51 -31.72 11.54 37.21
C ASN F 51 -33.01 12.22 37.64
N ASN F 52 -34.04 12.15 36.81
CA ASN F 52 -35.30 12.83 37.07
C ASN F 52 -35.08 14.29 37.49
N HIS F 53 -34.24 14.98 36.72
CA HIS F 53 -33.93 16.40 36.90
C HIS F 53 -33.22 16.68 38.23
N LEU F 54 -32.53 15.71 38.79
CA LEU F 54 -31.92 15.87 40.11
C LEU F 54 -30.40 15.71 40.06
N TYR F 55 -29.75 16.27 41.07
CA TYR F 55 -28.40 15.87 41.45
C TYR F 55 -28.47 14.75 42.46
N LYS F 56 -27.81 13.63 42.16
CA LYS F 56 -27.80 12.51 43.08
C LYS F 56 -26.36 12.12 43.40
N GLN F 57 -25.99 12.30 44.66
CA GLN F 57 -24.70 11.89 45.18
C GLN F 57 -24.47 10.39 44.98
N ILE F 58 -23.24 10.02 44.63
CA ILE F 58 -22.86 8.62 44.40
C ILE F 58 -21.59 8.33 45.17
N SER F 59 -21.42 7.06 45.56
CA SER F 59 -20.23 6.59 46.24
C SER F 59 -20.12 5.08 46.04
N ASN F 60 -18.95 4.53 46.38
CA ASN F 60 -18.80 3.08 46.38
C ASN F 60 -19.80 2.42 47.31
N SER F 61 -20.23 3.14 48.35
CA SER F 61 -21.12 2.58 49.36
C SER F 61 -22.46 2.18 48.77
N THR F 62 -22.90 2.88 47.72
CA THR F 62 -24.17 2.53 47.10
C THR F 62 -24.11 1.17 46.42
N SER F 63 -23.03 0.91 45.67
CA SER F 63 -22.87 -0.36 45.00
C SER F 63 -22.19 -1.41 45.87
N GLY F 64 -21.84 -1.06 47.10
CA GLY F 64 -21.23 -1.96 48.06
C GLY F 64 -19.73 -1.79 48.25
N GLY F 65 -19.01 -1.30 47.23
CA GLY F 65 -17.67 -0.77 47.39
C GLY F 65 -16.69 -1.59 48.22
N SER F 66 -16.50 -2.87 47.86
CA SER F 66 -15.83 -3.80 48.75
C SER F 66 -14.38 -3.41 49.03
N SER F 67 -13.70 -2.80 48.06
CA SER F 67 -12.25 -2.70 48.10
C SER F 67 -11.78 -1.27 48.29
N ASN F 68 -10.59 -1.14 48.87
CA ASN F 68 -9.99 0.18 49.10
C ASN F 68 -9.59 0.83 47.79
N ASP F 69 -8.97 0.06 46.89
CA ASP F 69 -8.48 0.63 45.63
C ASP F 69 -9.63 1.22 44.81
N ASN F 70 -10.83 0.67 44.96
CA ASN F 70 -11.95 1.11 44.14
C ASN F 70 -12.82 2.14 44.86
N ALA F 71 -12.44 2.53 46.07
CA ALA F 71 -13.27 3.44 46.86
C ALA F 71 -13.32 4.81 46.22
N TYR F 72 -14.54 5.31 45.99
CA TYR F 72 -14.72 6.60 45.36
C TYR F 72 -15.91 7.31 45.96
N PHE F 73 -15.95 8.64 45.77
CA PHE F 73 -17.02 9.49 46.22
C PHE F 73 -17.20 10.62 45.20
N GLY F 74 -18.44 10.91 44.85
CA GLY F 74 -18.69 11.92 43.85
C GLY F 74 -20.17 12.19 43.69
N TYR F 75 -20.51 12.82 42.56
CA TYR F 75 -21.89 13.22 42.27
C TYR F 75 -22.26 12.84 40.86
N SER F 76 -23.54 12.52 40.67
CA SER F 76 -24.13 12.30 39.36
C SER F 76 -25.09 13.43 39.03
N THR F 77 -25.00 13.94 37.82
CA THR F 77 -25.72 15.14 37.40
C THR F 77 -26.73 14.81 36.32
N PRO F 78 -27.82 15.58 36.22
CA PRO F 78 -28.81 15.33 35.17
C PRO F 78 -28.32 15.64 33.77
N TRP F 79 -27.20 16.35 33.65
CA TRP F 79 -26.71 16.84 32.37
C TRP F 79 -26.01 15.75 31.57
N GLY F 80 -26.00 15.93 30.25
CA GLY F 80 -25.19 15.14 29.36
C GLY F 80 -24.03 15.97 28.79
N TYR F 81 -23.20 15.31 27.99
CA TYR F 81 -22.06 16.00 27.39
C TYR F 81 -21.75 15.41 26.02
N PHE F 82 -21.37 16.28 25.09
CA PHE F 82 -20.91 15.84 23.77
C PHE F 82 -19.45 15.42 23.82
N ASP F 83 -19.15 14.28 23.22
CA ASP F 83 -17.78 13.78 23.14
C ASP F 83 -17.48 13.45 21.69
N PHE F 84 -16.67 14.28 21.03
CA PHE F 84 -16.11 14.00 19.71
C PHE F 84 -14.64 13.61 19.76
N ASN F 85 -14.09 13.37 20.93
CA ASN F 85 -12.66 13.23 21.21
C ASN F 85 -11.98 12.05 20.49
N ARG F 86 -12.68 11.20 19.75
CA ARG F 86 -12.06 10.09 19.05
C ARG F 86 -11.95 10.37 17.56
N PHE F 87 -10.91 9.81 16.93
CA PHE F 87 -10.63 10.13 15.53
C PHE F 87 -11.69 9.62 14.57
N HIS F 88 -12.23 8.42 14.78
CA HIS F 88 -13.21 7.90 13.82
C HIS F 88 -14.45 8.78 13.72
N CYS F 89 -14.66 9.69 14.67
CA CYS F 89 -15.69 10.70 14.51
C CYS F 89 -15.42 11.56 13.28
N HIS F 90 -14.19 12.07 13.15
CA HIS F 90 -13.87 13.10 12.18
C HIS F 90 -13.31 12.58 10.86
N PHE F 91 -12.92 11.31 10.78
CA PHE F 91 -12.22 10.78 9.62
C PHE F 91 -12.94 9.52 9.14
N SER F 92 -13.26 9.49 7.85
CA SER F 92 -13.67 8.23 7.25
C SER F 92 -12.44 7.36 7.06
N PRO F 93 -12.62 6.03 7.04
CA PRO F 93 -11.46 5.14 6.86
C PRO F 93 -10.64 5.47 5.63
N ARG F 94 -11.26 5.99 4.57
CA ARG F 94 -10.50 6.43 3.40
C ARG F 94 -9.67 7.66 3.73
N ASP F 95 -10.25 8.63 4.42
CA ASP F 95 -9.52 9.85 4.76
C ASP F 95 -8.38 9.55 5.73
N TRP F 96 -8.55 8.53 6.55
CA TRP F 96 -7.50 8.16 7.48
C TRP F 96 -6.35 7.59 6.66
N GLN F 97 -6.68 6.72 5.72
CA GLN F 97 -5.67 6.12 4.86
C GLN F 97 -4.98 7.18 4.02
N ARG F 98 -5.75 8.15 3.53
CA ARG F 98 -5.17 9.23 2.74
C ARG F 98 -4.17 9.99 3.60
N LEU F 99 -4.56 10.28 4.83
CA LEU F 99 -3.73 11.01 5.78
C LEU F 99 -2.44 10.30 6.23
N ILE F 100 -2.53 9.01 6.53
CA ILE F 100 -1.36 8.29 7.04
C ILE F 100 -0.38 7.84 5.98
N ASN F 101 -0.86 7.57 4.78
CA ASN F 101 0.06 7.15 3.72
C ASN F 101 0.89 8.31 3.19
N ASN F 102 0.34 9.52 3.15
CA ASN F 102 0.99 10.62 2.47
C ASN F 102 1.72 11.61 3.38
N ASN F 103 1.63 11.49 4.69
CA ASN F 103 2.04 12.58 5.55
C ASN F 103 2.91 12.08 6.70
N TRP F 104 3.88 12.91 7.09
CA TRP F 104 4.73 12.64 8.24
C TRP F 104 4.18 13.16 9.55
N GLY F 105 3.16 14.00 9.53
CA GLY F 105 2.62 14.51 10.78
C GLY F 105 1.41 15.37 10.56
N PHE F 106 0.65 15.53 11.64
CA PHE F 106 -0.60 16.28 11.60
C PHE F 106 -0.89 16.79 12.99
N ARG F 107 -1.85 17.72 13.08
CA ARG F 107 -2.26 18.30 14.35
C ARG F 107 -3.47 19.20 14.14
N PRO F 108 -4.36 19.28 15.12
CA PRO F 108 -5.55 20.11 14.97
C PRO F 108 -5.23 21.59 15.10
N LYS F 109 -5.98 22.40 14.34
CA LYS F 109 -5.81 23.85 14.34
C LYS F 109 -7.02 24.56 14.93
N ARG F 110 -8.19 24.43 14.31
CA ARG F 110 -9.38 25.16 14.69
C ARG F 110 -10.52 24.19 14.94
N LEU F 111 -11.56 24.70 15.60
CA LEU F 111 -12.73 23.91 15.94
C LEU F 111 -13.98 24.75 15.72
N ASN F 112 -14.99 24.17 15.10
CA ASN F 112 -16.27 24.84 14.89
C ASN F 112 -17.38 23.88 15.27
N PHE F 113 -18.17 24.27 16.26
CA PHE F 113 -19.25 23.42 16.78
C PHE F 113 -20.57 24.10 16.47
N LYS F 114 -21.59 23.31 16.15
CA LYS F 114 -22.91 23.83 15.84
C LYS F 114 -23.96 22.85 16.34
N LEU F 115 -25.08 23.40 16.81
CA LEU F 115 -26.20 22.62 17.31
C LEU F 115 -27.48 23.19 16.73
N PHE F 116 -28.25 22.37 16.03
CA PHE F 116 -29.39 22.91 15.30
C PHE F 116 -30.45 21.83 15.14
N ASN F 117 -31.58 22.23 14.55
CA ASN F 117 -32.75 21.37 14.32
C ASN F 117 -33.15 20.61 15.58
N ILE F 118 -33.33 21.35 16.66
CA ILE F 118 -33.71 20.75 17.93
C ILE F 118 -35.17 20.33 17.89
N GLN F 119 -35.46 19.15 18.44
CA GLN F 119 -36.83 18.66 18.56
C GLN F 119 -37.01 18.11 19.96
N VAL F 120 -37.92 18.70 20.72
CA VAL F 120 -38.24 18.24 22.07
C VAL F 120 -39.56 17.49 22.01
N LYS F 121 -39.62 16.34 22.67
CA LYS F 121 -40.79 15.47 22.62
C LYS F 121 -41.34 15.29 24.03
N GLU F 122 -42.59 14.85 24.11
CA GLU F 122 -43.26 14.57 25.37
C GLU F 122 -43.83 13.15 25.33
N VAL F 123 -43.73 12.45 26.45
CA VAL F 123 -44.19 11.07 26.51
C VAL F 123 -45.23 10.90 27.61
N ILE F 132 -46.21 10.00 22.21
CA ILE F 132 -45.10 10.87 21.89
C ILE F 132 -45.55 11.94 20.90
N ALA F 133 -45.46 13.20 21.30
CA ALA F 133 -45.86 14.31 20.44
C ALA F 133 -44.90 15.47 20.59
N ASN F 134 -44.99 16.41 19.65
CA ASN F 134 -44.06 17.53 19.63
C ASN F 134 -44.52 18.61 20.59
N ASN F 135 -43.66 18.94 21.55
CA ASN F 135 -43.93 20.01 22.49
C ASN F 135 -43.09 21.21 22.04
N LEU F 136 -43.76 22.23 21.51
CA LEU F 136 -43.06 23.30 20.80
C LEU F 136 -42.55 24.40 21.72
N THR F 137 -43.02 24.47 22.96
CA THR F 137 -42.69 25.60 23.83
C THR F 137 -41.53 25.30 24.77
N SER F 138 -41.01 24.07 24.78
CA SER F 138 -39.91 23.73 25.65
C SER F 138 -38.61 24.35 25.15
N THR F 139 -37.62 24.41 26.05
CA THR F 139 -36.29 24.87 25.72
C THR F 139 -35.28 23.78 26.02
N VAL F 140 -34.08 23.95 25.48
CA VAL F 140 -32.94 23.09 25.76
C VAL F 140 -31.85 23.94 26.38
N GLN F 141 -31.31 23.48 27.51
CA GLN F 141 -30.22 24.14 28.19
C GLN F 141 -28.89 23.61 27.71
N VAL F 142 -28.11 24.46 27.05
CA VAL F 142 -26.79 24.09 26.55
C VAL F 142 -25.82 25.21 26.88
N PHE F 143 -24.60 24.83 27.27
CA PHE F 143 -23.53 25.79 27.44
C PHE F 143 -22.21 25.06 27.34
N THR F 144 -21.15 25.82 27.09
CA THR F 144 -19.79 25.30 27.11
C THR F 144 -19.05 25.93 28.28
N ASP F 145 -18.14 25.16 28.88
CA ASP F 145 -17.33 25.69 29.97
C ASP F 145 -15.99 26.03 29.35
N SER F 146 -15.77 27.31 29.09
CA SER F 146 -14.57 27.78 28.43
C SER F 146 -13.47 28.18 29.40
N ASP F 147 -13.79 28.36 30.68
CA ASP F 147 -12.80 28.65 31.69
C ASP F 147 -12.37 27.41 32.46
N TYR F 148 -12.92 26.24 32.11
CA TYR F 148 -12.49 24.96 32.67
C TYR F 148 -12.74 24.92 34.18
N GLN F 149 -13.89 25.43 34.59
CA GLN F 149 -14.27 25.50 35.99
C GLN F 149 -14.87 24.20 36.51
N LEU F 150 -15.40 23.36 35.63
CA LEU F 150 -15.93 22.06 35.97
C LEU F 150 -14.86 20.98 35.81
N PRO F 151 -15.00 19.86 36.49
CA PRO F 151 -14.12 18.71 36.23
C PRO F 151 -14.19 18.28 34.78
N TYR F 152 -13.05 17.86 34.23
CA TYR F 152 -12.93 17.52 32.81
C TYR F 152 -12.87 16.00 32.68
N VAL F 153 -13.96 15.41 32.20
CA VAL F 153 -14.08 13.95 32.07
C VAL F 153 -13.81 13.45 30.66
N LEU F 154 -13.53 14.34 29.71
CA LEU F 154 -13.36 13.91 28.32
C LEU F 154 -12.00 13.28 28.05
N GLY F 155 -11.07 13.30 29.01
CA GLY F 155 -9.74 12.78 28.76
C GLY F 155 -9.50 11.43 29.38
N SER F 156 -10.56 10.79 29.87
CA SER F 156 -10.47 9.47 30.49
C SER F 156 -10.85 8.34 29.55
N ALA F 157 -11.08 8.64 28.27
CA ALA F 157 -11.36 7.62 27.26
C ALA F 157 -12.66 6.89 27.53
N HIS F 158 -13.74 7.64 27.68
CA HIS F 158 -15.06 7.05 27.90
C HIS F 158 -15.85 6.89 26.62
N GLU F 159 -17.03 6.31 26.74
CA GLU F 159 -17.94 6.09 25.62
C GLU F 159 -18.82 7.35 25.38
N GLY F 160 -19.77 7.26 24.48
CA GLY F 160 -20.62 8.40 24.20
C GLY F 160 -20.13 9.27 23.07
N CYS F 161 -19.09 8.79 22.39
CA CYS F 161 -18.51 9.49 21.26
C CYS F 161 -19.45 9.44 20.05
N LEU F 162 -19.30 10.40 19.14
CA LEU F 162 -20.13 10.39 17.94
C LEU F 162 -19.80 9.14 17.15
N PRO F 163 -20.83 8.54 16.55
CA PRO F 163 -20.63 7.28 15.81
C PRO F 163 -19.67 7.42 14.65
N PRO F 164 -18.91 6.36 14.36
CA PRO F 164 -17.96 6.36 13.25
C PRO F 164 -18.72 6.52 11.95
N PHE F 165 -19.83 5.82 11.84
CA PHE F 165 -20.68 5.88 10.67
C PHE F 165 -21.64 7.05 10.88
N PRO F 166 -21.75 7.92 9.87
CA PRO F 166 -22.60 9.12 9.87
C PRO F 166 -24.09 8.82 10.01
N ALA F 167 -24.55 7.73 9.43
CA ALA F 167 -25.96 7.37 9.49
C ALA F 167 -26.49 7.12 10.91
N ASP F 168 -25.68 6.48 11.75
CA ASP F 168 -26.08 6.15 13.11
C ASP F 168 -26.52 7.28 14.05
N VAL F 169 -27.56 7.00 14.82
CA VAL F 169 -28.10 7.90 15.82
C VAL F 169 -27.61 7.43 17.18
N PHE F 170 -27.17 8.35 18.01
CA PHE F 170 -26.54 7.99 19.27
C PHE F 170 -27.21 8.69 20.45
N MET F 171 -26.96 8.15 21.63
CA MET F 171 -27.47 8.67 22.88
C MET F 171 -26.37 9.44 23.59
N ILE F 172 -26.71 10.62 24.10
CA ILE F 172 -25.70 11.47 24.75
C ILE F 172 -25.42 10.93 26.15
N PRO F 173 -24.16 10.73 26.52
CA PRO F 173 -23.86 10.13 27.83
C PRO F 173 -24.14 11.09 28.97
N GLN F 174 -24.41 10.51 30.13
CA GLN F 174 -24.69 11.28 31.32
C GLN F 174 -23.41 11.88 31.88
N TYR F 175 -23.46 13.17 32.20
CA TYR F 175 -22.32 13.83 32.82
C TYR F 175 -22.29 13.52 34.31
N GLY F 176 -21.10 13.56 34.88
CA GLY F 176 -20.87 13.24 36.28
C GLY F 176 -19.40 13.42 36.57
N TYR F 177 -19.08 13.44 37.85
CA TYR F 177 -17.69 13.66 38.23
C TYR F 177 -17.44 13.11 39.63
N LEU F 178 -16.15 12.98 39.95
CA LEU F 178 -15.69 12.52 41.24
C LEU F 178 -14.95 13.64 41.95
N THR F 179 -14.86 13.53 43.27
CA THR F 179 -14.12 14.48 44.06
C THR F 179 -13.34 13.72 45.13
N LEU F 180 -12.75 14.43 46.09
CA LEU F 180 -11.93 13.75 47.08
C LEU F 180 -12.77 12.86 47.98
N ASN F 181 -12.11 11.89 48.61
CA ASN F 181 -12.80 10.97 49.49
C ASN F 181 -11.83 10.40 50.52
N ASP F 182 -12.41 9.84 51.57
CA ASP F 182 -11.74 8.86 52.43
C ASP F 182 -12.63 7.64 52.44
N GLY F 183 -12.16 6.55 51.83
CA GLY F 183 -13.05 5.43 51.57
C GLY F 183 -14.27 5.92 50.83
N SER F 184 -15.44 5.57 51.35
CA SER F 184 -16.71 6.06 50.82
C SER F 184 -17.09 7.44 51.35
N GLN F 185 -16.54 7.86 52.49
CA GLN F 185 -16.91 9.13 53.08
C GLN F 185 -16.19 10.29 52.40
N ALA F 186 -16.78 11.46 52.49
CA ALA F 186 -16.22 12.68 51.94
C ALA F 186 -15.28 13.34 52.95
N VAL F 187 -14.69 14.46 52.54
CA VAL F 187 -13.83 15.27 53.39
C VAL F 187 -14.17 16.74 53.15
N GLY F 188 -13.65 17.59 54.03
CA GLY F 188 -13.92 19.02 53.92
C GLY F 188 -13.41 19.63 52.63
N ARG F 189 -12.28 19.15 52.12
CA ARG F 189 -11.68 19.69 50.91
C ARG F 189 -12.45 19.31 49.64
N SER F 190 -13.45 18.45 49.76
CA SER F 190 -14.26 18.08 48.61
C SER F 190 -14.99 19.29 48.06
N SER F 191 -15.39 19.20 46.80
CA SER F 191 -16.11 20.28 46.13
C SER F 191 -17.44 19.78 45.58
N PHE F 192 -18.33 20.71 45.28
CA PHE F 192 -19.61 20.42 44.65
C PHE F 192 -19.91 21.52 43.64
N TYR F 193 -20.45 21.12 42.49
CA TYR F 193 -20.63 22.01 41.35
C TYR F 193 -22.07 21.93 40.86
N CYS F 194 -22.71 23.08 40.73
CA CYS F 194 -24.07 23.17 40.23
C CYS F 194 -24.02 23.63 38.78
N LEU F 195 -24.40 22.73 37.86
CA LEU F 195 -24.36 23.09 36.45
C LEU F 195 -25.49 24.05 36.08
N GLU F 196 -26.48 24.21 36.95
CA GLU F 196 -27.45 25.27 36.81
C GLU F 196 -26.90 26.63 37.25
N TYR F 197 -25.93 26.64 38.16
CA TYR F 197 -25.33 27.86 38.66
C TYR F 197 -24.50 28.59 37.63
N PHE F 198 -24.18 27.97 36.55
CA PHE F 198 -23.51 28.58 35.42
C PHE F 198 -24.49 29.35 34.55
N PRO F 199 -24.02 30.35 33.82
CA PRO F 199 -24.83 30.91 32.74
C PRO F 199 -24.89 29.95 31.56
N SER F 200 -26.04 29.90 30.90
CA SER F 200 -26.24 28.98 29.81
C SER F 200 -27.27 29.55 28.84
N GLN F 201 -27.26 29.04 27.62
CA GLN F 201 -28.19 29.47 26.59
C GLN F 201 -29.32 28.47 26.46
N MET F 202 -30.56 28.97 26.48
CA MET F 202 -31.75 28.13 26.43
C MET F 202 -32.37 28.24 25.04
N LEU F 203 -32.32 27.15 24.29
CA LEU F 203 -32.73 27.12 22.89
C LEU F 203 -34.08 26.43 22.77
N ARG F 204 -34.95 26.98 21.92
CA ARG F 204 -36.14 26.26 21.51
C ARG F 204 -35.92 25.58 20.17
N THR F 205 -37.02 25.06 19.60
CA THR F 205 -36.96 24.30 18.37
C THR F 205 -36.50 25.12 17.16
N GLY F 206 -36.55 26.45 17.26
CA GLY F 206 -36.08 27.29 16.18
C GLY F 206 -34.72 27.92 16.38
N ASN F 207 -34.18 27.88 17.59
CA ASN F 207 -32.88 28.43 17.88
C ASN F 207 -31.77 27.45 17.49
N ASN F 208 -30.60 28.00 17.21
CA ASN F 208 -29.40 27.20 16.97
C ASN F 208 -28.23 27.78 17.76
N PHE F 209 -27.25 26.92 18.04
CA PHE F 209 -26.10 27.26 18.86
C PHE F 209 -24.82 26.94 18.10
N GLN F 210 -23.82 27.80 18.22
CA GLN F 210 -22.53 27.54 17.62
C GLN F 210 -21.45 28.33 18.35
N PHE F 211 -20.21 27.84 18.25
CA PHE F 211 -19.06 28.57 18.73
C PHE F 211 -17.82 28.06 18.00
N SER F 212 -16.74 28.80 18.09
CA SER F 212 -15.48 28.40 17.46
C SER F 212 -14.37 28.41 18.49
N TYR F 213 -13.58 27.34 18.51
CA TYR F 213 -12.48 27.22 19.45
C TYR F 213 -11.16 27.01 18.73
N GLU F 214 -10.14 27.77 19.11
CA GLU F 214 -8.84 27.68 18.47
C GLU F 214 -7.83 26.88 19.31
N PHE F 215 -7.36 25.76 18.76
CA PHE F 215 -6.38 24.90 19.41
C PHE F 215 -5.10 25.68 19.69
N GLU F 216 -4.49 25.38 20.83
CA GLU F 216 -3.20 25.96 21.17
C GLU F 216 -2.08 25.19 20.45
N ASN F 217 -0.96 25.86 20.25
CA ASN F 217 0.16 25.27 19.52
C ASN F 217 0.60 23.97 20.18
N VAL F 218 0.61 22.91 19.39
CA VAL F 218 1.02 21.59 19.85
C VAL F 218 1.93 20.98 18.79
N PRO F 219 2.79 20.04 19.16
CA PRO F 219 3.64 19.40 18.17
C PRO F 219 2.86 18.46 17.28
N PHE F 220 3.34 18.30 16.05
CA PHE F 220 2.72 17.39 15.10
C PHE F 220 2.86 15.97 15.63
N HIS F 221 1.82 15.16 15.50
CA HIS F 221 1.94 13.78 15.94
C HIS F 221 2.92 13.15 14.94
N SER F 222 3.85 12.35 15.43
CA SER F 222 4.81 11.77 14.51
C SER F 222 4.30 10.48 13.90
N SER F 223 3.64 10.61 12.75
CA SER F 223 3.10 9.46 12.05
C SER F 223 4.12 8.87 11.09
N TYR F 224 5.19 8.31 11.64
CA TYR F 224 6.23 7.70 10.83
C TYR F 224 6.99 6.68 11.66
N ALA F 225 7.65 5.77 10.98
CA ALA F 225 8.45 4.75 11.64
C ALA F 225 9.88 5.00 11.23
N HIS F 226 10.80 5.00 12.19
CA HIS F 226 12.19 5.25 11.89
C HIS F 226 12.79 4.17 11.00
N SER F 227 13.63 4.58 10.06
CA SER F 227 14.28 3.66 9.14
C SER F 227 15.64 3.22 9.68
N GLN F 228 16.00 3.77 10.83
CA GLN F 228 17.21 3.42 11.54
C GLN F 228 16.88 3.19 13.00
N SER F 229 17.77 2.50 13.70
CA SER F 229 17.62 2.22 15.10
C SER F 229 18.70 2.95 15.88
N LEU F 230 18.42 3.18 17.17
CA LEU F 230 19.24 4.11 17.94
C LEU F 230 20.66 3.61 18.11
N ASP F 231 20.89 2.31 18.00
CA ASP F 231 22.23 1.78 18.13
C ASP F 231 22.94 1.53 16.79
N ARG F 232 22.26 1.73 15.67
CA ARG F 232 22.85 1.56 14.34
C ARG F 232 23.24 2.87 13.66
N LEU F 233 23.18 4.01 14.36
CA LEU F 233 23.40 5.30 13.71
C LEU F 233 24.81 5.46 13.12
N MET F 234 25.73 4.54 13.40
CA MET F 234 27.13 4.65 13.03
C MET F 234 27.35 4.41 11.54
N ASN F 235 28.49 4.86 11.05
CA ASN F 235 28.98 4.49 9.73
C ASN F 235 29.64 3.11 9.81
N PRO F 236 29.11 2.10 9.12
CA PRO F 236 29.66 0.74 9.26
C PRO F 236 31.05 0.54 8.68
N LEU F 237 31.54 1.49 7.88
CA LEU F 237 32.78 1.29 7.15
C LEU F 237 34.01 1.81 7.87
N ILE F 238 33.86 2.56 8.96
CA ILE F 238 34.98 3.27 9.56
C ILE F 238 35.14 2.83 11.01
N ASP F 239 36.37 2.88 11.49
CA ASP F 239 36.64 2.69 12.91
C ASP F 239 36.43 3.99 13.67
N GLN F 240 35.98 3.86 14.92
CA GLN F 240 36.04 4.99 15.83
C GLN F 240 37.45 5.19 16.33
N TYR F 241 37.73 6.41 16.81
CA TYR F 241 39.02 6.65 17.47
C TYR F 241 38.98 6.40 18.97
N LEU F 242 37.81 6.07 19.51
CA LEU F 242 37.72 5.71 20.92
C LEU F 242 38.09 4.25 21.12
N TYR F 243 38.64 3.94 22.29
CA TYR F 243 39.07 2.60 22.64
C TYR F 243 38.24 2.11 23.83
N TYR F 244 38.12 0.79 23.93
CA TYR F 244 37.37 0.16 25.00
C TYR F 244 38.22 -0.95 25.60
N LEU F 245 37.81 -1.47 26.75
CA LEU F 245 38.59 -2.47 27.46
C LEU F 245 38.17 -3.85 26.98
N SER F 246 39.05 -4.50 26.20
CA SER F 246 38.75 -5.77 25.57
C SER F 246 39.02 -6.98 26.46
N LYS F 247 40.13 -6.98 27.19
CA LYS F 247 40.55 -8.15 27.95
C LYS F 247 41.05 -7.74 29.31
N THR F 248 40.50 -8.35 30.36
CA THR F 248 40.98 -8.13 31.71
C THR F 248 41.92 -9.22 32.21
N ILE F 249 42.15 -10.28 31.43
CA ILE F 249 43.05 -11.36 31.81
C ILE F 249 43.79 -11.86 30.58
N ASN F 250 45.06 -12.23 30.78
CA ASN F 250 45.87 -12.75 29.69
C ASN F 250 45.46 -14.16 29.31
N GLY F 251 44.91 -14.91 30.27
CA GLY F 251 44.48 -16.27 29.98
C GLY F 251 43.95 -16.93 31.24
N SER F 252 43.89 -18.25 31.20
CA SER F 252 43.45 -19.01 32.35
C SER F 252 44.63 -19.31 33.27
N GLY F 253 44.45 -19.05 34.55
CA GLY F 253 45.43 -19.39 35.55
C GLY F 253 45.45 -18.38 36.66
N GLN F 254 46.47 -18.48 37.50
CA GLN F 254 46.69 -17.55 38.59
C GLN F 254 47.33 -16.26 38.08
N ASN F 255 46.90 -15.15 38.66
CA ASN F 255 47.58 -13.87 38.51
C ASN F 255 47.66 -13.45 37.04
N GLN F 256 46.58 -13.67 36.30
CA GLN F 256 46.54 -13.41 34.87
C GLN F 256 46.08 -11.99 34.53
N GLN F 257 45.90 -11.13 35.52
CA GLN F 257 45.34 -9.81 35.30
C GLN F 257 46.11 -9.05 34.23
N THR F 258 45.37 -8.32 33.40
CA THR F 258 45.94 -7.44 32.39
C THR F 258 44.90 -6.41 32.01
N LEU F 259 45.35 -5.36 31.34
CA LEU F 259 44.46 -4.36 30.74
C LEU F 259 44.74 -4.33 29.25
N LYS F 260 43.79 -4.81 28.45
CA LYS F 260 43.91 -4.80 27.00
C LYS F 260 42.80 -3.92 26.44
N PHE F 261 43.16 -3.06 25.49
CA PHE F 261 42.23 -2.12 24.89
C PHE F 261 42.21 -2.36 23.38
N SER F 262 41.04 -2.25 22.79
CA SER F 262 40.91 -2.43 21.35
C SER F 262 40.19 -1.24 20.74
N VAL F 263 39.97 -1.31 19.43
CA VAL F 263 39.21 -0.26 18.76
C VAL F 263 37.78 -0.71 18.57
N ALA F 264 36.84 0.22 18.73
CA ALA F 264 35.43 -0.03 18.49
C ALA F 264 35.12 0.29 17.04
N GLY F 265 34.52 -0.66 16.32
CA GLY F 265 34.35 -0.52 14.91
C GLY F 265 33.41 -1.54 14.29
N PRO F 266 33.50 -1.67 12.96
CA PRO F 266 32.56 -2.55 12.23
C PRO F 266 32.46 -3.96 12.77
N SER F 267 33.54 -4.48 13.34
CA SER F 267 33.56 -5.86 13.78
C SER F 267 32.81 -6.03 15.10
N ASN F 268 32.91 -5.05 15.98
CA ASN F 268 32.18 -5.08 17.25
C ASN F 268 31.45 -3.73 17.37
N MET F 269 30.14 -3.76 17.12
CA MET F 269 29.36 -2.53 17.19
C MET F 269 28.86 -2.24 18.59
N ALA F 270 28.57 -3.29 19.36
CA ALA F 270 27.87 -3.15 20.63
C ALA F 270 28.60 -2.22 21.59
N VAL F 271 29.92 -2.14 21.49
CA VAL F 271 30.73 -1.47 22.48
C VAL F 271 31.07 -0.04 22.10
N GLN F 272 30.59 0.45 20.96
CA GLN F 272 31.02 1.78 20.52
C GLN F 272 30.41 2.87 21.38
N GLY F 273 31.12 3.99 21.48
CA GLY F 273 30.57 5.15 22.16
C GLY F 273 29.44 5.77 21.36
N ARG F 274 28.31 5.96 22.04
CA ARG F 274 27.12 6.49 21.39
C ARG F 274 26.69 7.78 22.05
N ASN F 275 26.13 8.67 21.24
CA ASN F 275 25.66 9.96 21.70
C ASN F 275 24.31 9.91 22.39
N TYR F 276 23.49 8.90 22.10
CA TYR F 276 22.13 8.87 22.61
C TYR F 276 21.72 7.45 22.97
N ILE F 277 20.81 7.35 23.92
CA ILE F 277 20.38 6.08 24.49
C ILE F 277 18.86 6.03 24.45
N PRO F 278 18.26 4.85 24.54
CA PRO F 278 16.80 4.74 24.44
C PRO F 278 16.10 5.29 25.68
N GLY F 279 14.80 5.53 25.53
CA GLY F 279 14.02 6.22 26.52
C GLY F 279 13.73 5.43 27.78
N PRO F 280 12.91 6.01 28.66
CA PRO F 280 12.69 5.40 29.98
C PRO F 280 11.77 4.20 29.89
N SER F 281 11.79 3.39 30.95
CA SER F 281 11.01 2.17 31.00
C SER F 281 10.48 1.93 32.40
N TYR F 282 9.29 1.33 32.46
CA TYR F 282 8.73 0.79 33.69
C TYR F 282 8.19 -0.58 33.31
N ARG F 283 8.81 -1.64 33.81
CA ARG F 283 8.67 -2.94 33.15
C ARG F 283 7.29 -3.53 33.35
N GLN F 284 6.86 -4.32 32.37
CA GLN F 284 5.58 -5.00 32.34
C GLN F 284 5.81 -6.50 32.33
N GLN F 285 4.78 -7.25 32.69
CA GLN F 285 4.84 -8.70 32.68
C GLN F 285 4.38 -9.08 31.30
N ARG F 286 4.99 -10.09 30.69
CA ARG F 286 4.57 -10.45 29.35
C ARG F 286 3.68 -11.67 29.32
N VAL F 287 2.54 -11.50 28.67
CA VAL F 287 1.54 -12.53 28.54
C VAL F 287 1.56 -13.02 27.11
N SER F 288 1.58 -14.33 26.95
CA SER F 288 1.60 -14.92 25.62
C SER F 288 0.19 -15.11 25.09
N THR F 289 0.04 -15.03 23.78
CA THR F 289 -1.25 -15.24 23.13
C THR F 289 -1.60 -16.72 23.08
N THR F 290 -0.61 -17.59 23.01
CA THR F 290 -0.84 -19.02 23.19
C THR F 290 -0.97 -19.30 24.69
N VAL F 291 -2.14 -19.80 25.10
CA VAL F 291 -2.47 -19.78 26.52
C VAL F 291 -1.69 -20.84 27.27
N THR F 292 -1.16 -21.82 26.55
CA THR F 292 -0.43 -22.90 27.20
C THR F 292 0.95 -22.46 27.66
N GLN F 293 1.49 -21.44 27.01
CA GLN F 293 2.78 -20.88 27.39
C GLN F 293 2.70 -20.19 28.75
N ASN F 294 1.55 -19.57 29.02
CA ASN F 294 1.30 -18.85 30.27
C ASN F 294 1.26 -19.75 31.50
N ASN F 295 1.68 -19.19 32.63
CA ASN F 295 1.71 -19.89 33.91
C ASN F 295 0.30 -20.25 34.36
N ASN F 296 0.15 -21.41 34.98
CA ASN F 296 -1.14 -21.88 35.44
C ASN F 296 -1.51 -21.32 36.81
N SER F 297 -1.80 -20.02 36.86
CA SER F 297 -2.20 -19.35 38.08
C SER F 297 -2.88 -18.04 37.73
N GLU F 298 -3.42 -17.35 38.73
CA GLU F 298 -4.06 -16.08 38.47
C GLU F 298 -3.06 -14.97 38.75
N PHE F 299 -2.51 -14.41 37.68
CA PHE F 299 -1.54 -13.34 37.78
C PHE F 299 -2.03 -12.05 37.16
N ALA F 300 -3.30 -11.99 36.79
CA ALA F 300 -3.79 -10.79 36.13
C ALA F 300 -3.66 -9.56 36.99
N TRP F 301 -4.01 -9.65 38.27
CA TRP F 301 -3.87 -8.49 39.15
C TRP F 301 -2.62 -8.57 40.02
N PRO F 302 -2.31 -9.77 40.53
CA PRO F 302 -1.13 -9.98 41.37
C PRO F 302 0.19 -9.72 40.65
N GLY F 303 0.30 -10.16 39.41
CA GLY F 303 1.51 -9.97 38.63
C GLY F 303 1.62 -8.65 37.89
N ALA F 304 0.54 -7.90 37.82
CA ALA F 304 0.56 -6.62 37.13
C ALA F 304 1.33 -5.52 37.85
N SER F 305 2.12 -4.78 37.10
CA SER F 305 2.88 -3.66 37.63
C SER F 305 1.88 -2.58 37.93
N SER F 306 2.09 -1.82 39.00
CA SER F 306 1.14 -0.77 39.32
C SER F 306 1.78 0.36 40.12
N TRP F 307 1.02 1.43 40.30
CA TRP F 307 1.48 2.55 41.09
C TRP F 307 0.44 2.90 42.14
N ALA F 308 0.92 3.14 43.36
CA ALA F 308 0.07 3.44 44.50
C ALA F 308 0.01 4.93 44.73
N LEU F 309 -1.18 5.43 45.05
CA LEU F 309 -1.39 6.85 45.31
C LEU F 309 -2.29 7.00 46.54
N ASN F 310 -1.75 7.60 47.59
CA ASN F 310 -2.50 7.89 48.82
C ASN F 310 -3.06 6.61 49.45
N GLY F 311 -2.37 5.50 49.24
CA GLY F 311 -2.75 4.24 49.82
C GLY F 311 -3.54 3.32 48.92
N ARG F 312 -4.05 3.82 47.79
CA ARG F 312 -4.77 3.02 46.83
C ARG F 312 -3.86 2.66 45.66
N ASN F 313 -3.71 1.36 45.42
CA ASN F 313 -2.99 0.86 44.26
C ASN F 313 -3.82 1.11 43.02
N SER F 314 -3.15 1.35 41.90
CA SER F 314 -3.80 1.52 40.61
C SER F 314 -2.94 0.86 39.54
N LEU F 315 -3.58 0.16 38.63
CA LEU F 315 -2.85 -0.53 37.58
C LEU F 315 -2.11 0.48 36.71
N MET F 316 -0.93 0.11 36.23
CA MET F 316 -0.18 0.98 35.35
C MET F 316 -0.64 0.65 33.93
N ASN F 317 -1.51 1.49 33.40
CA ASN F 317 -2.14 1.25 32.12
C ASN F 317 -2.33 2.58 31.40
N PRO F 318 -1.96 2.65 30.11
CA PRO F 318 -1.11 1.70 29.38
C PRO F 318 0.34 1.80 29.84
N GLY F 319 0.66 2.91 30.52
CA GLY F 319 1.99 3.12 31.04
C GLY F 319 2.85 3.91 30.09
N PRO F 320 4.15 4.02 30.39
CA PRO F 320 5.06 4.68 29.45
C PRO F 320 5.05 4.00 28.09
N ALA F 321 5.44 4.75 27.08
CA ALA F 321 5.44 4.24 25.72
C ALA F 321 6.67 3.38 25.49
N MET F 322 6.45 2.10 25.19
CA MET F 322 7.53 1.14 24.99
C MET F 322 7.10 0.13 23.95
N ALA F 323 8.07 -0.43 23.23
CA ALA F 323 7.79 -1.46 22.25
C ALA F 323 7.09 -2.62 22.91
N SER F 324 6.08 -3.17 22.23
CA SER F 324 5.26 -4.21 22.84
C SER F 324 6.05 -5.52 22.99
N HIS F 325 6.97 -5.78 22.08
CA HIS F 325 7.68 -7.05 22.09
C HIS F 325 8.98 -6.91 21.31
N LYS F 326 9.89 -7.83 21.57
CA LYS F 326 11.12 -7.93 20.79
C LYS F 326 10.78 -8.37 19.38
N GLU F 327 11.70 -8.11 18.46
CA GLU F 327 11.50 -8.49 17.08
C GLU F 327 11.37 -10.00 16.97
N GLY F 328 10.55 -10.45 16.02
CA GLY F 328 10.34 -11.86 15.79
C GLY F 328 9.37 -12.52 16.74
N GLU F 329 8.98 -11.86 17.83
CA GLU F 329 8.00 -12.43 18.73
C GLU F 329 6.71 -11.63 18.65
N ASP F 330 5.70 -12.15 17.96
CA ASP F 330 4.45 -11.42 17.85
C ASP F 330 3.41 -11.93 18.84
N ARG F 331 3.73 -13.01 19.54
CA ARG F 331 2.70 -13.67 20.35
C ARG F 331 2.68 -13.12 21.76
N PHE F 332 3.67 -12.30 22.10
CA PHE F 332 3.76 -11.73 23.43
C PHE F 332 3.31 -10.28 23.46
N PHE F 333 2.62 -9.89 24.52
CA PHE F 333 2.18 -8.52 24.68
C PHE F 333 2.32 -8.14 26.15
N PRO F 334 2.52 -6.85 26.45
CA PRO F 334 2.66 -6.41 27.83
C PRO F 334 1.33 -6.59 28.57
N LEU F 335 1.37 -6.84 29.88
CA LEU F 335 0.13 -7.11 30.59
C LEU F 335 -0.87 -5.97 30.51
N SER F 336 -0.42 -4.74 30.71
CA SER F 336 -1.31 -3.59 30.58
C SER F 336 -0.63 -2.51 29.75
N GLY F 337 0.39 -2.91 29.00
CA GLY F 337 1.16 -1.99 28.18
C GLY F 337 0.54 -1.37 26.94
N SER F 338 -0.38 -2.08 26.31
CA SER F 338 -0.99 -1.55 25.09
C SER F 338 -2.49 -1.37 25.19
N LEU F 339 -3.03 -0.48 24.37
CA LEU F 339 -4.47 -0.26 24.33
C LEU F 339 -5.10 -1.47 23.68
N ILE F 340 -6.29 -1.83 24.15
CA ILE F 340 -7.05 -2.98 23.67
C ILE F 340 -8.47 -2.52 23.39
N PHE F 341 -8.87 -2.53 22.12
CA PHE F 341 -10.22 -2.14 21.77
C PHE F 341 -11.09 -3.38 21.64
N GLY F 342 -12.39 -3.16 21.51
CA GLY F 342 -13.33 -4.23 21.26
C GLY F 342 -13.69 -4.32 19.79
N LYS F 343 -14.03 -5.52 19.35
CA LYS F 343 -14.69 -5.71 18.08
C LYS F 343 -16.17 -5.37 18.20
N GLN F 344 -16.80 -5.15 17.06
CA GLN F 344 -18.22 -4.83 17.06
C GLN F 344 -19.03 -5.91 17.76
N GLY F 345 -19.83 -5.49 18.75
CA GLY F 345 -20.70 -6.39 19.46
C GLY F 345 -20.05 -7.21 20.56
N THR F 346 -18.90 -6.78 21.08
CA THR F 346 -18.22 -7.55 22.11
C THR F 346 -18.86 -7.31 23.47
N GLY F 347 -19.01 -8.37 24.25
CA GLY F 347 -19.62 -8.25 25.56
C GLY F 347 -18.75 -7.49 26.54
N ARG F 348 -19.34 -7.18 27.70
CA ARG F 348 -18.67 -6.32 28.66
C ARG F 348 -17.67 -7.08 29.53
N ASP F 349 -18.03 -8.29 29.98
CA ASP F 349 -17.23 -9.02 30.95
C ASP F 349 -16.70 -10.32 30.36
N ASN F 350 -15.44 -10.63 30.73
CA ASN F 350 -14.82 -11.93 30.50
C ASN F 350 -15.00 -12.42 29.06
N VAL F 351 -14.68 -11.55 28.10
CA VAL F 351 -14.65 -11.96 26.71
C VAL F 351 -13.34 -12.67 26.40
N ASP F 352 -13.38 -13.53 25.38
CA ASP F 352 -12.19 -14.21 24.89
C ASP F 352 -11.29 -13.25 24.12
N ALA F 353 -10.04 -13.65 23.95
CA ALA F 353 -9.05 -12.76 23.32
C ALA F 353 -9.36 -12.54 21.85
N ASP F 354 -10.14 -13.43 21.24
CA ASP F 354 -10.48 -13.22 19.82
C ASP F 354 -11.57 -12.17 19.68
N LYS F 355 -12.19 -11.78 20.80
CA LYS F 355 -13.16 -10.69 20.77
C LYS F 355 -12.47 -9.33 20.81
N VAL F 356 -11.42 -9.20 21.60
CA VAL F 356 -10.69 -7.96 21.74
C VAL F 356 -9.67 -7.79 20.62
N MET F 357 -9.28 -6.53 20.37
CA MET F 357 -8.23 -6.19 19.42
C MET F 357 -7.10 -5.50 20.17
N ILE F 358 -5.95 -6.17 20.25
CA ILE F 358 -4.80 -5.65 20.99
C ILE F 358 -3.86 -4.98 20.00
N THR F 359 -3.37 -3.80 20.35
CA THR F 359 -2.51 -3.04 19.46
C THR F 359 -1.04 -3.28 19.76
N ASN F 360 -0.26 -3.55 18.73
CA ASN F 360 1.19 -3.66 18.86
C ASN F 360 1.84 -2.33 18.51
N GLU F 361 2.70 -1.88 19.41
CA GLU F 361 3.33 -0.57 19.35
C GLU F 361 4.71 -0.67 18.70
N GLU F 362 4.99 -1.81 18.06
CA GLU F 362 6.35 -2.20 17.71
C GLU F 362 7.06 -1.20 16.80
N GLU F 363 6.36 -0.21 16.25
CA GLU F 363 7.05 0.75 15.39
C GLU F 363 8.04 1.60 16.17
N ILE F 364 7.87 1.72 17.49
CA ILE F 364 8.81 2.47 18.32
C ILE F 364 9.95 1.60 18.82
N LYS F 365 10.03 0.37 18.34
CA LYS F 365 11.10 -0.56 18.68
C LYS F 365 12.48 0.02 18.44
N THR F 366 12.57 1.01 17.56
CA THR F 366 13.87 1.57 17.21
C THR F 366 14.45 2.43 18.31
N THR F 367 13.70 3.39 18.83
CA THR F 367 14.18 4.21 19.94
C THR F 367 13.67 3.81 21.31
N ASN F 368 12.79 2.82 21.43
CA ASN F 368 12.29 2.66 22.79
C ASN F 368 12.55 1.25 23.29
N PRO F 369 12.76 1.08 24.60
CA PRO F 369 12.98 -0.26 25.13
C PRO F 369 11.73 -1.12 25.05
N VAL F 370 11.95 -2.43 25.05
CA VAL F 370 10.83 -3.36 25.02
C VAL F 370 10.16 -3.37 26.39
N ALA F 371 8.83 -3.25 26.40
CA ALA F 371 8.09 -3.08 27.65
C ALA F 371 8.30 -4.23 28.61
N THR F 372 8.52 -5.44 28.09
CA THR F 372 8.59 -6.65 28.90
C THR F 372 10.01 -7.07 29.24
N GLU F 373 11.00 -6.26 28.89
CA GLU F 373 12.40 -6.57 29.12
C GLU F 373 12.98 -5.57 30.12
N SER F 374 14.08 -5.96 30.76
CA SER F 374 14.83 -5.02 31.57
C SER F 374 15.46 -3.97 30.67
N TYR F 375 15.61 -2.76 31.22
CA TYR F 375 16.25 -1.69 30.44
C TYR F 375 17.71 -2.02 30.17
N GLY F 376 18.39 -2.62 31.13
CA GLY F 376 19.80 -2.90 31.00
C GLY F 376 20.35 -3.48 32.29
N GLN F 377 21.66 -3.35 32.45
CA GLN F 377 22.33 -3.82 33.66
C GLN F 377 23.18 -2.71 34.25
N VAL F 378 23.37 -2.78 35.57
CA VAL F 378 24.28 -1.91 36.30
C VAL F 378 25.14 -2.77 37.21
N ALA F 379 26.35 -2.31 37.46
CA ALA F 379 27.24 -2.98 38.40
C ALA F 379 26.73 -2.79 39.81
N THR F 380 26.68 -3.87 40.58
CA THR F 380 26.17 -3.81 41.94
C THR F 380 27.24 -3.76 43.03
N ASN F 381 28.53 -3.87 42.68
CA ASN F 381 29.53 -3.95 43.73
C ASN F 381 30.85 -3.34 43.24
N HIS F 382 31.86 -3.41 44.11
CA HIS F 382 33.24 -3.10 43.76
C HIS F 382 34.01 -4.40 43.63
N GLN F 383 34.46 -4.71 42.42
CA GLN F 383 35.29 -5.88 42.22
C GLN F 383 36.65 -5.71 42.89
N SER F 384 37.30 -6.83 43.15
CA SER F 384 38.61 -6.87 43.79
C SER F 384 39.17 -8.27 43.59
N ALA F 385 40.32 -8.54 44.23
CA ALA F 385 40.91 -9.85 44.14
C ALA F 385 39.95 -10.93 44.62
N GLN F 386 39.28 -10.70 45.76
CA GLN F 386 38.28 -11.63 46.27
C GLN F 386 36.92 -11.50 45.58
N ALA F 387 36.43 -10.28 45.40
CA ALA F 387 35.07 -10.05 44.91
C ALA F 387 35.06 -10.06 43.39
N GLN F 388 34.11 -10.81 42.83
CA GLN F 388 33.86 -10.77 41.40
C GLN F 388 33.02 -9.55 41.04
N ALA F 389 33.11 -9.13 39.78
CA ALA F 389 32.22 -8.11 39.28
C ALA F 389 30.79 -8.63 39.25
N GLN F 390 29.87 -7.87 39.84
CA GLN F 390 28.50 -8.30 40.04
C GLN F 390 27.55 -7.27 39.47
N THR F 391 26.57 -7.72 38.70
CA THR F 391 25.64 -6.84 38.00
C THR F 391 24.21 -7.22 38.34
N GLY F 392 23.36 -6.21 38.46
CA GLY F 392 21.94 -6.40 38.66
C GLY F 392 21.14 -6.02 37.43
N TRP F 393 19.83 -6.23 37.48
CA TRP F 393 18.97 -5.84 36.38
C TRP F 393 18.24 -4.55 36.70
N VAL F 394 18.02 -3.73 35.68
CA VAL F 394 17.31 -2.48 35.82
C VAL F 394 15.89 -2.71 35.34
N GLN F 395 14.95 -2.79 36.28
CA GLN F 395 13.58 -3.09 35.90
C GLN F 395 12.85 -1.84 35.44
N ASN F 396 13.06 -0.73 36.14
CA ASN F 396 12.50 0.56 35.76
C ASN F 396 13.61 1.58 35.69
N GLN F 397 13.52 2.48 34.71
CA GLN F 397 14.52 3.52 34.52
C GLN F 397 13.81 4.82 34.18
N GLY F 398 14.17 5.88 34.89
CA GLY F 398 13.64 7.18 34.58
C GLY F 398 14.47 7.92 33.55
N ILE F 399 14.12 9.18 33.35
CA ILE F 399 14.81 10.00 32.36
C ILE F 399 16.26 10.19 32.74
N LEU F 400 17.14 10.02 31.75
CA LEU F 400 18.56 10.32 31.77
C LEU F 400 18.88 11.31 30.67
N PRO F 401 19.81 12.23 30.88
CA PRO F 401 20.24 13.11 29.78
C PRO F 401 20.82 12.29 28.64
N GLY F 402 20.36 12.57 27.44
CA GLY F 402 20.73 11.79 26.29
C GLY F 402 19.75 10.70 25.90
N MET F 403 18.53 10.74 26.42
CA MET F 403 17.49 9.83 25.97
C MET F 403 16.65 10.47 24.87
N VAL F 404 16.32 9.66 23.87
CA VAL F 404 15.38 10.04 22.83
C VAL F 404 14.36 8.92 22.69
N TRP F 405 13.09 9.28 22.66
CA TRP F 405 12.02 8.29 22.66
C TRP F 405 10.91 8.76 21.73
N GLN F 406 10.03 7.83 21.39
CA GLN F 406 8.83 8.10 20.61
C GLN F 406 7.61 8.03 21.52
N ASP F 407 6.62 8.87 21.26
CA ASP F 407 5.34 8.79 21.94
C ASP F 407 4.52 7.62 21.41
N ARG F 408 3.51 7.24 22.20
CA ARG F 408 2.58 6.21 21.76
C ARG F 408 1.79 6.68 20.54
N ASP F 409 1.49 5.72 19.66
CA ASP F 409 0.82 6.03 18.41
C ASP F 409 -0.65 6.34 18.65
N VAL F 410 -1.25 7.06 17.70
CA VAL F 410 -2.68 7.35 17.74
C VAL F 410 -3.37 6.46 16.72
N TYR F 411 -4.62 6.12 17.00
CA TYR F 411 -5.35 5.18 16.17
C TYR F 411 -6.64 5.82 15.68
N LEU F 412 -7.24 5.19 14.66
CA LEU F 412 -8.53 5.66 14.17
C LEU F 412 -9.59 5.55 15.25
N GLN F 413 -9.45 4.59 16.17
CA GLN F 413 -10.40 4.43 17.25
C GLN F 413 -9.96 5.21 18.49
N GLY F 414 -8.73 5.71 18.51
CA GLY F 414 -8.15 6.23 19.71
C GLY F 414 -8.57 7.65 20.03
N PRO F 415 -8.15 8.14 21.21
CA PRO F 415 -8.46 9.52 21.59
C PRO F 415 -7.66 10.51 20.77
N ILE F 416 -8.15 11.75 20.71
CA ILE F 416 -7.42 12.80 20.01
C ILE F 416 -6.60 13.63 20.98
N TRP F 417 -7.26 14.29 21.93
CA TRP F 417 -6.57 15.17 22.87
C TRP F 417 -6.87 14.74 24.29
N ALA F 418 -6.07 15.26 25.21
CA ALA F 418 -6.33 15.14 26.64
C ALA F 418 -6.02 16.48 27.28
N LYS F 419 -6.49 16.65 28.51
CA LYS F 419 -6.24 17.87 29.27
C LYS F 419 -5.05 17.65 30.19
N ILE F 420 -4.10 18.58 30.15
CA ILE F 420 -2.98 18.52 31.09
C ILE F 420 -3.47 18.94 32.47
N PRO F 421 -3.36 18.09 33.49
CA PRO F 421 -3.81 18.50 34.84
C PRO F 421 -3.06 19.74 35.28
N HIS F 422 -3.78 20.62 35.98
CA HIS F 422 -3.18 21.88 36.39
C HIS F 422 -2.30 21.62 37.61
N THR F 423 -0.99 21.80 37.45
CA THR F 423 -0.01 21.36 38.42
C THR F 423 1.24 22.22 38.30
N ASP F 424 2.08 22.15 39.34
CA ASP F 424 3.29 22.95 39.37
C ASP F 424 4.30 22.47 38.33
N GLY F 425 4.31 21.17 38.07
CA GLY F 425 5.26 20.64 37.10
C GLY F 425 4.76 19.36 36.45
N ASN F 426 5.31 19.11 35.27
CA ASN F 426 5.05 17.90 34.52
C ASN F 426 6.22 17.67 33.58
N PHE F 427 6.32 16.46 33.05
CA PHE F 427 7.34 16.16 32.06
C PHE F 427 6.70 15.50 30.85
N HIS F 428 6.96 16.06 29.67
CA HIS F 428 6.48 15.59 28.39
C HIS F 428 4.98 15.37 28.48
N PRO F 429 4.21 16.45 28.51
CA PRO F 429 2.78 16.36 28.85
C PRO F 429 1.94 15.48 27.95
N SER F 430 2.50 15.01 26.84
CA SER F 430 1.74 14.16 25.91
C SER F 430 1.06 13.02 26.67
N PRO F 431 -0.24 12.82 26.48
CA PRO F 431 -0.97 11.86 27.30
C PRO F 431 -0.60 10.43 26.96
N LEU F 432 -0.54 9.60 28.00
CA LEU F 432 0.02 8.26 27.85
C LEU F 432 -0.87 7.32 27.04
N MET F 433 -2.15 7.63 26.90
CA MET F 433 -2.98 6.84 26.01
C MET F 433 -2.89 7.31 24.56
N GLY F 434 -2.09 8.32 24.29
CA GLY F 434 -1.90 8.85 22.95
C GLY F 434 -2.66 10.14 22.75
N GLY F 435 -2.22 10.90 21.76
CA GLY F 435 -2.89 12.12 21.38
C GLY F 435 -2.17 13.38 21.83
N PHE F 436 -2.90 14.48 21.74
CA PHE F 436 -2.35 15.82 21.93
C PHE F 436 -2.73 16.34 23.30
N GLY F 437 -1.75 16.47 24.20
CA GLY F 437 -1.99 17.04 25.51
C GLY F 437 -2.13 18.55 25.44
N MET F 438 -3.09 19.09 26.18
CA MET F 438 -3.40 20.50 26.11
C MET F 438 -3.76 21.04 27.48
N LYS F 439 -3.15 22.18 27.83
CA LYS F 439 -3.56 22.90 29.03
C LYS F 439 -4.98 23.42 28.93
N HIS F 440 -5.41 23.81 27.73
CA HIS F 440 -6.77 24.26 27.49
C HIS F 440 -7.30 23.54 26.26
N PRO F 441 -7.84 22.34 26.44
CA PRO F 441 -8.29 21.55 25.30
C PRO F 441 -9.63 22.05 24.79
N PRO F 442 -10.24 21.40 23.80
CA PRO F 442 -11.62 21.71 23.46
C PRO F 442 -12.52 21.61 24.67
N PRO F 443 -13.33 22.64 24.93
CA PRO F 443 -14.09 22.69 26.19
C PRO F 443 -15.23 21.69 26.18
N GLN F 444 -15.74 21.42 27.38
CA GLN F 444 -16.89 20.56 27.52
C GLN F 444 -18.16 21.28 27.08
N ILE F 445 -19.14 20.51 26.62
CA ILE F 445 -20.40 21.05 26.14
C ILE F 445 -21.50 20.32 26.89
N LEU F 446 -22.22 21.03 27.76
CA LEU F 446 -23.21 20.43 28.63
C LEU F 446 -24.61 20.72 28.10
N ILE F 447 -25.47 19.70 28.15
CA ILE F 447 -26.82 19.82 27.59
C ILE F 447 -27.79 19.01 28.44
N LYS F 448 -28.94 19.60 28.72
CA LYS F 448 -30.05 18.87 29.32
C LYS F 448 -31.36 19.52 28.92
N ASN F 449 -32.44 18.77 29.06
CA ASN F 449 -33.78 19.26 28.77
C ASN F 449 -34.32 20.02 29.97
N THR F 450 -34.87 21.20 29.71
CA THR F 450 -35.42 22.03 30.78
C THR F 450 -36.56 21.29 31.46
N PRO F 451 -36.61 21.25 32.81
CA PRO F 451 -37.69 20.55 33.51
C PRO F 451 -39.03 21.28 33.41
N SER F 467 -43.21 16.40 40.06
CA SER F 467 -43.87 15.75 38.95
C SER F 467 -43.71 16.55 37.66
N PHE F 468 -43.28 15.88 36.59
CA PHE F 468 -42.96 16.53 35.33
C PHE F 468 -43.57 15.75 34.18
N ILE F 469 -43.62 16.39 33.03
CA ILE F 469 -43.93 15.71 31.78
C ILE F 469 -42.72 14.87 31.39
N THR F 470 -42.96 13.60 31.09
CA THR F 470 -41.86 12.76 30.64
C THR F 470 -41.43 13.22 29.26
N GLN F 471 -40.17 13.63 29.15
CA GLN F 471 -39.78 14.50 28.06
C GLN F 471 -38.37 14.16 27.61
N TYR F 472 -38.18 14.08 26.30
CA TYR F 472 -36.84 13.90 25.75
C TYR F 472 -36.68 14.86 24.58
N SER F 473 -35.54 14.75 23.89
CA SER F 473 -35.23 15.65 22.80
C SER F 473 -34.27 14.99 21.82
N THR F 474 -34.18 15.58 20.63
CA THR F 474 -33.28 15.13 19.59
C THR F 474 -32.89 16.33 18.74
N GLY F 475 -31.85 16.15 17.94
CA GLY F 475 -31.37 17.26 17.14
C GLY F 475 -30.24 16.84 16.23
N GLN F 476 -29.45 17.83 15.80
CA GLN F 476 -28.30 17.61 14.94
C GLN F 476 -27.10 18.34 15.54
N VAL F 477 -25.91 17.83 15.25
CA VAL F 477 -24.66 18.40 15.71
C VAL F 477 -23.65 18.33 14.57
N SER F 478 -22.91 19.42 14.37
CA SER F 478 -21.83 19.43 13.39
C SER F 478 -20.55 19.93 14.04
N VAL F 479 -19.50 19.12 13.96
CA VAL F 479 -18.18 19.51 14.43
C VAL F 479 -17.26 19.62 13.22
N GLU F 480 -16.43 20.67 13.23
CA GLU F 480 -15.54 20.96 12.12
C GLU F 480 -14.16 21.27 12.67
N ILE F 481 -13.18 20.44 12.34
CA ILE F 481 -11.81 20.62 12.80
C ILE F 481 -10.92 20.86 11.60
N GLU F 482 -10.00 21.82 11.71
CA GLU F 482 -8.96 22.03 10.73
C GLU F 482 -7.69 21.32 11.19
N TRP F 483 -7.00 20.70 10.25
CA TRP F 483 -5.82 19.91 10.55
C TRP F 483 -4.66 20.38 9.68
N GLU F 484 -3.54 20.71 10.32
CA GLU F 484 -2.32 21.08 9.62
C GLU F 484 -1.52 19.83 9.34
N LEU F 485 -0.97 19.73 8.14
CA LEU F 485 -0.22 18.56 7.73
C LEU F 485 1.25 18.88 7.53
N GLN F 486 2.06 17.86 7.73
CA GLN F 486 3.49 17.98 7.53
C GLN F 486 3.79 17.06 6.38
N LYS F 487 4.31 17.62 5.30
CA LYS F 487 4.63 16.81 4.13
C LYS F 487 5.92 16.01 4.23
N GLU F 488 5.99 14.94 3.46
CA GLU F 488 7.14 14.06 3.46
C GLU F 488 8.02 14.29 2.23
N ASN F 489 9.29 14.59 2.45
CA ASN F 489 10.24 14.82 1.35
C ASN F 489 11.37 13.81 1.27
N SER F 490 11.13 12.61 1.77
CA SER F 490 12.16 11.58 1.84
C SER F 490 12.77 11.21 0.49
N LYS F 491 14.09 11.01 0.50
CA LYS F 491 14.85 10.66 -0.69
C LYS F 491 15.00 9.16 -0.86
N ARG F 492 14.24 8.40 -0.08
CA ARG F 492 14.25 6.95 -0.16
C ARG F 492 13.98 6.46 -1.57
N TRP F 493 14.83 5.54 -2.04
CA TRP F 493 14.73 5.05 -3.41
C TRP F 493 13.61 4.02 -3.55
N ASN F 494 13.58 3.03 -2.68
CA ASN F 494 12.62 1.95 -2.75
C ASN F 494 11.25 2.39 -2.21
N PRO F 495 10.18 1.68 -2.58
CA PRO F 495 8.85 2.08 -2.13
C PRO F 495 8.65 1.89 -0.64
N GLU F 496 7.78 2.73 -0.07
CA GLU F 496 7.41 2.69 1.34
C GLU F 496 6.46 1.53 1.62
N ILE F 497 6.14 1.38 2.89
CA ILE F 497 5.03 0.54 3.32
C ILE F 497 3.79 1.41 3.44
N GLN F 498 2.69 0.95 2.88
CA GLN F 498 1.46 1.71 2.92
C GLN F 498 0.41 0.91 3.66
N TYR F 499 -0.62 1.59 4.15
CA TYR F 499 -1.79 0.89 4.62
C TYR F 499 -2.68 0.58 3.42
N THR F 500 -3.04 -0.69 3.27
CA THR F 500 -3.87 -1.13 2.16
C THR F 500 -4.82 -2.22 2.64
N SER F 501 -5.86 -2.46 1.86
CA SER F 501 -6.82 -3.53 2.14
C SER F 501 -6.34 -4.80 1.43
N ASN F 502 -5.96 -5.80 2.22
CA ASN F 502 -5.20 -6.93 1.68
C ASN F 502 -6.09 -7.95 0.99
N TYR F 503 -7.31 -8.16 1.49
CA TYR F 503 -8.09 -9.33 1.10
C TYR F 503 -8.45 -9.29 -0.37
N TYR F 504 -8.72 -10.47 -0.92
CA TYR F 504 -9.13 -10.57 -2.31
C TYR F 504 -10.64 -10.79 -2.41
N LYS F 505 -11.12 -11.99 -2.13
CA LYS F 505 -12.57 -12.16 -2.08
C LYS F 505 -13.00 -12.45 -0.65
N SER F 506 -14.09 -11.83 -0.23
CA SER F 506 -14.52 -11.87 1.16
C SER F 506 -16.02 -11.61 1.21
N ASN F 507 -16.61 -11.98 2.34
CA ASN F 507 -18.07 -11.86 2.46
C ASN F 507 -18.48 -10.41 2.70
N ASN F 508 -17.69 -9.66 3.47
CA ASN F 508 -17.98 -8.27 3.77
C ASN F 508 -16.74 -7.44 3.47
N VAL F 509 -16.92 -6.34 2.75
CA VAL F 509 -15.86 -5.37 2.62
C VAL F 509 -15.58 -4.75 3.99
N GLU F 510 -14.30 -4.55 4.28
CA GLU F 510 -13.93 -3.97 5.56
C GLU F 510 -14.38 -2.52 5.65
N PHE F 511 -14.74 -2.10 6.86
CA PHE F 511 -15.20 -0.74 7.13
C PHE F 511 -16.47 -0.41 6.36
N ALA F 512 -17.47 -1.29 6.45
CA ALA F 512 -18.75 -1.09 5.80
C ALA F 512 -19.81 -1.92 6.51
N VAL F 513 -21.07 -1.61 6.21
CA VAL F 513 -22.20 -2.30 6.85
C VAL F 513 -22.24 -3.75 6.41
N ASN F 514 -22.82 -4.60 7.26
CA ASN F 514 -23.08 -5.98 6.95
C ASN F 514 -24.51 -6.13 6.42
N THR F 515 -25.00 -7.36 6.32
CA THR F 515 -26.36 -7.57 5.84
C THR F 515 -27.39 -7.01 6.83
N GLU F 516 -27.09 -7.09 8.13
CA GLU F 516 -28.00 -6.55 9.14
C GLU F 516 -27.96 -5.02 9.21
N GLY F 517 -27.03 -4.38 8.51
CA GLY F 517 -26.90 -2.95 8.60
C GLY F 517 -25.99 -2.46 9.70
N VAL F 518 -25.19 -3.33 10.28
CA VAL F 518 -24.31 -2.97 11.39
C VAL F 518 -22.94 -2.59 10.85
N TYR F 519 -22.51 -1.38 11.15
CA TYR F 519 -21.18 -0.89 10.81
C TYR F 519 -20.18 -1.54 11.74
N SER F 520 -18.96 -1.75 11.25
CA SER F 520 -17.90 -2.36 12.04
C SER F 520 -16.56 -1.84 11.57
N GLU F 521 -15.62 -1.80 12.51
CA GLU F 521 -14.24 -1.43 12.24
C GLU F 521 -13.51 -2.73 12.49
N PRO F 522 -13.03 -3.38 11.42
CA PRO F 522 -12.37 -4.70 11.49
C PRO F 522 -11.07 -4.78 12.28
N ARG F 523 -10.21 -3.77 12.16
CA ARG F 523 -8.93 -3.78 12.85
C ARG F 523 -8.55 -2.40 13.34
N PRO F 524 -7.64 -2.33 14.32
CA PRO F 524 -7.20 -1.01 14.78
C PRO F 524 -6.11 -0.53 13.84
N ILE F 525 -6.24 0.66 13.28
CA ILE F 525 -5.24 1.15 12.36
C ILE F 525 -4.33 2.20 12.97
N GLY F 526 -3.02 1.95 12.90
CA GLY F 526 -2.02 2.88 13.38
C GLY F 526 -1.76 4.00 12.39
N THR F 527 -0.96 4.96 12.83
CA THR F 527 -0.67 6.12 12.03
C THR F 527 0.69 6.06 11.34
N ARG F 528 1.50 5.02 11.56
CA ARG F 528 2.92 5.04 11.22
C ARG F 528 3.22 4.02 10.13
N TYR F 529 3.47 4.52 8.92
CA TYR F 529 3.79 3.73 7.74
C TYR F 529 5.02 4.28 7.03
N LEU F 530 4.98 5.56 6.65
CA LEU F 530 6.13 6.22 6.06
C LEU F 530 7.31 6.20 7.03
N THR F 531 8.50 6.37 6.50
CA THR F 531 9.71 6.23 7.29
C THR F 531 10.50 7.53 7.31
N ARG F 532 11.34 7.66 8.33
CA ARG F 532 12.32 8.73 8.41
C ARG F 532 13.65 8.16 8.88
N ASN F 533 14.71 8.91 8.62
CA ASN F 533 16.01 8.63 9.20
C ASN F 533 16.02 9.06 10.67
N LEU F 534 16.69 8.27 11.50
CA LEU F 534 16.77 8.56 12.91
C LEU F 534 17.80 9.65 13.19
N ASP G 1 0.66 -38.30 -14.94
CA ASP G 1 1.13 -37.73 -13.68
C ASP G 1 2.59 -38.08 -13.46
N ILE G 2 3.36 -37.13 -12.94
CA ILE G 2 4.80 -37.32 -12.85
C ILE G 2 5.12 -38.19 -11.64
N GLN G 3 6.02 -39.14 -11.82
CA GLN G 3 6.38 -40.09 -10.77
C GLN G 3 7.82 -39.92 -10.32
N MET G 4 8.00 -39.78 -9.02
CA MET G 4 9.31 -39.69 -8.40
C MET G 4 9.62 -41.02 -7.74
N THR G 5 10.76 -41.62 -8.10
CA THR G 5 11.17 -42.90 -7.54
C THR G 5 12.54 -42.74 -6.89
N GLN G 6 12.58 -42.96 -5.58
CA GLN G 6 13.77 -42.75 -4.76
C GLN G 6 14.46 -44.08 -4.54
N SER G 7 15.71 -44.20 -5.01
CA SER G 7 16.25 -45.54 -5.28
C SER G 7 16.49 -46.37 -4.02
N PRO G 8 17.25 -45.92 -3.00
CA PRO G 8 17.28 -46.73 -1.77
C PRO G 8 15.94 -46.61 -1.07
N SER G 9 15.31 -47.73 -0.73
CA SER G 9 14.03 -47.66 -0.04
C SER G 9 14.24 -47.45 1.45
N SER G 10 15.19 -48.18 2.03
CA SER G 10 15.65 -47.98 3.40
C SER G 10 17.16 -48.06 3.39
N LEU G 11 17.78 -47.56 4.45
CA LEU G 11 19.23 -47.54 4.54
C LEU G 11 19.65 -47.44 6.00
N SER G 12 20.88 -47.86 6.28
CA SER G 12 21.51 -47.68 7.58
C SER G 12 23.00 -47.52 7.35
N ALA G 13 23.64 -46.67 8.15
CA ALA G 13 25.03 -46.33 7.90
C ALA G 13 25.70 -45.90 9.20
N SER G 14 27.03 -45.91 9.17
CA SER G 14 27.80 -45.44 10.31
C SER G 14 27.86 -43.92 10.33
N VAL G 15 28.01 -43.35 11.53
CA VAL G 15 27.97 -41.91 11.68
C VAL G 15 29.29 -41.31 11.21
N GLY G 16 29.21 -40.09 10.67
CA GLY G 16 30.37 -39.40 10.15
C GLY G 16 30.74 -39.74 8.72
N ASP G 17 30.20 -40.82 8.17
CA ASP G 17 30.58 -41.31 6.86
C ASP G 17 29.52 -40.89 5.84
N ARG G 18 29.95 -40.60 4.62
CA ARG G 18 29.06 -39.99 3.63
C ARG G 18 27.93 -40.93 3.24
N VAL G 19 26.74 -40.35 3.07
CA VAL G 19 25.55 -41.04 2.60
C VAL G 19 24.98 -40.25 1.43
N THR G 20 24.48 -40.96 0.42
CA THR G 20 23.91 -40.33 -0.76
C THR G 20 22.63 -41.04 -1.17
N ILE G 21 21.57 -40.28 -1.39
CA ILE G 21 20.29 -40.78 -1.85
C ILE G 21 19.94 -40.05 -3.14
N THR G 22 19.38 -40.78 -4.10
CA THR G 22 18.99 -40.20 -5.37
C THR G 22 17.58 -40.65 -5.74
N CYS G 23 16.89 -39.81 -6.50
CA CYS G 23 15.61 -40.22 -7.09
C CYS G 23 15.58 -39.76 -8.54
N ARG G 24 14.90 -40.55 -9.37
CA ARG G 24 14.84 -40.31 -10.82
C ARG G 24 13.41 -39.98 -11.20
N ALA G 25 13.20 -38.82 -11.82
CA ALA G 25 11.86 -38.41 -12.24
C ALA G 25 11.44 -38.97 -13.59
N SER G 26 10.13 -39.01 -13.83
CA SER G 26 9.57 -39.56 -15.07
C SER G 26 9.76 -38.70 -16.31
N GLN G 27 10.20 -37.46 -16.13
CA GLN G 27 10.37 -36.54 -17.25
C GLN G 27 11.36 -35.44 -16.90
N THR G 28 11.74 -34.63 -17.89
CA THR G 28 12.68 -33.57 -17.63
C THR G 28 11.93 -32.47 -16.92
N ILE G 29 12.22 -32.33 -15.63
CA ILE G 29 11.60 -31.34 -14.76
C ILE G 29 12.57 -30.24 -14.39
N SER G 30 13.71 -30.21 -15.06
CA SER G 30 14.78 -29.23 -14.81
C SER G 30 15.28 -29.22 -13.36
N THR G 31 15.20 -28.07 -12.69
CA THR G 31 15.68 -27.93 -11.31
C THR G 31 14.59 -27.91 -10.24
N ASN G 32 13.40 -28.34 -10.59
CA ASN G 32 12.26 -28.29 -9.68
C ASN G 32 12.20 -29.18 -8.43
N VAL G 33 13.05 -30.19 -8.32
CA VAL G 33 13.02 -31.10 -7.17
C VAL G 33 13.35 -30.45 -5.80
N ASN G 34 12.70 -30.94 -4.75
CA ASN G 34 12.89 -30.48 -3.36
C ASN G 34 13.15 -31.64 -2.42
N TRP G 35 13.88 -31.41 -1.34
CA TRP G 35 14.18 -32.47 -0.37
C TRP G 35 13.69 -32.18 1.05
N TYR G 36 13.11 -33.18 1.70
CA TYR G 36 12.57 -33.04 3.04
C TYR G 36 13.07 -34.17 3.92
N GLN G 37 12.89 -34.03 5.24
CA GLN G 37 13.14 -35.10 6.19
C GLN G 37 12.05 -35.10 7.26
N GLN G 38 11.66 -36.28 7.72
CA GLN G 38 10.61 -36.42 8.72
C GLN G 38 11.08 -37.39 9.80
N LYS G 39 11.16 -36.91 11.04
CA LYS G 39 11.43 -37.77 12.17
C LYS G 39 10.12 -38.31 12.73
N PRO G 40 10.15 -39.43 13.45
CA PRO G 40 8.90 -40.02 13.96
C PRO G 40 8.18 -39.06 14.89
N GLY G 41 6.89 -38.88 14.64
CA GLY G 41 6.07 -38.01 15.45
C GLY G 41 6.27 -36.52 15.21
N LYS G 42 7.07 -36.14 14.23
CA LYS G 42 7.37 -34.74 13.97
C LYS G 42 7.03 -34.40 12.53
N ALA G 43 6.60 -33.16 12.31
CA ALA G 43 6.27 -32.71 10.97
C ALA G 43 7.52 -32.58 10.12
N PRO G 44 7.39 -32.72 8.80
CA PRO G 44 8.58 -32.66 7.93
C PRO G 44 9.22 -31.29 7.94
N LYS G 45 10.45 -31.23 7.47
CA LYS G 45 11.23 -30.00 7.42
C LYS G 45 11.90 -29.89 6.06
N LEU G 46 11.88 -28.69 5.49
CA LEU G 46 12.46 -28.48 4.17
C LEU G 46 13.97 -28.33 4.26
N LEU G 47 14.69 -29.10 3.45
CA LEU G 47 16.13 -29.00 3.35
C LEU G 47 16.56 -28.20 2.11
N ILE G 48 16.36 -28.83 0.97
CA ILE G 48 16.77 -28.30 -0.31
C ILE G 48 15.63 -27.94 -1.25
N TYR G 49 15.76 -26.80 -1.90
CA TYR G 49 14.77 -26.34 -2.86
C TYR G 49 15.50 -25.92 -4.12
N ALA G 50 14.81 -25.96 -5.26
CA ALA G 50 15.36 -25.61 -6.57
C ALA G 50 16.61 -26.43 -6.90
N ALA G 51 16.52 -27.74 -6.61
CA ALA G 51 17.55 -28.76 -6.82
C ALA G 51 18.76 -28.70 -5.88
N SER G 52 19.46 -27.57 -5.84
CA SER G 52 20.63 -27.45 -4.98
C SER G 52 20.58 -26.43 -3.84
N SER G 53 19.71 -25.43 -3.92
CA SER G 53 19.67 -24.42 -2.87
C SER G 53 19.26 -24.98 -1.53
N LEU G 54 19.98 -24.60 -0.48
CA LEU G 54 19.70 -25.10 0.86
C LEU G 54 18.94 -24.08 1.71
N GLN G 55 18.04 -24.57 2.57
CA GLN G 55 17.22 -23.71 3.40
C GLN G 55 18.06 -23.05 4.49
N SER G 56 17.58 -21.91 5.00
CA SER G 56 18.40 -21.06 5.87
C SER G 56 18.85 -21.78 7.13
N GLY G 57 18.06 -22.75 7.62
CA GLY G 57 18.41 -23.38 8.89
C GLY G 57 19.11 -24.72 8.72
N VAL G 58 19.25 -25.17 7.48
CA VAL G 58 19.78 -26.50 7.20
C VAL G 58 21.31 -26.45 7.29
N PRO G 59 21.96 -27.48 7.82
CA PRO G 59 23.43 -27.46 7.91
C PRO G 59 24.08 -27.56 6.55
N SER G 60 25.29 -27.01 6.47
CA SER G 60 26.03 -27.00 5.21
C SER G 60 26.47 -28.40 4.81
N ARG G 61 26.28 -29.38 5.69
CA ARG G 61 26.68 -30.75 5.35
C ARG G 61 25.69 -31.40 4.40
N PHE G 62 24.56 -30.75 4.16
CA PHE G 62 23.63 -31.21 3.14
C PHE G 62 23.90 -30.50 1.82
N SER G 63 23.72 -31.21 0.71
CA SER G 63 23.81 -30.59 -0.59
C SER G 63 23.04 -31.45 -1.60
N GLY G 64 22.73 -30.86 -2.75
CA GLY G 64 21.99 -31.57 -3.77
C GLY G 64 22.35 -31.12 -5.16
N SER G 65 22.09 -31.97 -6.15
CA SER G 65 22.61 -31.76 -7.50
C SER G 65 21.71 -32.46 -8.51
N GLY G 66 21.91 -32.11 -9.77
CA GLY G 66 21.25 -32.73 -10.88
C GLY G 66 20.24 -31.81 -11.55
N SER G 67 19.81 -32.25 -12.73
CA SER G 67 18.83 -31.54 -13.54
C SER G 67 18.15 -32.54 -14.45
N GLY G 68 17.01 -32.14 -14.99
CA GLY G 68 16.27 -33.08 -15.84
C GLY G 68 15.71 -34.23 -15.04
N THR G 69 16.12 -35.45 -15.40
CA THR G 69 15.53 -36.64 -14.80
C THR G 69 16.12 -36.96 -13.43
N ASP G 70 17.43 -36.77 -13.26
CA ASP G 70 18.18 -37.37 -12.16
C ASP G 70 18.55 -36.32 -11.12
N PHE G 71 18.38 -36.69 -9.85
CA PHE G 71 18.71 -35.81 -8.73
C PHE G 71 19.25 -36.63 -7.57
N THR G 72 20.26 -36.09 -6.90
CA THR G 72 20.92 -36.78 -5.81
C THR G 72 20.93 -35.89 -4.57
N LEU G 73 20.73 -36.51 -3.41
CA LEU G 73 20.85 -35.85 -2.12
C LEU G 73 22.04 -36.45 -1.38
N THR G 74 23.11 -35.67 -1.25
CA THR G 74 24.36 -36.14 -0.67
C THR G 74 24.50 -35.59 0.74
N ILE G 75 24.86 -36.47 1.67
CA ILE G 75 25.08 -36.08 3.06
C ILE G 75 26.52 -36.44 3.41
N SER G 76 27.34 -35.42 3.63
CA SER G 76 28.65 -35.58 4.23
C SER G 76 28.54 -35.32 5.73
N SER G 77 29.36 -36.04 6.50
CA SER G 77 29.37 -35.91 7.97
C SER G 77 28.02 -36.25 8.58
N LEU G 78 27.55 -37.46 8.31
CA LEU G 78 26.33 -37.95 8.93
C LEU G 78 26.43 -37.89 10.45
N GLN G 79 25.32 -37.62 11.10
CA GLN G 79 25.25 -37.40 12.54
C GLN G 79 24.02 -38.06 13.13
N PRO G 80 23.99 -38.26 14.46
CA PRO G 80 22.80 -38.90 15.07
C PRO G 80 21.52 -38.11 14.89
N GLU G 81 21.60 -36.79 14.70
CA GLU G 81 20.39 -36.01 14.45
C GLU G 81 19.81 -36.32 13.07
N ASP G 82 20.61 -36.95 12.21
CA ASP G 82 20.27 -37.01 10.79
C ASP G 82 19.52 -38.27 10.43
N PHE G 83 19.15 -39.09 11.41
CA PHE G 83 18.51 -40.35 11.04
C PHE G 83 16.99 -40.17 10.99
N ALA G 84 16.45 -40.14 9.77
CA ALA G 84 15.02 -39.94 9.56
C ALA G 84 14.68 -40.38 8.14
N THR G 85 13.39 -40.59 7.90
CA THR G 85 12.93 -40.82 6.54
C THR G 85 13.10 -39.57 5.71
N PHE G 86 13.67 -39.72 4.51
CA PHE G 86 13.92 -38.60 3.60
C PHE G 86 13.06 -38.73 2.36
N TYR G 87 12.62 -37.59 1.84
CA TYR G 87 11.74 -37.53 0.69
C TYR G 87 12.29 -36.57 -0.35
N CYS G 88 11.99 -36.83 -1.62
CA CYS G 88 12.22 -35.85 -2.66
C CYS G 88 10.87 -35.48 -3.26
N GLN G 89 10.73 -34.22 -3.65
CA GLN G 89 9.50 -33.70 -4.20
C GLN G 89 9.78 -32.98 -5.50
N GLN G 90 8.87 -33.11 -6.46
CA GLN G 90 8.86 -32.24 -7.63
C GLN G 90 8.10 -30.97 -7.30
N SER G 91 8.66 -29.83 -7.66
CA SER G 91 7.91 -28.59 -7.75
C SER G 91 7.52 -28.25 -9.17
N TYR G 92 7.83 -29.12 -10.13
CA TYR G 92 7.79 -28.74 -11.54
C TYR G 92 6.37 -28.46 -12.02
N SER G 93 5.46 -29.40 -11.78
CA SER G 93 4.09 -29.23 -12.26
C SER G 93 3.13 -29.97 -11.35
N ALA G 94 1.92 -29.44 -11.25
CA ALA G 94 0.87 -30.05 -10.45
C ALA G 94 0.14 -31.13 -11.26
N PRO G 95 -0.34 -32.18 -10.58
CA PRO G 95 -0.27 -32.44 -9.14
C PRO G 95 1.13 -32.76 -8.64
N LEU G 96 1.47 -32.23 -7.46
CA LEU G 96 2.80 -32.39 -6.91
C LEU G 96 2.99 -33.81 -6.40
N THR G 97 4.23 -34.27 -6.43
CA THR G 97 4.56 -35.67 -6.17
C THR G 97 5.74 -35.77 -5.22
N PHE G 98 5.59 -36.59 -4.18
CA PHE G 98 6.68 -36.94 -3.28
C PHE G 98 7.23 -38.30 -3.65
N GLY G 99 8.53 -38.48 -3.45
CA GLY G 99 9.12 -39.78 -3.64
C GLY G 99 8.61 -40.79 -2.63
N GLU G 100 9.08 -42.03 -2.79
CA GLU G 100 8.66 -43.09 -1.87
C GLU G 100 9.23 -42.88 -0.48
N GLY G 101 10.42 -42.30 -0.39
CA GLY G 101 11.04 -42.07 0.89
C GLY G 101 12.14 -43.07 1.19
N THR G 102 13.11 -42.62 1.97
CA THR G 102 14.24 -43.45 2.36
C THR G 102 14.45 -43.33 3.86
N LYS G 103 14.25 -44.44 4.57
CA LYS G 103 14.53 -44.45 6.01
C LYS G 103 16.01 -44.68 6.23
N VAL G 104 16.66 -43.72 6.90
CA VAL G 104 18.10 -43.82 7.14
C VAL G 104 18.37 -44.08 8.61
N GLU H 1 7.37 -14.72 14.73
CA GLU H 1 7.63 -15.95 14.01
C GLU H 1 6.60 -16.22 12.94
N VAL H 2 6.52 -17.48 12.53
CA VAL H 2 5.50 -17.97 11.61
C VAL H 2 4.86 -19.19 12.24
N GLN H 3 3.54 -19.17 12.35
CA GLN H 3 2.82 -20.10 13.20
C GLN H 3 1.57 -20.60 12.50
N LEU H 4 1.42 -21.92 12.43
CA LEU H 4 0.29 -22.54 11.74
C LEU H 4 -0.41 -23.48 12.71
N LEU H 5 -1.64 -23.12 13.10
CA LEU H 5 -2.45 -23.96 13.97
C LEU H 5 -3.59 -24.53 13.16
N GLU H 6 -3.54 -25.82 12.87
CA GLU H 6 -4.63 -26.50 12.21
C GLU H 6 -5.31 -27.42 13.21
N SER H 7 -6.61 -27.25 13.38
CA SER H 7 -7.45 -28.25 14.05
C SER H 7 -8.74 -28.43 13.27
N GLY H 8 -8.88 -29.55 12.58
CA GLY H 8 -10.18 -30.06 12.21
C GLY H 8 -10.50 -31.34 12.96
N GLY H 9 -9.46 -31.98 13.50
CA GLY H 9 -9.58 -33.19 14.29
C GLY H 9 -10.47 -34.22 13.64
N GLY H 10 -11.23 -34.92 14.47
CA GLY H 10 -12.40 -35.64 14.02
C GLY H 10 -12.18 -37.13 13.83
N LEU H 11 -13.24 -37.89 14.11
CA LEU H 11 -13.40 -39.28 13.70
C LEU H 11 -14.81 -39.38 13.10
N VAL H 12 -14.88 -39.68 11.80
CA VAL H 12 -16.17 -39.61 11.11
C VAL H 12 -16.47 -40.95 10.46
N HIS H 13 -17.74 -41.16 10.11
CA HIS H 13 -18.14 -42.40 9.46
C HIS H 13 -18.07 -42.24 7.94
N PRO H 14 -17.64 -43.29 7.23
CA PRO H 14 -17.40 -43.16 5.79
C PRO H 14 -18.58 -42.58 5.05
N GLY H 15 -18.29 -41.72 4.07
CA GLY H 15 -19.29 -40.90 3.43
C GLY H 15 -19.61 -39.61 4.16
N GLY H 16 -19.08 -39.43 5.37
CA GLY H 16 -19.35 -38.25 6.17
C GLY H 16 -18.48 -37.09 5.73
N SER H 17 -18.73 -35.94 6.35
CA SER H 17 -18.01 -34.72 5.99
C SER H 17 -17.18 -34.24 7.16
N LEU H 18 -16.11 -33.52 6.85
CA LEU H 18 -15.23 -32.95 7.86
C LEU H 18 -14.62 -31.69 7.26
N ARG H 19 -14.33 -30.71 8.12
CA ARG H 19 -13.75 -29.45 7.67
C ARG H 19 -12.53 -29.14 8.51
N LEU H 20 -11.36 -29.16 7.89
CA LEU H 20 -10.11 -28.78 8.54
C LEU H 20 -9.95 -27.27 8.45
N SER H 21 -9.44 -26.68 9.52
CA SER H 21 -9.07 -25.28 9.54
C SER H 21 -7.59 -25.18 9.84
N CYS H 22 -6.94 -24.15 9.31
CA CYS H 22 -5.55 -23.85 9.62
C CYS H 22 -5.45 -22.36 9.86
N ALA H 23 -5.13 -21.96 11.09
CA ALA H 23 -5.03 -20.57 11.47
C ALA H 23 -3.59 -20.12 11.36
N ALA H 24 -3.32 -19.24 10.41
CA ALA H 24 -1.98 -18.83 10.05
C ALA H 24 -1.68 -17.47 10.65
N SER H 25 -0.45 -17.28 11.13
CA SER H 25 -0.06 -16.04 11.77
C SER H 25 1.43 -15.81 11.60
N GLY H 26 1.81 -14.53 11.52
CA GLY H 26 3.20 -14.15 11.52
C GLY H 26 3.78 -13.81 10.17
N PHE H 27 3.02 -13.97 9.09
CA PHE H 27 3.49 -13.66 7.75
C PHE H 27 2.36 -12.98 7.01
N PRO H 28 2.65 -12.40 5.84
CA PRO H 28 1.61 -11.81 5.01
C PRO H 28 0.76 -12.95 4.47
N PHE H 29 -0.48 -13.07 4.92
CA PHE H 29 -1.36 -14.16 4.52
C PHE H 29 -1.69 -14.22 3.03
N SER H 30 -1.97 -13.08 2.43
CA SER H 30 -2.32 -13.00 1.01
C SER H 30 -1.23 -13.38 0.01
N ASN H 31 0.02 -13.06 0.32
CA ASN H 31 1.13 -13.31 -0.59
C ASN H 31 1.76 -14.71 -0.65
N PHE H 32 1.27 -15.65 0.14
CA PHE H 32 1.81 -17.00 0.13
C PHE H 32 0.72 -18.00 -0.15
N ALA H 33 1.05 -19.03 -0.93
CA ALA H 33 0.12 -20.11 -1.19
C ALA H 33 0.16 -21.13 -0.07
N MET H 34 -1.01 -21.59 0.35
CA MET H 34 -1.13 -22.52 1.46
C MET H 34 -1.58 -23.87 0.92
N SER H 35 -1.00 -24.95 1.43
CA SER H 35 -1.28 -26.28 0.93
C SER H 35 -1.49 -27.25 2.08
N TRP H 36 -2.16 -28.35 1.78
CA TRP H 36 -2.39 -29.43 2.72
C TRP H 36 -1.62 -30.65 2.23
N VAL H 37 -0.78 -31.22 3.10
CA VAL H 37 -0.07 -32.46 2.82
C VAL H 37 -0.55 -33.51 3.81
N ARG H 38 -0.67 -34.74 3.34
CA ARG H 38 -1.31 -35.82 4.09
C ARG H 38 -0.33 -36.97 4.26
N GLN H 39 -0.32 -37.57 5.45
CA GLN H 39 0.51 -38.74 5.73
C GLN H 39 -0.32 -39.80 6.44
N ALA H 40 -0.51 -40.94 5.78
CA ALA H 40 -1.22 -42.05 6.37
C ALA H 40 -0.35 -42.74 7.41
N PRO H 41 -0.95 -43.56 8.28
CA PRO H 41 -0.14 -44.31 9.26
C PRO H 41 0.89 -45.19 8.57
N GLY H 42 2.13 -45.09 9.04
CA GLY H 42 3.22 -45.93 8.54
C GLY H 42 3.40 -45.92 7.04
N LYS H 43 3.24 -44.75 6.41
CA LYS H 43 3.36 -44.62 4.96
C LYS H 43 4.06 -43.32 4.63
N GLY H 44 4.12 -43.02 3.33
CA GLY H 44 4.71 -41.77 2.90
C GLY H 44 3.72 -40.63 2.92
N LEU H 45 4.26 -39.42 2.81
CA LEU H 45 3.41 -38.23 2.89
C LEU H 45 2.98 -37.77 1.50
N GLU H 46 1.71 -37.43 1.38
CA GLU H 46 1.02 -37.28 0.10
C GLU H 46 0.40 -35.89 0.00
N TRP H 47 0.74 -35.17 -1.05
CA TRP H 47 0.17 -33.84 -1.26
C TRP H 47 -1.31 -33.94 -1.61
N VAL H 48 -2.10 -33.00 -1.08
CA VAL H 48 -3.55 -33.03 -1.23
C VAL H 48 -4.06 -31.86 -2.06
N SER H 49 -3.86 -30.64 -1.58
CA SER H 49 -4.39 -29.47 -2.26
C SER H 49 -3.52 -28.28 -1.95
N THR H 50 -3.63 -27.25 -2.78
CA THR H 50 -2.99 -25.96 -2.54
C THR H 50 -3.87 -24.87 -3.10
N ILE H 51 -3.70 -23.67 -2.57
CA ILE H 51 -4.50 -22.52 -2.98
C ILE H 51 -3.59 -21.31 -3.14
N SER H 52 -3.85 -20.53 -4.17
CA SER H 52 -3.08 -19.32 -4.43
C SER H 52 -3.27 -18.31 -3.31
N GLY H 53 -2.30 -17.42 -3.18
CA GLY H 53 -2.44 -16.35 -2.20
C GLY H 53 -3.68 -15.52 -2.39
N SER H 54 -4.03 -15.24 -3.65
CA SER H 54 -5.25 -14.52 -3.97
C SER H 54 -6.47 -15.41 -4.05
N SER H 55 -6.30 -16.71 -3.84
CA SER H 55 -7.33 -17.74 -3.96
C SER H 55 -7.91 -17.83 -5.35
N GLY H 56 -7.18 -17.37 -6.37
CA GLY H 56 -7.67 -17.50 -7.72
C GLY H 56 -7.32 -18.84 -8.34
N SER H 57 -6.36 -19.54 -7.76
CA SER H 57 -5.95 -20.83 -8.27
C SER H 57 -5.91 -21.87 -7.17
N THR H 58 -6.75 -22.90 -7.28
CA THR H 58 -6.76 -23.96 -6.31
C THR H 58 -6.35 -25.23 -7.03
N TYR H 59 -5.35 -25.93 -6.52
CA TYR H 59 -4.85 -27.14 -7.14
C TYR H 59 -5.14 -28.36 -6.28
N TYR H 60 -5.78 -29.36 -6.86
CA TYR H 60 -6.12 -30.56 -6.11
C TYR H 60 -5.35 -31.76 -6.66
N ALA H 61 -5.07 -32.71 -5.78
CA ALA H 61 -4.48 -33.97 -6.19
C ALA H 61 -5.52 -34.84 -6.87
N ASP H 62 -5.04 -35.80 -7.67
CA ASP H 62 -5.93 -36.55 -8.54
C ASP H 62 -6.93 -37.39 -7.75
N SER H 63 -6.47 -38.05 -6.69
CA SER H 63 -7.39 -38.84 -5.86
C SER H 63 -8.40 -37.94 -5.15
N VAL H 64 -7.96 -36.74 -4.77
CA VAL H 64 -8.76 -35.84 -3.95
C VAL H 64 -9.80 -35.09 -4.77
N ARG H 65 -9.51 -34.81 -6.04
CA ARG H 65 -10.26 -33.82 -6.80
C ARG H 65 -11.75 -34.14 -6.84
N GLY H 66 -12.58 -33.11 -6.68
CA GLY H 66 -14.01 -33.25 -6.70
C GLY H 66 -14.65 -33.53 -5.37
N ARG H 67 -13.89 -34.07 -4.41
CA ARG H 67 -14.39 -34.33 -3.06
C ARG H 67 -13.98 -33.21 -2.10
N PHE H 68 -12.69 -33.00 -1.91
CA PHE H 68 -12.25 -31.95 -0.99
C PHE H 68 -12.32 -30.60 -1.66
N THR H 69 -12.44 -29.55 -0.85
CA THR H 69 -12.48 -28.17 -1.33
C THR H 69 -11.63 -27.30 -0.42
N ILE H 70 -10.69 -26.58 -1.00
CA ILE H 70 -9.78 -25.70 -0.27
C ILE H 70 -10.25 -24.27 -0.44
N SER H 71 -10.16 -23.49 0.62
CA SER H 71 -10.52 -22.08 0.59
C SER H 71 -9.80 -21.39 1.73
N ARG H 72 -9.75 -20.06 1.66
CA ARG H 72 -9.12 -19.28 2.70
C ARG H 72 -10.00 -18.09 3.06
N ASP H 73 -10.03 -17.78 4.35
CA ASP H 73 -10.80 -16.66 4.88
C ASP H 73 -9.82 -15.57 5.26
N TYR H 74 -9.95 -14.40 4.63
CA TYR H 74 -8.97 -13.35 4.81
C TYR H 74 -9.19 -12.56 6.08
N SER H 75 -10.37 -12.69 6.67
CA SER H 75 -10.68 -11.96 7.89
C SER H 75 -9.98 -12.61 9.07
N LYS H 76 -10.03 -13.94 9.13
CA LYS H 76 -9.42 -14.69 10.22
C LYS H 76 -8.06 -15.31 9.90
N ASN H 77 -7.51 -15.01 8.73
CA ASN H 77 -6.23 -15.56 8.26
C ASN H 77 -6.24 -17.07 8.43
N THR H 78 -7.31 -17.70 7.95
CA THR H 78 -7.50 -19.13 8.12
C THR H 78 -7.71 -19.78 6.76
N VAL H 79 -7.07 -20.93 6.57
CA VAL H 79 -7.24 -21.74 5.36
C VAL H 79 -8.07 -22.96 5.73
N TYR H 80 -9.09 -23.24 4.93
CA TYR H 80 -10.01 -24.34 5.17
C TYR H 80 -9.80 -25.43 4.13
N LEU H 81 -10.03 -26.67 4.55
CA LEU H 81 -9.96 -27.82 3.67
C LEU H 81 -11.16 -28.70 3.94
N GLU H 82 -12.35 -28.26 3.54
CA GLU H 82 -13.53 -29.06 3.77
C GLU H 82 -13.52 -30.30 2.88
N MET H 83 -13.74 -31.45 3.48
CA MET H 83 -13.76 -32.70 2.74
C MET H 83 -15.08 -33.41 2.94
N ASN H 84 -15.71 -33.84 1.85
CA ASN H 84 -16.99 -34.54 1.96
C ASN H 84 -16.95 -35.85 1.20
N SER H 85 -17.87 -36.74 1.56
CA SER H 85 -17.97 -38.07 0.97
C SER H 85 -16.62 -38.74 1.12
N LEU H 86 -16.16 -38.78 2.37
CA LEU H 86 -14.88 -39.34 2.77
C LEU H 86 -14.88 -40.86 2.60
N ARG H 87 -13.67 -41.41 2.48
CA ARG H 87 -13.46 -42.83 2.29
C ARG H 87 -12.43 -43.33 3.28
N ALA H 88 -12.30 -44.65 3.37
CA ALA H 88 -11.44 -45.29 4.36
C ALA H 88 -9.99 -44.81 4.26
N ASP H 89 -9.47 -44.69 3.04
CA ASP H 89 -8.07 -44.33 2.87
C ASP H 89 -7.78 -42.88 3.20
N ASP H 90 -8.82 -42.07 3.46
CA ASP H 90 -8.60 -40.69 3.88
C ASP H 90 -8.07 -40.62 5.30
N THR H 91 -7.99 -41.75 6.00
CA THR H 91 -7.44 -41.77 7.34
C THR H 91 -5.95 -41.52 7.29
N ALA H 92 -5.52 -40.48 8.00
CA ALA H 92 -4.16 -39.97 7.95
C ALA H 92 -4.10 -38.76 8.85
N ILE H 93 -2.90 -38.21 9.01
CA ILE H 93 -2.75 -36.97 9.77
C ILE H 93 -2.39 -35.87 8.78
N TYR H 94 -3.24 -34.85 8.72
CA TYR H 94 -3.13 -33.81 7.71
C TYR H 94 -2.25 -32.67 8.19
N TYR H 95 -1.44 -32.15 7.29
CA TYR H 95 -0.53 -31.06 7.60
C TYR H 95 -0.95 -29.82 6.84
N CYS H 96 -0.56 -28.66 7.38
CA CYS H 96 -0.77 -27.37 6.76
C CYS H 96 0.60 -26.73 6.54
N ALA H 97 0.91 -26.40 5.30
CA ALA H 97 2.23 -25.92 4.95
C ALA H 97 2.15 -24.59 4.21
N LYS H 98 2.99 -23.66 4.61
CA LYS H 98 3.15 -22.40 3.90
C LYS H 98 4.13 -22.59 2.76
N ASP H 99 3.90 -21.90 1.66
CA ASP H 99 4.80 -22.00 0.52
C ASP H 99 6.04 -21.13 0.72
N ARG H 100 7.13 -21.53 0.08
CA ARG H 100 8.34 -20.73 0.12
C ARG H 100 8.20 -19.46 -0.71
N MET H 101 7.55 -19.56 -1.85
CA MET H 101 7.50 -18.48 -2.84
C MET H 101 6.51 -17.42 -2.42
N ILE H 102 6.98 -16.17 -2.34
CA ILE H 102 6.12 -15.01 -2.14
C ILE H 102 5.65 -14.52 -3.50
N THR H 103 4.37 -14.21 -3.61
CA THR H 103 3.78 -13.76 -4.87
C THR H 103 2.95 -12.51 -4.64
N PHE H 104 2.60 -11.87 -5.74
CA PHE H 104 1.71 -10.72 -5.75
C PHE H 104 0.76 -10.87 -6.94
N GLY H 105 -0.14 -9.91 -7.10
CA GLY H 105 -1.18 -10.08 -8.09
C GLY H 105 -0.80 -9.62 -9.48
N GLU H 106 0.36 -8.97 -9.61
CA GLU H 106 0.67 -8.27 -10.85
C GLU H 106 1.49 -9.11 -11.81
N VAL H 107 1.61 -10.40 -11.55
CA VAL H 107 2.35 -11.28 -12.44
C VAL H 107 1.69 -12.66 -12.50
N ILE H 108 1.56 -13.24 -13.69
CA ILE H 108 0.98 -14.57 -13.79
C ILE H 108 2.12 -15.55 -13.65
N VAL H 109 2.08 -16.39 -12.62
CA VAL H 109 3.15 -17.33 -12.33
C VAL H 109 2.56 -18.52 -11.57
N LYS H 110 3.22 -19.69 -11.58
CA LYS H 110 2.73 -20.82 -10.80
C LYS H 110 2.87 -20.43 -9.32
N HIS H 111 1.89 -20.78 -8.51
CA HIS H 111 1.90 -20.38 -7.10
C HIS H 111 2.55 -21.35 -6.12
N TYR H 112 3.06 -22.46 -6.62
CA TYR H 112 3.66 -23.45 -5.74
C TYR H 112 5.14 -23.66 -6.01
N ASP H 113 5.93 -23.70 -4.94
CA ASP H 113 7.36 -23.93 -5.07
C ASP H 113 7.77 -25.05 -4.11
N ALA H 114 7.93 -24.72 -2.84
CA ALA H 114 8.32 -25.69 -1.84
C ALA H 114 7.61 -25.36 -0.53
N PHE H 115 7.48 -26.35 0.35
CA PHE H 115 6.74 -26.13 1.58
C PHE H 115 7.76 -25.69 2.62
N GLU H 116 7.74 -24.40 2.95
CA GLU H 116 8.77 -23.85 3.82
C GLU H 116 8.46 -24.14 5.29
N ILE H 117 7.24 -23.84 5.72
CA ILE H 117 6.85 -23.95 7.12
C ILE H 117 5.63 -24.85 7.20
N TRP H 118 5.78 -25.97 7.89
CA TRP H 118 4.77 -26.98 8.07
C TRP H 118 3.99 -26.70 9.35
N GLY H 119 3.19 -27.68 9.77
CA GLY H 119 2.42 -27.56 10.99
C GLY H 119 2.28 -28.92 11.64
N GLN H 120 2.00 -28.90 12.93
CA GLN H 120 2.02 -30.14 13.71
C GLN H 120 1.01 -31.16 13.17
N GLY H 121 -0.15 -30.71 12.73
CA GLY H 121 -1.10 -31.58 12.07
C GLY H 121 -2.21 -32.06 12.97
N THR H 122 -3.27 -32.57 12.35
CA THR H 122 -4.41 -33.14 13.03
C THR H 122 -4.66 -34.54 12.50
N ARG H 123 -5.47 -35.31 13.21
CA ARG H 123 -5.78 -36.67 12.77
C ARG H 123 -7.22 -36.76 12.30
N VAL H 124 -7.40 -37.36 11.13
CA VAL H 124 -8.71 -37.66 10.59
C VAL H 124 -8.86 -39.17 10.52
N ALA H 125 -9.73 -39.72 11.34
CA ALA H 125 -10.01 -41.15 11.36
C ALA H 125 -11.38 -41.39 10.76
N VAL H 126 -11.51 -42.45 9.97
CA VAL H 126 -12.77 -42.74 9.32
C VAL H 126 -12.88 -44.22 8.97
#